data_3P2F
# 
_entry.id   3P2F 
# 
_audit_conform.dict_name       mmcif_pdbx.dic 
_audit_conform.dict_version    5.388 
_audit_conform.dict_location   http://mmcif.pdb.org/dictionaries/ascii/mmcif_pdbx.dic 
# 
loop_
_database_2.database_id 
_database_2.database_code 
_database_2.pdbx_database_accession 
_database_2.pdbx_DOI 
PDB   3P2F         pdb_00003p2f 10.2210/pdb3p2f/pdb 
RCSB  RCSB061871   ?            ?                   
WWPDB D_1000061871 ?            ?                   
# 
loop_
_pdbx_audit_revision_history.ordinal 
_pdbx_audit_revision_history.data_content_type 
_pdbx_audit_revision_history.major_revision 
_pdbx_audit_revision_history.minor_revision 
_pdbx_audit_revision_history.revision_date 
1 'Structure model' 1 0 2011-07-06 
2 'Structure model' 1 1 2011-07-13 
3 'Structure model' 1 2 2011-08-10 
4 'Structure model' 1 3 2017-11-08 
5 'Structure model' 1 4 2024-03-20 
# 
_pdbx_audit_revision_details.ordinal             1 
_pdbx_audit_revision_details.revision_ordinal    1 
_pdbx_audit_revision_details.data_content_type   'Structure model' 
_pdbx_audit_revision_details.provider            repository 
_pdbx_audit_revision_details.type                'Initial release' 
_pdbx_audit_revision_details.description         ? 
_pdbx_audit_revision_details.details             ? 
# 
loop_
_pdbx_audit_revision_group.ordinal 
_pdbx_audit_revision_group.revision_ordinal 
_pdbx_audit_revision_group.data_content_type 
_pdbx_audit_revision_group.group 
1 2 'Structure model' 'Version format compliance' 
2 3 'Structure model' 'Database references'       
3 4 'Structure model' 'Refinement description'    
4 5 'Structure model' 'Data collection'           
5 5 'Structure model' 'Database references'       
# 
loop_
_pdbx_audit_revision_category.ordinal 
_pdbx_audit_revision_category.revision_ordinal 
_pdbx_audit_revision_category.data_content_type 
_pdbx_audit_revision_category.category 
1 4 'Structure model' software           
2 5 'Structure model' chem_comp_atom     
3 5 'Structure model' chem_comp_bond     
4 5 'Structure model' database_2         
5 5 'Structure model' struct_ref_seq_dif 
# 
loop_
_pdbx_audit_revision_item.ordinal 
_pdbx_audit_revision_item.revision_ordinal 
_pdbx_audit_revision_item.data_content_type 
_pdbx_audit_revision_item.item 
1 5 'Structure model' '_database_2.pdbx_DOI'                
2 5 'Structure model' '_database_2.pdbx_database_accession' 
3 5 'Structure model' '_struct_ref_seq_dif.details'         
# 
_pdbx_database_status.entry_id                        3P2F 
_pdbx_database_status.deposit_site                    RCSB 
_pdbx_database_status.process_site                    PDBJ 
_pdbx_database_status.recvd_initial_deposition_date   2010-10-02 
_pdbx_database_status.status_code                     REL 
_pdbx_database_status.status_code_sf                  REL 
_pdbx_database_status.status_code_mr                  ? 
_pdbx_database_status.SG_entry                        ? 
_pdbx_database_status.status_code_cs                  ? 
_pdbx_database_status.pdb_format_compatible           Y 
_pdbx_database_status.methods_development_category    ? 
_pdbx_database_status.status_code_nmr_data            ? 
# 
_pdbx_database_related.db_name        PDB 
_pdbx_database_related.db_id          3P2H 
_pdbx_database_related.details        . 
_pdbx_database_related.content_type   unspecified 
# 
loop_
_audit_author.name 
_audit_author.pdbx_ordinal 
'Yu, S.'   1 
'Rhee, S.' 2 
# 
_citation.id                        primary 
_citation.title                     'Small-molecule inhibitor binding to an N-acyl-homoserine lactone synthase' 
_citation.journal_abbrev            Proc.Natl.Acad.Sci.USA 
_citation.journal_volume            108 
_citation.page_first                12089 
_citation.page_last                 12094 
_citation.year                      2011 
_citation.journal_id_ASTM           PNASA6 
_citation.country                   US 
_citation.journal_id_ISSN           0027-8424 
_citation.journal_id_CSD            0040 
_citation.book_publisher            ? 
_citation.pdbx_database_id_PubMed   21730159 
_citation.pdbx_database_id_DOI      10.1073/pnas.1103165108 
# 
loop_
_citation_author.citation_id 
_citation_author.name 
_citation_author.ordinal 
_citation_author.identifier_ORCID 
primary 'Chung, J.'    1  ? 
primary 'Goo, E.'      2  ? 
primary 'Yu, S.'       3  ? 
primary 'Choi, O.'     4  ? 
primary 'Lee, J.'      5  ? 
primary 'Kim, J.'      6  ? 
primary 'Kim, H.'      7  ? 
primary 'Igarashi, J.' 8  ? 
primary 'Suga, H.'     9  ? 
primary 'Moon, J.S.'   10 ? 
primary 'Hwang, I.'    11 ? 
primary 'Rhee, S.'     12 ? 
# 
loop_
_entity.id 
_entity.type 
_entity.src_method 
_entity.pdbx_description 
_entity.formula_weight 
_entity.pdbx_number_of_molecules 
_entity.pdbx_ec 
_entity.pdbx_mutation 
_entity.pdbx_fragment 
_entity.details 
1 polymer man 'AHL synthase' 22219.258 1  ? 'F42M, I149M, L152M, deletion H91, deletion P92' ? ? 
2 water   nat water          18.015    73 ? ?                                                ? ? 
# 
_entity_name_com.entity_id   1 
_entity_name_com.name        'Acyl homoserine lactone synthase' 
# 
_entity_poly.entity_id                      1 
_entity_poly.type                           'polypeptide(L)' 
_entity_poly.nstd_linkage                   no 
_entity_poly.nstd_monomer                   no 
_entity_poly.pdbx_seq_one_letter_code       
;MQTFVHEAGRLPAHIAAELGSYRYRVFVEQLGWQLPSEDEKMERDQYDRDDTVYVLGRDANGEICGCARLLPTTRPYLLQ
EVFPHLLADEAPRSAHVWELSRFAATPEEGADAGSLAWSVRPMLAAAVECAARRGARQLIGVTFCSMERMFRRIGVHAHR
AGAPVSIDGRMVVACWIDIDAQTLAALDLDPALCASQPEAA
;
_entity_poly.pdbx_seq_one_letter_code_can   
;MQTFVHEAGRLPAHIAAELGSYRYRVFVEQLGWQLPSEDEKMERDQYDRDDTVYVLGRDANGEICGCARLLPTTRPYLLQ
EVFPHLLADEAPRSAHVWELSRFAATPEEGADAGSLAWSVRPMLAAAVECAARRGARQLIGVTFCSMERMFRRIGVHAHR
AGAPVSIDGRMVVACWIDIDAQTLAALDLDPALCASQPEAA
;
_entity_poly.pdbx_strand_id                 A 
_entity_poly.pdbx_target_identifier         ? 
# 
_pdbx_entity_nonpoly.entity_id   2 
_pdbx_entity_nonpoly.name        water 
_pdbx_entity_nonpoly.comp_id     HOH 
# 
loop_
_entity_poly_seq.entity_id 
_entity_poly_seq.num 
_entity_poly_seq.mon_id 
_entity_poly_seq.hetero 
1 1   MET n 
1 2   GLN n 
1 3   THR n 
1 4   PHE n 
1 5   VAL n 
1 6   HIS n 
1 7   GLU n 
1 8   ALA n 
1 9   GLY n 
1 10  ARG n 
1 11  LEU n 
1 12  PRO n 
1 13  ALA n 
1 14  HIS n 
1 15  ILE n 
1 16  ALA n 
1 17  ALA n 
1 18  GLU n 
1 19  LEU n 
1 20  GLY n 
1 21  SER n 
1 22  TYR n 
1 23  ARG n 
1 24  TYR n 
1 25  ARG n 
1 26  VAL n 
1 27  PHE n 
1 28  VAL n 
1 29  GLU n 
1 30  GLN n 
1 31  LEU n 
1 32  GLY n 
1 33  TRP n 
1 34  GLN n 
1 35  LEU n 
1 36  PRO n 
1 37  SER n 
1 38  GLU n 
1 39  ASP n 
1 40  GLU n 
1 41  LYS n 
1 42  MET n 
1 43  GLU n 
1 44  ARG n 
1 45  ASP n 
1 46  GLN n 
1 47  TYR n 
1 48  ASP n 
1 49  ARG n 
1 50  ASP n 
1 51  ASP n 
1 52  THR n 
1 53  VAL n 
1 54  TYR n 
1 55  VAL n 
1 56  LEU n 
1 57  GLY n 
1 58  ARG n 
1 59  ASP n 
1 60  ALA n 
1 61  ASN n 
1 62  GLY n 
1 63  GLU n 
1 64  ILE n 
1 65  CYS n 
1 66  GLY n 
1 67  CYS n 
1 68  ALA n 
1 69  ARG n 
1 70  LEU n 
1 71  LEU n 
1 72  PRO n 
1 73  THR n 
1 74  THR n 
1 75  ARG n 
1 76  PRO n 
1 77  TYR n 
1 78  LEU n 
1 79  LEU n 
1 80  GLN n 
1 81  GLU n 
1 82  VAL n 
1 83  PHE n 
1 84  PRO n 
1 85  HIS n 
1 86  LEU n 
1 87  LEU n 
1 88  ALA n 
1 89  ASP n 
1 90  GLU n 
1 91  ALA n 
1 92  PRO n 
1 93  ARG n 
1 94  SER n 
1 95  ALA n 
1 96  HIS n 
1 97  VAL n 
1 98  TRP n 
1 99  GLU n 
1 100 LEU n 
1 101 SER n 
1 102 ARG n 
1 103 PHE n 
1 104 ALA n 
1 105 ALA n 
1 106 THR n 
1 107 PRO n 
1 108 GLU n 
1 109 GLU n 
1 110 GLY n 
1 111 ALA n 
1 112 ASP n 
1 113 ALA n 
1 114 GLY n 
1 115 SER n 
1 116 LEU n 
1 117 ALA n 
1 118 TRP n 
1 119 SER n 
1 120 VAL n 
1 121 ARG n 
1 122 PRO n 
1 123 MET n 
1 124 LEU n 
1 125 ALA n 
1 126 ALA n 
1 127 ALA n 
1 128 VAL n 
1 129 GLU n 
1 130 CYS n 
1 131 ALA n 
1 132 ALA n 
1 133 ARG n 
1 134 ARG n 
1 135 GLY n 
1 136 ALA n 
1 137 ARG n 
1 138 GLN n 
1 139 LEU n 
1 140 ILE n 
1 141 GLY n 
1 142 VAL n 
1 143 THR n 
1 144 PHE n 
1 145 CYS n 
1 146 SER n 
1 147 MET n 
1 148 GLU n 
1 149 ARG n 
1 150 MET n 
1 151 PHE n 
1 152 ARG n 
1 153 ARG n 
1 154 ILE n 
1 155 GLY n 
1 156 VAL n 
1 157 HIS n 
1 158 ALA n 
1 159 HIS n 
1 160 ARG n 
1 161 ALA n 
1 162 GLY n 
1 163 ALA n 
1 164 PRO n 
1 165 VAL n 
1 166 SER n 
1 167 ILE n 
1 168 ASP n 
1 169 GLY n 
1 170 ARG n 
1 171 MET n 
1 172 VAL n 
1 173 VAL n 
1 174 ALA n 
1 175 CYS n 
1 176 TRP n 
1 177 ILE n 
1 178 ASP n 
1 179 ILE n 
1 180 ASP n 
1 181 ALA n 
1 182 GLN n 
1 183 THR n 
1 184 LEU n 
1 185 ALA n 
1 186 ALA n 
1 187 LEU n 
1 188 ASP n 
1 189 LEU n 
1 190 ASP n 
1 191 PRO n 
1 192 ALA n 
1 193 LEU n 
1 194 CYS n 
1 195 ALA n 
1 196 SER n 
1 197 GLN n 
1 198 PRO n 
1 199 GLU n 
1 200 ALA n 
1 201 ALA n 
# 
_entity_src_gen.entity_id                          1 
_entity_src_gen.pdbx_src_id                        1 
_entity_src_gen.pdbx_alt_source_flag               sample 
_entity_src_gen.pdbx_seq_type                      ? 
_entity_src_gen.pdbx_beg_seq_num                   ? 
_entity_src_gen.pdbx_end_seq_num                   ? 
_entity_src_gen.gene_src_common_name               'Pseudomonas glumae' 
_entity_src_gen.gene_src_genus                     ? 
_entity_src_gen.pdbx_gene_src_gene                 tofI 
_entity_src_gen.gene_src_species                   ? 
_entity_src_gen.gene_src_strain                    ? 
_entity_src_gen.gene_src_tissue                    ? 
_entity_src_gen.gene_src_tissue_fraction           ? 
_entity_src_gen.gene_src_details                   ? 
_entity_src_gen.pdbx_gene_src_fragment             ? 
_entity_src_gen.pdbx_gene_src_scientific_name      'Burkholderia glumae' 
_entity_src_gen.pdbx_gene_src_ncbi_taxonomy_id     337 
_entity_src_gen.pdbx_gene_src_variant              ? 
_entity_src_gen.pdbx_gene_src_cell_line            ? 
_entity_src_gen.pdbx_gene_src_atcc                 ? 
_entity_src_gen.pdbx_gene_src_organ                ? 
_entity_src_gen.pdbx_gene_src_organelle            ? 
_entity_src_gen.pdbx_gene_src_cell                 ? 
_entity_src_gen.pdbx_gene_src_cellular_location    ? 
_entity_src_gen.host_org_common_name               ? 
_entity_src_gen.pdbx_host_org_scientific_name      'Escherichia coli' 
_entity_src_gen.pdbx_host_org_ncbi_taxonomy_id     562 
_entity_src_gen.host_org_genus                     ? 
_entity_src_gen.pdbx_host_org_gene                 ? 
_entity_src_gen.pdbx_host_org_organ                ? 
_entity_src_gen.host_org_species                   ? 
_entity_src_gen.pdbx_host_org_tissue               ? 
_entity_src_gen.pdbx_host_org_tissue_fraction      ? 
_entity_src_gen.pdbx_host_org_strain               'BL21(DE3)pLysS' 
_entity_src_gen.pdbx_host_org_variant              ? 
_entity_src_gen.pdbx_host_org_cell_line            ? 
_entity_src_gen.pdbx_host_org_atcc                 ? 
_entity_src_gen.pdbx_host_org_culture_collection   ? 
_entity_src_gen.pdbx_host_org_cell                 ? 
_entity_src_gen.pdbx_host_org_organelle            ? 
_entity_src_gen.pdbx_host_org_cellular_location    ? 
_entity_src_gen.pdbx_host_org_vector_type          plasmid 
_entity_src_gen.pdbx_host_org_vector               ? 
_entity_src_gen.host_org_details                   ? 
_entity_src_gen.expression_system_id               ? 
_entity_src_gen.plasmid_name                       pET28a 
_entity_src_gen.plasmid_details                    ? 
_entity_src_gen.pdbx_description                   ? 
# 
loop_
_chem_comp.id 
_chem_comp.type 
_chem_comp.mon_nstd_flag 
_chem_comp.name 
_chem_comp.pdbx_synonyms 
_chem_comp.formula 
_chem_comp.formula_weight 
ALA 'L-peptide linking' y ALANINE         ? 'C3 H7 N O2'     89.093  
ARG 'L-peptide linking' y ARGININE        ? 'C6 H15 N4 O2 1' 175.209 
ASN 'L-peptide linking' y ASPARAGINE      ? 'C4 H8 N2 O3'    132.118 
ASP 'L-peptide linking' y 'ASPARTIC ACID' ? 'C4 H7 N O4'     133.103 
CYS 'L-peptide linking' y CYSTEINE        ? 'C3 H7 N O2 S'   121.158 
GLN 'L-peptide linking' y GLUTAMINE       ? 'C5 H10 N2 O3'   146.144 
GLU 'L-peptide linking' y 'GLUTAMIC ACID' ? 'C5 H9 N O4'     147.129 
GLY 'peptide linking'   y GLYCINE         ? 'C2 H5 N O2'     75.067  
HIS 'L-peptide linking' y HISTIDINE       ? 'C6 H10 N3 O2 1' 156.162 
HOH non-polymer         . WATER           ? 'H2 O'           18.015  
ILE 'L-peptide linking' y ISOLEUCINE      ? 'C6 H13 N O2'    131.173 
LEU 'L-peptide linking' y LEUCINE         ? 'C6 H13 N O2'    131.173 
LYS 'L-peptide linking' y LYSINE          ? 'C6 H15 N2 O2 1' 147.195 
MET 'L-peptide linking' y METHIONINE      ? 'C5 H11 N O2 S'  149.211 
PHE 'L-peptide linking' y PHENYLALANINE   ? 'C9 H11 N O2'    165.189 
PRO 'L-peptide linking' y PROLINE         ? 'C5 H9 N O2'     115.130 
SER 'L-peptide linking' y SERINE          ? 'C3 H7 N O3'     105.093 
THR 'L-peptide linking' y THREONINE       ? 'C4 H9 N O3'     119.119 
TRP 'L-peptide linking' y TRYPTOPHAN      ? 'C11 H12 N2 O2'  204.225 
TYR 'L-peptide linking' y TYROSINE        ? 'C9 H11 N O3'    181.189 
VAL 'L-peptide linking' y VALINE          ? 'C5 H11 N O2'    117.146 
# 
loop_
_pdbx_poly_seq_scheme.asym_id 
_pdbx_poly_seq_scheme.entity_id 
_pdbx_poly_seq_scheme.seq_id 
_pdbx_poly_seq_scheme.mon_id 
_pdbx_poly_seq_scheme.ndb_seq_num 
_pdbx_poly_seq_scheme.pdb_seq_num 
_pdbx_poly_seq_scheme.auth_seq_num 
_pdbx_poly_seq_scheme.pdb_mon_id 
_pdbx_poly_seq_scheme.auth_mon_id 
_pdbx_poly_seq_scheme.pdb_strand_id 
_pdbx_poly_seq_scheme.pdb_ins_code 
_pdbx_poly_seq_scheme.hetero 
A 1 1   MET 1   1   1   MET MET A . n 
A 1 2   GLN 2   2   2   GLN GLN A . n 
A 1 3   THR 3   3   3   THR THR A . n 
A 1 4   PHE 4   4   4   PHE PHE A . n 
A 1 5   VAL 5   5   5   VAL VAL A . n 
A 1 6   HIS 6   6   6   HIS HIS A . n 
A 1 7   GLU 7   7   7   GLU GLU A . n 
A 1 8   ALA 8   8   8   ALA ALA A . n 
A 1 9   GLY 9   9   9   GLY GLY A . n 
A 1 10  ARG 10  10  10  ARG ARG A . n 
A 1 11  LEU 11  11  11  LEU LEU A . n 
A 1 12  PRO 12  12  12  PRO PRO A . n 
A 1 13  ALA 13  13  13  ALA ALA A . n 
A 1 14  HIS 14  14  14  HIS HIS A . n 
A 1 15  ILE 15  15  15  ILE ILE A . n 
A 1 16  ALA 16  16  16  ALA ALA A . n 
A 1 17  ALA 17  17  17  ALA ALA A . n 
A 1 18  GLU 18  18  18  GLU GLU A . n 
A 1 19  LEU 19  19  19  LEU LEU A . n 
A 1 20  GLY 20  20  20  GLY GLY A . n 
A 1 21  SER 21  21  21  SER SER A . n 
A 1 22  TYR 22  22  22  TYR TYR A . n 
A 1 23  ARG 23  23  23  ARG ARG A . n 
A 1 24  TYR 24  24  24  TYR TYR A . n 
A 1 25  ARG 25  25  25  ARG ARG A . n 
A 1 26  VAL 26  26  26  VAL VAL A . n 
A 1 27  PHE 27  27  27  PHE PHE A . n 
A 1 28  VAL 28  28  28  VAL VAL A . n 
A 1 29  GLU 29  29  29  GLU GLU A . n 
A 1 30  GLN 30  30  30  GLN GLN A . n 
A 1 31  LEU 31  31  31  LEU LEU A . n 
A 1 32  GLY 32  32  ?   ?   ?   A . n 
A 1 33  TRP 33  33  ?   ?   ?   A . n 
A 1 34  GLN 34  34  ?   ?   ?   A . n 
A 1 35  LEU 35  35  ?   ?   ?   A . n 
A 1 36  PRO 36  36  ?   ?   ?   A . n 
A 1 37  SER 37  37  ?   ?   ?   A . n 
A 1 38  GLU 38  38  ?   ?   ?   A . n 
A 1 39  ASP 39  39  ?   ?   ?   A . n 
A 1 40  GLU 40  40  ?   ?   ?   A . n 
A 1 41  LYS 41  41  41  LYS LYS A . n 
A 1 42  MET 42  42  42  MET MET A . n 
A 1 43  GLU 43  43  43  GLU GLU A . n 
A 1 44  ARG 44  44  44  ARG ARG A . n 
A 1 45  ASP 45  45  45  ASP ASP A . n 
A 1 46  GLN 46  46  46  GLN GLN A . n 
A 1 47  TYR 47  47  47  TYR TYR A . n 
A 1 48  ASP 48  48  48  ASP ASP A . n 
A 1 49  ARG 49  49  49  ARG ARG A . n 
A 1 50  ASP 50  50  50  ASP ASP A . n 
A 1 51  ASP 51  51  51  ASP ASP A . n 
A 1 52  THR 52  52  52  THR THR A . n 
A 1 53  VAL 53  53  53  VAL VAL A . n 
A 1 54  TYR 54  54  54  TYR TYR A . n 
A 1 55  VAL 55  55  55  VAL VAL A . n 
A 1 56  LEU 56  56  56  LEU LEU A . n 
A 1 57  GLY 57  57  57  GLY GLY A . n 
A 1 58  ARG 58  58  58  ARG ARG A . n 
A 1 59  ASP 59  59  59  ASP ASP A . n 
A 1 60  ALA 60  60  60  ALA ALA A . n 
A 1 61  ASN 61  61  61  ASN ASN A . n 
A 1 62  GLY 62  62  62  GLY GLY A . n 
A 1 63  GLU 63  63  63  GLU GLU A . n 
A 1 64  ILE 64  64  64  ILE ILE A . n 
A 1 65  CYS 65  65  65  CYS CYS A . n 
A 1 66  GLY 66  66  66  GLY GLY A . n 
A 1 67  CYS 67  67  67  CYS CYS A . n 
A 1 68  ALA 68  68  68  ALA ALA A . n 
A 1 69  ARG 69  69  69  ARG ARG A . n 
A 1 70  LEU 70  70  70  LEU LEU A . n 
A 1 71  LEU 71  71  71  LEU LEU A . n 
A 1 72  PRO 72  72  72  PRO PRO A . n 
A 1 73  THR 73  73  73  THR THR A . n 
A 1 74  THR 74  74  74  THR THR A . n 
A 1 75  ARG 75  75  75  ARG ARG A . n 
A 1 76  PRO 76  76  76  PRO PRO A . n 
A 1 77  TYR 77  77  77  TYR TYR A . n 
A 1 78  LEU 78  78  78  LEU LEU A . n 
A 1 79  LEU 79  79  79  LEU LEU A . n 
A 1 80  GLN 80  80  80  GLN GLN A . n 
A 1 81  GLU 81  81  81  GLU GLU A . n 
A 1 82  VAL 82  82  82  VAL VAL A . n 
A 1 83  PHE 83  83  83  PHE PHE A . n 
A 1 84  PRO 84  84  84  PRO PRO A . n 
A 1 85  HIS 85  85  85  HIS HIS A . n 
A 1 86  LEU 86  86  86  LEU LEU A . n 
A 1 87  LEU 87  87  87  LEU LEU A . n 
A 1 88  ALA 88  88  88  ALA ALA A . n 
A 1 89  ASP 89  89  89  ASP ASP A . n 
A 1 90  GLU 90  90  90  GLU GLU A . n 
A 1 91  ALA 91  93  93  ALA ALA A . n 
A 1 92  PRO 92  94  94  PRO PRO A . n 
A 1 93  ARG 93  95  95  ARG ARG A . n 
A 1 94  SER 94  96  96  SER SER A . n 
A 1 95  ALA 95  97  97  ALA ALA A . n 
A 1 96  HIS 96  98  98  HIS HIS A . n 
A 1 97  VAL 97  99  99  VAL VAL A . n 
A 1 98  TRP 98  100 100 TRP TRP A . n 
A 1 99  GLU 99  101 101 GLU GLU A . n 
A 1 100 LEU 100 102 102 LEU LEU A . n 
A 1 101 SER 101 103 103 SER SER A . n 
A 1 102 ARG 102 104 104 ARG ARG A . n 
A 1 103 PHE 103 105 105 PHE PHE A . n 
A 1 104 ALA 104 106 106 ALA ALA A . n 
A 1 105 ALA 105 107 107 ALA ALA A . n 
A 1 106 THR 106 108 108 THR THR A . n 
A 1 107 PRO 107 109 ?   ?   ?   A . n 
A 1 108 GLU 108 110 ?   ?   ?   A . n 
A 1 109 GLU 109 111 ?   ?   ?   A . n 
A 1 110 GLY 110 112 ?   ?   ?   A . n 
A 1 111 ALA 111 113 ?   ?   ?   A . n 
A 1 112 ASP 112 114 ?   ?   ?   A . n 
A 1 113 ALA 113 115 ?   ?   ?   A . n 
A 1 114 GLY 114 116 ?   ?   ?   A . n 
A 1 115 SER 115 117 ?   ?   ?   A . n 
A 1 116 LEU 116 118 ?   ?   ?   A . n 
A 1 117 ALA 117 119 119 ALA ALA A . n 
A 1 118 TRP 118 120 120 TRP TRP A . n 
A 1 119 SER 119 121 121 SER SER A . n 
A 1 120 VAL 120 122 122 VAL VAL A . n 
A 1 121 ARG 121 123 123 ARG ARG A . n 
A 1 122 PRO 122 124 124 PRO PRO A . n 
A 1 123 MET 123 125 125 MET MET A . n 
A 1 124 LEU 124 126 126 LEU LEU A . n 
A 1 125 ALA 125 127 127 ALA ALA A . n 
A 1 126 ALA 126 128 128 ALA ALA A . n 
A 1 127 ALA 127 129 129 ALA ALA A . n 
A 1 128 VAL 128 130 130 VAL VAL A . n 
A 1 129 GLU 129 131 131 GLU GLU A . n 
A 1 130 CYS 130 132 132 CYS CYS A . n 
A 1 131 ALA 131 133 133 ALA ALA A . n 
A 1 132 ALA 132 134 134 ALA ALA A . n 
A 1 133 ARG 133 135 135 ARG ARG A . n 
A 1 134 ARG 134 136 136 ARG ARG A . n 
A 1 135 GLY 135 137 137 GLY GLY A . n 
A 1 136 ALA 136 138 138 ALA ALA A . n 
A 1 137 ARG 137 139 139 ARG ARG A . n 
A 1 138 GLN 138 140 140 GLN GLN A . n 
A 1 139 LEU 139 141 141 LEU LEU A . n 
A 1 140 ILE 140 142 142 ILE ILE A . n 
A 1 141 GLY 141 143 143 GLY GLY A . n 
A 1 142 VAL 142 144 144 VAL VAL A . n 
A 1 143 THR 143 145 145 THR THR A . n 
A 1 144 PHE 144 146 146 PHE PHE A . n 
A 1 145 CYS 145 147 147 CYS CYS A . n 
A 1 146 SER 146 148 148 SER SER A . n 
A 1 147 MET 147 149 149 MET MET A . n 
A 1 148 GLU 148 150 150 GLU GLU A . n 
A 1 149 ARG 149 151 151 ARG ARG A . n 
A 1 150 MET 150 152 152 MET MET A . n 
A 1 151 PHE 151 153 153 PHE PHE A . n 
A 1 152 ARG 152 154 154 ARG ARG A . n 
A 1 153 ARG 153 155 155 ARG ARG A . n 
A 1 154 ILE 154 156 156 ILE ILE A . n 
A 1 155 GLY 155 157 157 GLY GLY A . n 
A 1 156 VAL 156 158 158 VAL VAL A . n 
A 1 157 HIS 157 159 159 HIS HIS A . n 
A 1 158 ALA 158 160 160 ALA ALA A . n 
A 1 159 HIS 159 161 161 HIS HIS A . n 
A 1 160 ARG 160 162 162 ARG ARG A . n 
A 1 161 ALA 161 163 163 ALA ALA A . n 
A 1 162 GLY 162 164 164 GLY GLY A . n 
A 1 163 ALA 163 165 165 ALA ALA A . n 
A 1 164 PRO 164 166 166 PRO PRO A . n 
A 1 165 VAL 165 167 167 VAL VAL A . n 
A 1 166 SER 166 168 168 SER SER A . n 
A 1 167 ILE 167 169 169 ILE ILE A . n 
A 1 168 ASP 168 170 170 ASP ASP A . n 
A 1 169 GLY 169 171 171 GLY GLY A . n 
A 1 170 ARG 170 172 172 ARG ARG A . n 
A 1 171 MET 171 173 173 MET MET A . n 
A 1 172 VAL 172 174 174 VAL VAL A . n 
A 1 173 VAL 173 175 175 VAL VAL A . n 
A 1 174 ALA 174 176 176 ALA ALA A . n 
A 1 175 CYS 175 177 177 CYS CYS A . n 
A 1 176 TRP 176 178 178 TRP TRP A . n 
A 1 177 ILE 177 179 179 ILE ILE A . n 
A 1 178 ASP 178 180 180 ASP ASP A . n 
A 1 179 ILE 179 181 181 ILE ILE A . n 
A 1 180 ASP 180 182 182 ASP ASP A . n 
A 1 181 ALA 181 183 183 ALA ALA A . n 
A 1 182 GLN 182 184 184 GLN GLN A . n 
A 1 183 THR 183 185 185 THR THR A . n 
A 1 184 LEU 184 186 186 LEU LEU A . n 
A 1 185 ALA 185 187 187 ALA ALA A . n 
A 1 186 ALA 186 188 188 ALA ALA A . n 
A 1 187 LEU 187 189 189 LEU LEU A . n 
A 1 188 ASP 188 190 190 ASP ASP A . n 
A 1 189 LEU 189 191 191 LEU LEU A . n 
A 1 190 ASP 190 192 192 ASP ASP A . n 
A 1 191 PRO 191 193 193 PRO PRO A . n 
A 1 192 ALA 192 194 194 ALA ALA A . n 
A 1 193 LEU 193 195 195 LEU LEU A . n 
A 1 194 CYS 194 196 196 CYS CYS A . n 
A 1 195 ALA 195 197 ?   ?   ?   A . n 
A 1 196 SER 196 198 ?   ?   ?   A . n 
A 1 197 GLN 197 199 ?   ?   ?   A . n 
A 1 198 PRO 198 200 ?   ?   ?   A . n 
A 1 199 GLU 199 201 ?   ?   ?   A . n 
A 1 200 ALA 200 202 ?   ?   ?   A . n 
A 1 201 ALA 201 203 ?   ?   ?   A . n 
# 
loop_
_pdbx_nonpoly_scheme.asym_id 
_pdbx_nonpoly_scheme.entity_id 
_pdbx_nonpoly_scheme.mon_id 
_pdbx_nonpoly_scheme.ndb_seq_num 
_pdbx_nonpoly_scheme.pdb_seq_num 
_pdbx_nonpoly_scheme.auth_seq_num 
_pdbx_nonpoly_scheme.pdb_mon_id 
_pdbx_nonpoly_scheme.auth_mon_id 
_pdbx_nonpoly_scheme.pdb_strand_id 
_pdbx_nonpoly_scheme.pdb_ins_code 
B 2 HOH 1  204 204 HOH HOH A . 
B 2 HOH 2  205 205 HOH HOH A . 
B 2 HOH 3  206 206 HOH HOH A . 
B 2 HOH 4  207 207 HOH HOH A . 
B 2 HOH 5  208 208 HOH HOH A . 
B 2 HOH 6  209 209 HOH HOH A . 
B 2 HOH 7  210 210 HOH HOH A . 
B 2 HOH 8  211 211 HOH HOH A . 
B 2 HOH 9  212 212 HOH HOH A . 
B 2 HOH 10 213 213 HOH HOH A . 
B 2 HOH 11 214 214 HOH HOH A . 
B 2 HOH 12 215 215 HOH HOH A . 
B 2 HOH 13 216 216 HOH HOH A . 
B 2 HOH 14 217 217 HOH HOH A . 
B 2 HOH 15 218 218 HOH HOH A . 
B 2 HOH 16 219 219 HOH HOH A . 
B 2 HOH 17 220 220 HOH HOH A . 
B 2 HOH 18 221 221 HOH HOH A . 
B 2 HOH 19 222 222 HOH HOH A . 
B 2 HOH 20 223 223 HOH HOH A . 
B 2 HOH 21 224 224 HOH HOH A . 
B 2 HOH 22 225 225 HOH HOH A . 
B 2 HOH 23 226 226 HOH HOH A . 
B 2 HOH 24 227 227 HOH HOH A . 
B 2 HOH 25 228 228 HOH HOH A . 
B 2 HOH 26 229 229 HOH HOH A . 
B 2 HOH 27 230 230 HOH HOH A . 
B 2 HOH 28 231 231 HOH HOH A . 
B 2 HOH 29 232 232 HOH HOH A . 
B 2 HOH 30 233 233 HOH HOH A . 
B 2 HOH 31 234 234 HOH HOH A . 
B 2 HOH 32 235 235 HOH HOH A . 
B 2 HOH 33 236 236 HOH HOH A . 
B 2 HOH 34 237 237 HOH HOH A . 
B 2 HOH 35 238 238 HOH HOH A . 
B 2 HOH 36 239 239 HOH HOH A . 
B 2 HOH 37 240 240 HOH HOH A . 
B 2 HOH 38 241 241 HOH HOH A . 
B 2 HOH 39 242 242 HOH HOH A . 
B 2 HOH 40 243 243 HOH HOH A . 
B 2 HOH 41 244 244 HOH HOH A . 
B 2 HOH 42 245 245 HOH HOH A . 
B 2 HOH 43 246 246 HOH HOH A . 
B 2 HOH 44 247 247 HOH HOH A . 
B 2 HOH 45 248 248 HOH HOH A . 
B 2 HOH 46 249 249 HOH HOH A . 
B 2 HOH 47 250 250 HOH HOH A . 
B 2 HOH 48 251 251 HOH HOH A . 
B 2 HOH 49 252 252 HOH HOH A . 
B 2 HOH 50 253 253 HOH HOH A . 
B 2 HOH 51 254 254 HOH HOH A . 
B 2 HOH 52 255 255 HOH HOH A . 
B 2 HOH 53 256 256 HOH HOH A . 
B 2 HOH 54 257 257 HOH HOH A . 
B 2 HOH 55 258 258 HOH HOH A . 
B 2 HOH 56 259 259 HOH HOH A . 
B 2 HOH 57 260 260 HOH HOH A . 
B 2 HOH 58 261 261 HOH HOH A . 
B 2 HOH 59 262 262 HOH HOH A . 
B 2 HOH 60 263 263 HOH HOH A . 
B 2 HOH 61 264 264 HOH HOH A . 
B 2 HOH 62 265 265 HOH HOH A . 
B 2 HOH 63 266 266 HOH HOH A . 
B 2 HOH 64 267 267 HOH HOH A . 
B 2 HOH 65 268 268 HOH HOH A . 
B 2 HOH 66 269 269 HOH HOH A . 
B 2 HOH 67 270 270 HOH HOH A . 
B 2 HOH 68 271 271 HOH HOH A . 
B 2 HOH 69 272 272 HOH HOH A . 
B 2 HOH 70 273 273 HOH HOH A . 
B 2 HOH 71 274 274 HOH HOH A . 
B 2 HOH 72 275 275 HOH HOH A . 
B 2 HOH 73 276 276 HOH HOH A . 
# 
loop_
_software.pdbx_ordinal 
_software.name 
_software.version 
_software.date 
_software.type 
_software.contact_author 
_software.contact_author_email 
_software.classification 
_software.location 
_software.language 
_software.citation_id 
1 DENZO       .    ?               package 'Zbyszek Otwinowski' hkl@hkl-xray.com         'data reduction'  
http://www.hkl-xray.com/                  ?          ? 
2 SCALEPACK   .    ?               package 'Zbyszek Otwinowski' hkl@hkl-xray.com         'data scaling'    
http://www.hkl-xray.com/                  ?          ? 
3 CNS         .    ?               package 'Axel T. Brunger'    axel.brunger@yale.edu    refinement        http://cns-online.org/ 
Fortran_77 ? 
4 PDB_EXTRACT 3.10 'June 10, 2010' package PDB                  deposit@deposit.rcsb.org 'data extraction' 
http://sw-tools.pdb.org/apps/PDB_EXTRACT/ C++        ? 
5 HKL-2000    .    ?               ?       ?                    ?                        'data collection' ? ?          ? 
6 HKL-2000    .    ?               ?       ?                    ?                        'data reduction'  ? ?          ? 
7 HKL-2000    .    ?               ?       ?                    ?                        'data scaling'    ? ?          ? 
8 CNS         .    ?               ?       ?                    ?                        phasing           ? ?          ? 
# 
_cell.entry_id           3P2F 
_cell.length_a           65.971 
_cell.length_b           65.971 
_cell.length_c           104.768 
_cell.angle_alpha        90.00 
_cell.angle_beta         90.00 
_cell.angle_gamma        120.00 
_cell.Z_PDB              6 
_cell.pdbx_unique_axis   ? 
_cell.length_a_esd       ? 
_cell.length_b_esd       ? 
_cell.length_c_esd       ? 
_cell.angle_alpha_esd    ? 
_cell.angle_beta_esd     ? 
_cell.angle_gamma_esd    ? 
# 
_symmetry.entry_id                         3P2F 
_symmetry.space_group_name_H-M             'P 32 2 1' 
_symmetry.pdbx_full_space_group_name_H-M   ? 
_symmetry.cell_setting                     ? 
_symmetry.Int_Tables_number                154 
_symmetry.space_group_name_Hall            ? 
# 
_exptl.crystals_number   1 
_exptl.entry_id          3P2F 
_exptl.method            'X-RAY DIFFRACTION' 
# 
_exptl_crystal.id                    1 
_exptl_crystal.pdbx_mosaicity        0.407 
_exptl_crystal.pdbx_mosaicity_esd    ? 
_exptl_crystal.density_Matthews      2.96 
_exptl_crystal.density_diffrn        ? 
_exptl_crystal.density_meas          ? 
_exptl_crystal.density_meas_temp     ? 
_exptl_crystal.density_percent_sol   58.47 
_exptl_crystal.size_max              ? 
_exptl_crystal.size_mid              ? 
_exptl_crystal.size_min              ? 
_exptl_crystal.size_rad              ? 
_exptl_crystal.description           ? 
_exptl_crystal.F_000                 ? 
_exptl_crystal.preparation           ? 
# 
_exptl_crystal_grow.crystal_id      1 
_exptl_crystal_grow.method          'VAPOR DIFFUSION, HANGING DROP' 
_exptl_crystal_grow.pH              7.5 
_exptl_crystal_grow.temp            295 
_exptl_crystal_grow.temp_details    ? 
_exptl_crystal_grow.pdbx_details    
'0.1M HEPES (pH 7.5), 20mM MgCl2, 24% polyacrylic acid 5100, VAPOR DIFFUSION, HANGING DROP, temperature 295K' 
_exptl_crystal_grow.pdbx_pH_range   ? 
# 
_diffrn.id                     1 
_diffrn.ambient_temp           100 
_diffrn.ambient_temp_details   ? 
_diffrn.crystal_id             1 
# 
_diffrn_detector.diffrn_id              1 
_diffrn_detector.detector               CCD 
_diffrn_detector.type                   'ADSC QUANTUM 210' 
_diffrn_detector.pdbx_collection_date   2009-05-20 
_diffrn_detector.details                ? 
# 
_diffrn_radiation.diffrn_id                        1 
_diffrn_radiation.wavelength_id                    1 
_diffrn_radiation.pdbx_diffrn_protocol             'SINGLE WAVELENGTH' 
_diffrn_radiation.monochromator                    MIRROR 
_diffrn_radiation.pdbx_monochromatic_or_laue_m_l   M 
_diffrn_radiation.pdbx_scattering_type             x-ray 
# 
_diffrn_radiation_wavelength.id           1 
_diffrn_radiation_wavelength.wavelength   1.2398 
_diffrn_radiation_wavelength.wt           1.0 
# 
_diffrn_source.diffrn_id                   1 
_diffrn_source.source                      SYNCHROTRON 
_diffrn_source.type                        'PAL/PLS BEAMLINE 6C1' 
_diffrn_source.pdbx_wavelength             ? 
_diffrn_source.pdbx_wavelength_list        1.2398 
_diffrn_source.pdbx_synchrotron_site       PAL/PLS 
_diffrn_source.pdbx_synchrotron_beamline   6C1 
# 
_reflns.entry_id                     3P2F 
_reflns.d_resolution_high            2.300 
_reflns.d_resolution_low             50.000 
_reflns.number_obs                   12241 
_reflns.pdbx_Rmerge_I_obs            0.079 
_reflns.pdbx_netI_over_sigmaI        11.000 
_reflns.pdbx_chi_squared             1.048 
_reflns.pdbx_redundancy              10.700 
_reflns.percent_possible_obs         100.000 
_reflns.observed_criterion_sigma_F   2.0 
_reflns.observed_criterion_sigma_I   ? 
_reflns.number_all                   12209 
_reflns.pdbx_Rsym_value              ? 
_reflns.B_iso_Wilson_estimate        ? 
_reflns.R_free_details               ? 
_reflns.limit_h_max                  ? 
_reflns.limit_h_min                  ? 
_reflns.limit_k_max                  ? 
_reflns.limit_k_min                  ? 
_reflns.limit_l_max                  ? 
_reflns.limit_l_min                  ? 
_reflns.observed_criterion_F_max     ? 
_reflns.observed_criterion_F_min     ? 
_reflns.pdbx_scaling_rejects         ? 
_reflns.pdbx_ordinal                 1 
_reflns.pdbx_diffrn_id               1 
# 
loop_
_reflns_shell.d_res_high 
_reflns_shell.d_res_low 
_reflns_shell.number_measured_obs 
_reflns_shell.number_measured_all 
_reflns_shell.number_unique_obs 
_reflns_shell.pdbx_rejects 
_reflns_shell.Rmerge_I_obs 
_reflns_shell.meanI_over_sigI_obs 
_reflns_shell.pdbx_Rsym_value 
_reflns_shell.pdbx_chi_squared 
_reflns_shell.pdbx_redundancy 
_reflns_shell.percent_possible_obs 
_reflns_shell.pdbx_netI_over_sigmaI_obs 
_reflns_shell.number_possible 
_reflns_shell.number_unique_all 
_reflns_shell.Rmerge_F_all 
_reflns_shell.Rmerge_F_obs 
_reflns_shell.Rmerge_I_all 
_reflns_shell.meanI_over_sigI_all 
_reflns_shell.percent_possible_all 
_reflns_shell.pdbx_Rrim_I_all 
_reflns_shell.pdbx_Rpim_I_all 
_reflns_shell.pdbx_ordinal 
_reflns_shell.pdbx_diffrn_id 
2.300 2.340  ? ? ? ? 0.258 ? ? 1.060 10.900 ? ? ? 613 ? ? ? ? 100.000 ? ? 1  1 
2.340 2.380  ? ? ? ? 0.241 ? ? 1.018 10.700 ? ? ? 592 ? ? ? ? 100.000 ? ? 2  1 
2.380 2.430  ? ? ? ? 0.233 ? ? 1.017 10.900 ? ? ? 600 ? ? ? ? 100.000 ? ? 3  1 
2.430 2.480  ? ? ? ? 0.217 ? ? 1.043 10.900 ? ? ? 597 ? ? ? ? 100.000 ? ? 4  1 
2.480 2.530  ? ? ? ? 0.204 ? ? 1.023 10.900 ? ? ? 595 ? ? ? ? 100.000 ? ? 5  1 
2.530 2.590  ? ? ? ? 0.172 ? ? 1.075 10.800 ? ? ? 599 ? ? ? ? 100.000 ? ? 6  1 
2.590 2.660  ? ? ? ? 0.161 ? ? 1.087 10.900 ? ? ? 595 ? ? ? ? 100.000 ? ? 7  1 
2.660 2.730  ? ? ? ? 0.153 ? ? 1.041 10.900 ? ? ? 609 ? ? ? ? 100.000 ? ? 8  1 
2.730 2.810  ? ? ? ? 0.131 ? ? 1.093 10.900 ? ? ? 591 ? ? ? ? 100.000 ? ? 9  1 
2.810 2.900  ? ? ? ? 0.122 ? ? 1.114 10.800 ? ? ? 603 ? ? ? ? 100.000 ? ? 10 1 
2.900 3.000  ? ? ? ? 0.112 ? ? 1.092 10.800 ? ? ? 621 ? ? ? ? 100.000 ? ? 11 1 
3.000 3.120  ? ? ? ? 0.094 ? ? 1.103 10.900 ? ? ? 596 ? ? ? ? 100.000 ? ? 12 1 
3.120 3.260  ? ? ? ? 0.081 ? ? 1.121 10.800 ? ? ? 616 ? ? ? ? 100.000 ? ? 13 1 
3.260 3.440  ? ? ? ? 0.069 ? ? 1.084 10.800 ? ? ? 616 ? ? ? ? 100.000 ? ? 14 1 
3.440 3.650  ? ? ? ? 0.064 ? ? 1.134 10.800 ? ? ? 607 ? ? ? ? 100.000 ? ? 15 1 
3.650 3.930  ? ? ? ? 0.057 ? ? 1.037 10.700 ? ? ? 604 ? ? ? ? 100.000 ? ? 16 1 
3.930 4.330  ? ? ? ? 0.051 ? ? 0.956 10.700 ? ? ? 630 ? ? ? ? 100.000 ? ? 17 1 
4.330 4.950  ? ? ? ? 0.048 ? ? 0.960 10.600 ? ? ? 631 ? ? ? ? 100.000 ? ? 18 1 
4.950 6.240  ? ? ? ? 0.052 ? ? 0.945 10.300 ? ? ? 632 ? ? ? ? 100.000 ? ? 19 1 
6.240 50.000 ? ? ? ? 0.045 ? ? 0.965 9.500  ? ? ? 694 ? ? ? ? 100.000 ? ? 20 1 
# 
_refine.entry_id                                 3P2F 
_refine.ls_d_res_high                            2.3000 
_refine.ls_d_res_low                             38.61 
_refine.pdbx_ls_sigma_F                          2.0 
_refine.pdbx_data_cutoff_high_absF               ? 
_refine.pdbx_data_cutoff_low_absF                ? 
_refine.ls_percent_reflns_obs                    93.7000 
_refine.ls_number_reflns_obs                     11437 
_refine.ls_number_reflns_all                     12624 
_refine.pdbx_ls_cross_valid_method               THROUGHOUT 
_refine.pdbx_R_Free_selection_details            RANDOM 
_refine.details                                  ? 
_refine.ls_R_factor_all                          ? 
_refine.ls_R_factor_obs                          ? 
_refine.ls_R_factor_R_work                       0.2285 
_refine.ls_wR_factor_R_work                      ? 
_refine.ls_R_factor_R_free                       0.2701 
_refine.ls_wR_factor_R_free                      ? 
_refine.ls_percent_reflns_R_free                 9.7000 
_refine.ls_number_reflns_R_free                  1187 
_refine.ls_R_factor_R_free_error                 ? 
_refine.B_iso_mean                               24.0044 
_refine.solvent_model_param_bsol                 33.1393 
_refine.solvent_model_param_ksol                 ? 
_refine.pdbx_isotropic_thermal_model             ? 
_refine.aniso_B[1][1]                            -3.3800 
_refine.aniso_B[2][2]                            -3.3800 
_refine.aniso_B[3][3]                            6.7600 
_refine.aniso_B[1][2]                            -3.2490 
_refine.aniso_B[1][3]                            0.0000 
_refine.aniso_B[2][3]                            0.0000 
_refine.correlation_coeff_Fo_to_Fc               ? 
_refine.correlation_coeff_Fo_to_Fc_free          ? 
_refine.overall_SU_R_Cruickshank_DPI             ? 
_refine.overall_SU_R_free                        ? 
_refine.pdbx_overall_ESU_R_Free                  ? 
_refine.overall_SU_ML                            ? 
_refine.overall_SU_B                             ? 
_refine.solvent_model_details                    ? 
_refine.pdbx_solvent_vdw_probe_radii             ? 
_refine.pdbx_solvent_ion_probe_radii             ? 
_refine.pdbx_solvent_shrinkage_radii             ? 
_refine.ls_number_parameters                     ? 
_refine.ls_number_restraints                     ? 
_refine.pdbx_starting_model                      ? 
_refine.pdbx_method_to_determine_struct          'MOLECULAR REPLACEMENT' 
_refine.pdbx_stereochemistry_target_values       'Engh & Huber' 
_refine.pdbx_stereochem_target_val_spec_case     ? 
_refine.overall_FOM_work_R_set                   ? 
_refine.B_iso_max                                53.630 
_refine.B_iso_min                                6.530 
_refine.occupancy_max                            1.000 
_refine.occupancy_min                            1.000 
_refine.pdbx_ls_sigma_I                          ? 
_refine.ls_redundancy_reflns_obs                 ? 
_refine.ls_R_factor_R_free_error_details         ? 
_refine.pdbx_data_cutoff_high_rms_absF           ? 
_refine.overall_FOM_free_R_set                   ? 
_refine.pdbx_overall_phase_error                 ? 
_refine.pdbx_refine_id                           'X-RAY DIFFRACTION' 
_refine.pdbx_diffrn_id                           1 
_refine.pdbx_overall_ESU_R                       ? 
_refine.pdbx_TLS_residual_ADP_flag               ? 
_refine.pdbx_overall_SU_R_free_Cruickshank_DPI   ? 
_refine.pdbx_overall_SU_R_Blow_DPI               ? 
_refine.pdbx_overall_SU_R_free_Blow_DPI          ? 
# 
_refine_hist.pdbx_refine_id                   'X-RAY DIFFRACTION' 
_refine_hist.cycle_id                         LAST 
_refine_hist.pdbx_number_atoms_protein        1371 
_refine_hist.pdbx_number_atoms_nucleic_acid   0 
_refine_hist.pdbx_number_atoms_ligand         0 
_refine_hist.number_atoms_solvent             73 
_refine_hist.number_atoms_total               1444 
_refine_hist.d_res_high                       2.3000 
_refine_hist.d_res_low                        38.61 
# 
loop_
_refine_ls_restr.type 
_refine_ls_restr.number 
_refine_ls_restr.dev_ideal 
_refine_ls_restr.dev_ideal_target 
_refine_ls_restr.weight 
_refine_ls_restr.pdbx_refine_id 
_refine_ls_restr.pdbx_restraint_function 
c_bond_d     ? 0.006 1.500 ? 'X-RAY DIFFRACTION' ? 
c_angle_d    ? 1.258 2.000 ? 'X-RAY DIFFRACTION' ? 
c_mcbond_it  ? 1.276 1.500 ? 'X-RAY DIFFRACTION' ? 
c_scbond_it  ? 2.341 2.000 ? 'X-RAY DIFFRACTION' ? 
c_mcangle_it ? 2.046 2.000 ? 'X-RAY DIFFRACTION' ? 
c_scangle_it ? 3.309 2.500 ? 'X-RAY DIFFRACTION' ? 
# 
_refine_ls_shell.d_res_high                       2.3 
_refine_ls_shell.d_res_low                        2.34 
_refine_ls_shell.number_reflns_obs                ? 
_refine_ls_shell.number_reflns_R_free             ? 
_refine_ls_shell.R_factor_R_work                  ? 
_refine_ls_shell.R_factor_R_free                  ? 
_refine_ls_shell.R_factor_R_free_error            ? 
_refine_ls_shell.percent_reflns_obs               ? 
_refine_ls_shell.percent_reflns_R_free            ? 
_refine_ls_shell.pdbx_total_number_of_bins_used   ? 
_refine_ls_shell.number_reflns_R_work             ? 
_refine_ls_shell.redundancy_reflns_obs            ? 
_refine_ls_shell.number_reflns_all                ? 
_refine_ls_shell.R_factor_all                     ? 
_refine_ls_shell.pdbx_refine_id                   'X-RAY DIFFRACTION' 
# 
loop_
_pdbx_xplor_file.pdbx_refine_id 
_pdbx_xplor_file.serial_no 
_pdbx_xplor_file.param_file 
_pdbx_xplor_file.topol_file 
'X-RAY DIFFRACTION' 1 CNS_TOPPAR:protein_rep.param ? 
'X-RAY DIFFRACTION' 2 CNS_TOPPAR:water_rep.param   ? 
'X-RAY DIFFRACTION' 3 CNS_TOPPAR:ion.param         ? 
# 
_struct.entry_id                  3P2F 
_struct.title                     'Crystal structure of TofI in an apo form' 
_struct.pdbx_model_details        ? 
_struct.pdbx_CASP_flag            ? 
_struct.pdbx_model_type_details   ? 
# 
_struct_keywords.entry_id        3P2F 
_struct_keywords.pdbx_keywords   'SIGNALING PROTEIN' 
_struct_keywords.text            'synthase, acyl-ACP binding, SAM binding, SIGNALING PROTEIN' 
# 
loop_
_struct_asym.id 
_struct_asym.pdbx_blank_PDB_chainid_flag 
_struct_asym.pdbx_modified 
_struct_asym.entity_id 
_struct_asym.details 
A N N 1 ? 
B N N 2 ? 
# 
_struct_ref.id                         1 
_struct_ref.db_name                    UNP 
_struct_ref.db_code                    Q4VSJ8_BURGL 
_struct_ref.pdbx_db_accession          Q4VSJ8 
_struct_ref.entity_id                  1 
_struct_ref.pdbx_seq_one_letter_code   
;MQTFVHEAGRLPAHIAAELGSYRYRVFVEQLGWQLPSEDEKFERDQYDRDDTVYVLGRDANGEICGCARLLPTTRPYLLQ
EVFPHLLADEHPAPRSAHVWELSRFAATPEEGADAGSLAWSVRPMLAAAVECAARRGARQLIGVTFCSIERLFRRIGVHA
HRAGAPVSIDGRMVVACWIDIDAQTLAALDLDPALCASQPEAA
;
_struct_ref.pdbx_align_begin           1 
_struct_ref.pdbx_db_isoform            ? 
# 
_struct_ref_seq.align_id                      1 
_struct_ref_seq.ref_id                        1 
_struct_ref_seq.pdbx_PDB_id_code              3P2F 
_struct_ref_seq.pdbx_strand_id                A 
_struct_ref_seq.seq_align_beg                 1 
_struct_ref_seq.pdbx_seq_align_beg_ins_code   ? 
_struct_ref_seq.seq_align_end                 201 
_struct_ref_seq.pdbx_seq_align_end_ins_code   ? 
_struct_ref_seq.pdbx_db_accession             Q4VSJ8 
_struct_ref_seq.db_align_beg                  1 
_struct_ref_seq.pdbx_db_align_beg_ins_code    ? 
_struct_ref_seq.db_align_end                  203 
_struct_ref_seq.pdbx_db_align_end_ins_code    ? 
_struct_ref_seq.pdbx_auth_seq_align_beg       1 
_struct_ref_seq.pdbx_auth_seq_align_end       203 
# 
loop_
_struct_ref_seq_dif.align_id 
_struct_ref_seq_dif.pdbx_pdb_id_code 
_struct_ref_seq_dif.mon_id 
_struct_ref_seq_dif.pdbx_pdb_strand_id 
_struct_ref_seq_dif.seq_num 
_struct_ref_seq_dif.pdbx_pdb_ins_code 
_struct_ref_seq_dif.pdbx_seq_db_name 
_struct_ref_seq_dif.pdbx_seq_db_accession_code 
_struct_ref_seq_dif.db_mon_id 
_struct_ref_seq_dif.pdbx_seq_db_seq_num 
_struct_ref_seq_dif.details 
_struct_ref_seq_dif.pdbx_auth_seq_num 
_struct_ref_seq_dif.pdbx_ordinal 
1 3P2F MET A 42  ? UNP Q4VSJ8 PHE 42  'engineered mutation' 42  1 
1 3P2F ?   A ?   ? UNP Q4VSJ8 HIS 91  deletion              ?   2 
1 3P2F ?   A ?   ? UNP Q4VSJ8 PRO 92  deletion              ?   3 
1 3P2F MET A 147 ? UNP Q4VSJ8 ILE 149 'engineered mutation' 149 4 
1 3P2F MET A 150 ? UNP Q4VSJ8 LEU 152 'engineered mutation' 152 5 
# 
_pdbx_struct_assembly.id                   1 
_pdbx_struct_assembly.details              author_and_software_defined_assembly 
_pdbx_struct_assembly.method_details       PISA 
_pdbx_struct_assembly.oligomeric_details   monomeric 
_pdbx_struct_assembly.oligomeric_count     1 
# 
_pdbx_struct_assembly_gen.assembly_id       1 
_pdbx_struct_assembly_gen.oper_expression   1 
_pdbx_struct_assembly_gen.asym_id_list      A,B 
# 
_pdbx_struct_oper_list.id                   1 
_pdbx_struct_oper_list.type                 'identity operation' 
_pdbx_struct_oper_list.name                 1_555 
_pdbx_struct_oper_list.symmetry_operation   x,y,z 
_pdbx_struct_oper_list.matrix[1][1]         1.0000000000 
_pdbx_struct_oper_list.matrix[1][2]         0.0000000000 
_pdbx_struct_oper_list.matrix[1][3]         0.0000000000 
_pdbx_struct_oper_list.vector[1]            0.0000000000 
_pdbx_struct_oper_list.matrix[2][1]         0.0000000000 
_pdbx_struct_oper_list.matrix[2][2]         1.0000000000 
_pdbx_struct_oper_list.matrix[2][3]         0.0000000000 
_pdbx_struct_oper_list.vector[2]            0.0000000000 
_pdbx_struct_oper_list.matrix[3][1]         0.0000000000 
_pdbx_struct_oper_list.matrix[3][2]         0.0000000000 
_pdbx_struct_oper_list.matrix[3][3]         1.0000000000 
_pdbx_struct_oper_list.vector[3]            0.0000000000 
# 
_struct_biol.id        1 
_struct_biol.details   ? 
# 
loop_
_struct_conf.conf_type_id 
_struct_conf.id 
_struct_conf.pdbx_PDB_helix_id 
_struct_conf.beg_label_comp_id 
_struct_conf.beg_label_asym_id 
_struct_conf.beg_label_seq_id 
_struct_conf.pdbx_beg_PDB_ins_code 
_struct_conf.end_label_comp_id 
_struct_conf.end_label_asym_id 
_struct_conf.end_label_seq_id 
_struct_conf.pdbx_end_PDB_ins_code 
_struct_conf.beg_auth_comp_id 
_struct_conf.beg_auth_asym_id 
_struct_conf.beg_auth_seq_id 
_struct_conf.end_auth_comp_id 
_struct_conf.end_auth_asym_id 
_struct_conf.end_auth_seq_id 
_struct_conf.pdbx_PDB_helix_class 
_struct_conf.details 
_struct_conf.pdbx_PDB_helix_length 
HELX_P HELX_P1 1 PRO A 12  ? VAL A 28  ? PRO A 12  VAL A 28  1 ? 17 
HELX_P HELX_P2 2 TYR A 77  ? PHE A 83  ? TYR A 77  PHE A 83  1 ? 7  
HELX_P HELX_P3 3 PRO A 84  ? LEU A 87  ? PRO A 84  LEU A 87  5 ? 4  
HELX_P HELX_P4 4 SER A 119 ? ARG A 133 ? SER A 121 ARG A 135 1 ? 15 
HELX_P HELX_P5 5 CYS A 145 ? GLY A 155 ? CYS A 147 GLY A 157 1 ? 11 
HELX_P HELX_P6 6 ASP A 180 ? LEU A 187 ? ASP A 182 LEU A 189 1 ? 8  
HELX_P HELX_P7 7 ASP A 190 ? CYS A 194 ? ASP A 192 CYS A 196 5 ? 5  
# 
_struct_conf_type.id          HELX_P 
_struct_conf_type.criteria    ? 
_struct_conf_type.reference   ? 
# 
loop_
_struct_sheet.id 
_struct_sheet.type 
_struct_sheet.number_strands 
_struct_sheet.details 
A ? 7 ? 
B ? 7 ? 
# 
loop_
_struct_sheet_order.sheet_id 
_struct_sheet_order.range_id_1 
_struct_sheet_order.range_id_2 
_struct_sheet_order.offset 
_struct_sheet_order.sense 
A 1 2 ? anti-parallel 
A 2 3 ? anti-parallel 
A 3 4 ? anti-parallel 
A 4 5 ? parallel      
A 5 6 ? anti-parallel 
A 6 7 ? anti-parallel 
B 1 2 ? anti-parallel 
B 2 3 ? anti-parallel 
B 3 4 ? anti-parallel 
B 4 5 ? parallel      
B 5 6 ? anti-parallel 
B 6 7 ? anti-parallel 
# 
loop_
_struct_sheet_range.sheet_id 
_struct_sheet_range.id 
_struct_sheet_range.beg_label_comp_id 
_struct_sheet_range.beg_label_asym_id 
_struct_sheet_range.beg_label_seq_id 
_struct_sheet_range.pdbx_beg_PDB_ins_code 
_struct_sheet_range.end_label_comp_id 
_struct_sheet_range.end_label_asym_id 
_struct_sheet_range.end_label_seq_id 
_struct_sheet_range.pdbx_end_PDB_ins_code 
_struct_sheet_range.beg_auth_comp_id 
_struct_sheet_range.beg_auth_asym_id 
_struct_sheet_range.beg_auth_seq_id 
_struct_sheet_range.end_auth_comp_id 
_struct_sheet_range.end_auth_asym_id 
_struct_sheet_range.end_auth_seq_id 
A 1 GLN A 2   ? HIS A 6   ? GLN A 2   HIS A 6   
A 2 VAL A 53  ? ARG A 58  ? VAL A 53  ARG A 58  
A 3 ILE A 64  ? PRO A 72  ? ILE A 64  PRO A 72  
A 4 VAL A 97  ? ALA A 105 ? VAL A 99  ALA A 107 
A 5 GLN A 138 ? PHE A 144 ? GLN A 140 PHE A 146 
A 6 ARG A 170 ? ASP A 178 ? ARG A 172 ASP A 180 
A 7 ALA A 158 ? ARG A 160 ? ALA A 160 ARG A 162 
B 1 GLN A 2   ? HIS A 6   ? GLN A 2   HIS A 6   
B 2 VAL A 53  ? ARG A 58  ? VAL A 53  ARG A 58  
B 3 ILE A 64  ? PRO A 72  ? ILE A 64  PRO A 72  
B 4 VAL A 97  ? ALA A 105 ? VAL A 99  ALA A 107 
B 5 GLN A 138 ? PHE A 144 ? GLN A 140 PHE A 146 
B 6 ARG A 170 ? ASP A 178 ? ARG A 172 ASP A 180 
B 7 VAL A 165 ? ILE A 167 ? VAL A 167 ILE A 169 
# 
loop_
_pdbx_struct_sheet_hbond.sheet_id 
_pdbx_struct_sheet_hbond.range_id_1 
_pdbx_struct_sheet_hbond.range_id_2 
_pdbx_struct_sheet_hbond.range_1_label_atom_id 
_pdbx_struct_sheet_hbond.range_1_label_comp_id 
_pdbx_struct_sheet_hbond.range_1_label_asym_id 
_pdbx_struct_sheet_hbond.range_1_label_seq_id 
_pdbx_struct_sheet_hbond.range_1_PDB_ins_code 
_pdbx_struct_sheet_hbond.range_1_auth_atom_id 
_pdbx_struct_sheet_hbond.range_1_auth_comp_id 
_pdbx_struct_sheet_hbond.range_1_auth_asym_id 
_pdbx_struct_sheet_hbond.range_1_auth_seq_id 
_pdbx_struct_sheet_hbond.range_2_label_atom_id 
_pdbx_struct_sheet_hbond.range_2_label_comp_id 
_pdbx_struct_sheet_hbond.range_2_label_asym_id 
_pdbx_struct_sheet_hbond.range_2_label_seq_id 
_pdbx_struct_sheet_hbond.range_2_PDB_ins_code 
_pdbx_struct_sheet_hbond.range_2_auth_atom_id 
_pdbx_struct_sheet_hbond.range_2_auth_comp_id 
_pdbx_struct_sheet_hbond.range_2_auth_asym_id 
_pdbx_struct_sheet_hbond.range_2_auth_seq_id 
A 1 2 N HIS A 6   ? N HIS A 6   O TYR A 54  ? O TYR A 54  
A 2 3 N VAL A 53  ? N VAL A 53  O LEU A 70  ? O LEU A 70  
A 3 4 N LEU A 71  ? N LEU A 71  O GLU A 99  ? O GLU A 101 
A 4 5 N LEU A 100 ? N LEU A 102 O ILE A 140 ? O ILE A 142 
A 5 6 N THR A 143 ? N THR A 145 O VAL A 173 ? O VAL A 175 
A 6 7 O TRP A 176 ? O TRP A 178 N HIS A 159 ? N HIS A 161 
B 1 2 N HIS A 6   ? N HIS A 6   O TYR A 54  ? O TYR A 54  
B 2 3 N VAL A 53  ? N VAL A 53  O LEU A 70  ? O LEU A 70  
B 3 4 N LEU A 71  ? N LEU A 71  O GLU A 99  ? O GLU A 101 
B 4 5 N LEU A 100 ? N LEU A 102 O ILE A 140 ? O ILE A 142 
B 5 6 N THR A 143 ? N THR A 145 O VAL A 173 ? O VAL A 175 
B 6 7 O VAL A 172 ? O VAL A 174 N VAL A 165 ? N VAL A 167 
# 
loop_
_pdbx_validate_torsion.id 
_pdbx_validate_torsion.PDB_model_num 
_pdbx_validate_torsion.auth_comp_id 
_pdbx_validate_torsion.auth_asym_id 
_pdbx_validate_torsion.auth_seq_id 
_pdbx_validate_torsion.PDB_ins_code 
_pdbx_validate_torsion.label_alt_id 
_pdbx_validate_torsion.phi 
_pdbx_validate_torsion.psi 
1 1 GLU A 7   ? ? -152.38 35.50   
2 1 VAL A 28  ? ? -96.40  -61.23  
3 1 ASP A 45  ? ? -128.17 -168.59 
4 1 ASP A 182 ? ? -115.62 -168.11 
# 
loop_
_pdbx_unobs_or_zero_occ_residues.id 
_pdbx_unobs_or_zero_occ_residues.PDB_model_num 
_pdbx_unobs_or_zero_occ_residues.polymer_flag 
_pdbx_unobs_or_zero_occ_residues.occupancy_flag 
_pdbx_unobs_or_zero_occ_residues.auth_asym_id 
_pdbx_unobs_or_zero_occ_residues.auth_comp_id 
_pdbx_unobs_or_zero_occ_residues.auth_seq_id 
_pdbx_unobs_or_zero_occ_residues.PDB_ins_code 
_pdbx_unobs_or_zero_occ_residues.label_asym_id 
_pdbx_unobs_or_zero_occ_residues.label_comp_id 
_pdbx_unobs_or_zero_occ_residues.label_seq_id 
1  1 Y 1 A GLY 32  ? A GLY 32  
2  1 Y 1 A TRP 33  ? A TRP 33  
3  1 Y 1 A GLN 34  ? A GLN 34  
4  1 Y 1 A LEU 35  ? A LEU 35  
5  1 Y 1 A PRO 36  ? A PRO 36  
6  1 Y 1 A SER 37  ? A SER 37  
7  1 Y 1 A GLU 38  ? A GLU 38  
8  1 Y 1 A ASP 39  ? A ASP 39  
9  1 Y 1 A GLU 40  ? A GLU 40  
10 1 Y 1 A PRO 109 ? A PRO 107 
11 1 Y 1 A GLU 110 ? A GLU 108 
12 1 Y 1 A GLU 111 ? A GLU 109 
13 1 Y 1 A GLY 112 ? A GLY 110 
14 1 Y 1 A ALA 113 ? A ALA 111 
15 1 Y 1 A ASP 114 ? A ASP 112 
16 1 Y 1 A ALA 115 ? A ALA 113 
17 1 Y 1 A GLY 116 ? A GLY 114 
18 1 Y 1 A SER 117 ? A SER 115 
19 1 Y 1 A LEU 118 ? A LEU 116 
20 1 Y 1 A ALA 197 ? A ALA 195 
21 1 Y 1 A SER 198 ? A SER 196 
22 1 Y 1 A GLN 199 ? A GLN 197 
23 1 Y 1 A PRO 200 ? A PRO 198 
24 1 Y 1 A GLU 201 ? A GLU 199 
25 1 Y 1 A ALA 202 ? A ALA 200 
26 1 Y 1 A ALA 203 ? A ALA 201 
# 
loop_
_chem_comp_atom.comp_id 
_chem_comp_atom.atom_id 
_chem_comp_atom.type_symbol 
_chem_comp_atom.pdbx_aromatic_flag 
_chem_comp_atom.pdbx_stereo_config 
_chem_comp_atom.pdbx_ordinal 
ALA N    N N N 1   
ALA CA   C N S 2   
ALA C    C N N 3   
ALA O    O N N 4   
ALA CB   C N N 5   
ALA OXT  O N N 6   
ALA H    H N N 7   
ALA H2   H N N 8   
ALA HA   H N N 9   
ALA HB1  H N N 10  
ALA HB2  H N N 11  
ALA HB3  H N N 12  
ALA HXT  H N N 13  
ARG N    N N N 14  
ARG CA   C N S 15  
ARG C    C N N 16  
ARG O    O N N 17  
ARG CB   C N N 18  
ARG CG   C N N 19  
ARG CD   C N N 20  
ARG NE   N N N 21  
ARG CZ   C N N 22  
ARG NH1  N N N 23  
ARG NH2  N N N 24  
ARG OXT  O N N 25  
ARG H    H N N 26  
ARG H2   H N N 27  
ARG HA   H N N 28  
ARG HB2  H N N 29  
ARG HB3  H N N 30  
ARG HG2  H N N 31  
ARG HG3  H N N 32  
ARG HD2  H N N 33  
ARG HD3  H N N 34  
ARG HE   H N N 35  
ARG HH11 H N N 36  
ARG HH12 H N N 37  
ARG HH21 H N N 38  
ARG HH22 H N N 39  
ARG HXT  H N N 40  
ASN N    N N N 41  
ASN CA   C N S 42  
ASN C    C N N 43  
ASN O    O N N 44  
ASN CB   C N N 45  
ASN CG   C N N 46  
ASN OD1  O N N 47  
ASN ND2  N N N 48  
ASN OXT  O N N 49  
ASN H    H N N 50  
ASN H2   H N N 51  
ASN HA   H N N 52  
ASN HB2  H N N 53  
ASN HB3  H N N 54  
ASN HD21 H N N 55  
ASN HD22 H N N 56  
ASN HXT  H N N 57  
ASP N    N N N 58  
ASP CA   C N S 59  
ASP C    C N N 60  
ASP O    O N N 61  
ASP CB   C N N 62  
ASP CG   C N N 63  
ASP OD1  O N N 64  
ASP OD2  O N N 65  
ASP OXT  O N N 66  
ASP H    H N N 67  
ASP H2   H N N 68  
ASP HA   H N N 69  
ASP HB2  H N N 70  
ASP HB3  H N N 71  
ASP HD2  H N N 72  
ASP HXT  H N N 73  
CYS N    N N N 74  
CYS CA   C N R 75  
CYS C    C N N 76  
CYS O    O N N 77  
CYS CB   C N N 78  
CYS SG   S N N 79  
CYS OXT  O N N 80  
CYS H    H N N 81  
CYS H2   H N N 82  
CYS HA   H N N 83  
CYS HB2  H N N 84  
CYS HB3  H N N 85  
CYS HG   H N N 86  
CYS HXT  H N N 87  
GLN N    N N N 88  
GLN CA   C N S 89  
GLN C    C N N 90  
GLN O    O N N 91  
GLN CB   C N N 92  
GLN CG   C N N 93  
GLN CD   C N N 94  
GLN OE1  O N N 95  
GLN NE2  N N N 96  
GLN OXT  O N N 97  
GLN H    H N N 98  
GLN H2   H N N 99  
GLN HA   H N N 100 
GLN HB2  H N N 101 
GLN HB3  H N N 102 
GLN HG2  H N N 103 
GLN HG3  H N N 104 
GLN HE21 H N N 105 
GLN HE22 H N N 106 
GLN HXT  H N N 107 
GLU N    N N N 108 
GLU CA   C N S 109 
GLU C    C N N 110 
GLU O    O N N 111 
GLU CB   C N N 112 
GLU CG   C N N 113 
GLU CD   C N N 114 
GLU OE1  O N N 115 
GLU OE2  O N N 116 
GLU OXT  O N N 117 
GLU H    H N N 118 
GLU H2   H N N 119 
GLU HA   H N N 120 
GLU HB2  H N N 121 
GLU HB3  H N N 122 
GLU HG2  H N N 123 
GLU HG3  H N N 124 
GLU HE2  H N N 125 
GLU HXT  H N N 126 
GLY N    N N N 127 
GLY CA   C N N 128 
GLY C    C N N 129 
GLY O    O N N 130 
GLY OXT  O N N 131 
GLY H    H N N 132 
GLY H2   H N N 133 
GLY HA2  H N N 134 
GLY HA3  H N N 135 
GLY HXT  H N N 136 
HIS N    N N N 137 
HIS CA   C N S 138 
HIS C    C N N 139 
HIS O    O N N 140 
HIS CB   C N N 141 
HIS CG   C Y N 142 
HIS ND1  N Y N 143 
HIS CD2  C Y N 144 
HIS CE1  C Y N 145 
HIS NE2  N Y N 146 
HIS OXT  O N N 147 
HIS H    H N N 148 
HIS H2   H N N 149 
HIS HA   H N N 150 
HIS HB2  H N N 151 
HIS HB3  H N N 152 
HIS HD1  H N N 153 
HIS HD2  H N N 154 
HIS HE1  H N N 155 
HIS HE2  H N N 156 
HIS HXT  H N N 157 
HOH O    O N N 158 
HOH H1   H N N 159 
HOH H2   H N N 160 
ILE N    N N N 161 
ILE CA   C N S 162 
ILE C    C N N 163 
ILE O    O N N 164 
ILE CB   C N S 165 
ILE CG1  C N N 166 
ILE CG2  C N N 167 
ILE CD1  C N N 168 
ILE OXT  O N N 169 
ILE H    H N N 170 
ILE H2   H N N 171 
ILE HA   H N N 172 
ILE HB   H N N 173 
ILE HG12 H N N 174 
ILE HG13 H N N 175 
ILE HG21 H N N 176 
ILE HG22 H N N 177 
ILE HG23 H N N 178 
ILE HD11 H N N 179 
ILE HD12 H N N 180 
ILE HD13 H N N 181 
ILE HXT  H N N 182 
LEU N    N N N 183 
LEU CA   C N S 184 
LEU C    C N N 185 
LEU O    O N N 186 
LEU CB   C N N 187 
LEU CG   C N N 188 
LEU CD1  C N N 189 
LEU CD2  C N N 190 
LEU OXT  O N N 191 
LEU H    H N N 192 
LEU H2   H N N 193 
LEU HA   H N N 194 
LEU HB2  H N N 195 
LEU HB3  H N N 196 
LEU HG   H N N 197 
LEU HD11 H N N 198 
LEU HD12 H N N 199 
LEU HD13 H N N 200 
LEU HD21 H N N 201 
LEU HD22 H N N 202 
LEU HD23 H N N 203 
LEU HXT  H N N 204 
LYS N    N N N 205 
LYS CA   C N S 206 
LYS C    C N N 207 
LYS O    O N N 208 
LYS CB   C N N 209 
LYS CG   C N N 210 
LYS CD   C N N 211 
LYS CE   C N N 212 
LYS NZ   N N N 213 
LYS OXT  O N N 214 
LYS H    H N N 215 
LYS H2   H N N 216 
LYS HA   H N N 217 
LYS HB2  H N N 218 
LYS HB3  H N N 219 
LYS HG2  H N N 220 
LYS HG3  H N N 221 
LYS HD2  H N N 222 
LYS HD3  H N N 223 
LYS HE2  H N N 224 
LYS HE3  H N N 225 
LYS HZ1  H N N 226 
LYS HZ2  H N N 227 
LYS HZ3  H N N 228 
LYS HXT  H N N 229 
MET N    N N N 230 
MET CA   C N S 231 
MET C    C N N 232 
MET O    O N N 233 
MET CB   C N N 234 
MET CG   C N N 235 
MET SD   S N N 236 
MET CE   C N N 237 
MET OXT  O N N 238 
MET H    H N N 239 
MET H2   H N N 240 
MET HA   H N N 241 
MET HB2  H N N 242 
MET HB3  H N N 243 
MET HG2  H N N 244 
MET HG3  H N N 245 
MET HE1  H N N 246 
MET HE2  H N N 247 
MET HE3  H N N 248 
MET HXT  H N N 249 
PHE N    N N N 250 
PHE CA   C N S 251 
PHE C    C N N 252 
PHE O    O N N 253 
PHE CB   C N N 254 
PHE CG   C Y N 255 
PHE CD1  C Y N 256 
PHE CD2  C Y N 257 
PHE CE1  C Y N 258 
PHE CE2  C Y N 259 
PHE CZ   C Y N 260 
PHE OXT  O N N 261 
PHE H    H N N 262 
PHE H2   H N N 263 
PHE HA   H N N 264 
PHE HB2  H N N 265 
PHE HB3  H N N 266 
PHE HD1  H N N 267 
PHE HD2  H N N 268 
PHE HE1  H N N 269 
PHE HE2  H N N 270 
PHE HZ   H N N 271 
PHE HXT  H N N 272 
PRO N    N N N 273 
PRO CA   C N S 274 
PRO C    C N N 275 
PRO O    O N N 276 
PRO CB   C N N 277 
PRO CG   C N N 278 
PRO CD   C N N 279 
PRO OXT  O N N 280 
PRO H    H N N 281 
PRO HA   H N N 282 
PRO HB2  H N N 283 
PRO HB3  H N N 284 
PRO HG2  H N N 285 
PRO HG3  H N N 286 
PRO HD2  H N N 287 
PRO HD3  H N N 288 
PRO HXT  H N N 289 
SER N    N N N 290 
SER CA   C N S 291 
SER C    C N N 292 
SER O    O N N 293 
SER CB   C N N 294 
SER OG   O N N 295 
SER OXT  O N N 296 
SER H    H N N 297 
SER H2   H N N 298 
SER HA   H N N 299 
SER HB2  H N N 300 
SER HB3  H N N 301 
SER HG   H N N 302 
SER HXT  H N N 303 
THR N    N N N 304 
THR CA   C N S 305 
THR C    C N N 306 
THR O    O N N 307 
THR CB   C N R 308 
THR OG1  O N N 309 
THR CG2  C N N 310 
THR OXT  O N N 311 
THR H    H N N 312 
THR H2   H N N 313 
THR HA   H N N 314 
THR HB   H N N 315 
THR HG1  H N N 316 
THR HG21 H N N 317 
THR HG22 H N N 318 
THR HG23 H N N 319 
THR HXT  H N N 320 
TRP N    N N N 321 
TRP CA   C N S 322 
TRP C    C N N 323 
TRP O    O N N 324 
TRP CB   C N N 325 
TRP CG   C Y N 326 
TRP CD1  C Y N 327 
TRP CD2  C Y N 328 
TRP NE1  N Y N 329 
TRP CE2  C Y N 330 
TRP CE3  C Y N 331 
TRP CZ2  C Y N 332 
TRP CZ3  C Y N 333 
TRP CH2  C Y N 334 
TRP OXT  O N N 335 
TRP H    H N N 336 
TRP H2   H N N 337 
TRP HA   H N N 338 
TRP HB2  H N N 339 
TRP HB3  H N N 340 
TRP HD1  H N N 341 
TRP HE1  H N N 342 
TRP HE3  H N N 343 
TRP HZ2  H N N 344 
TRP HZ3  H N N 345 
TRP HH2  H N N 346 
TRP HXT  H N N 347 
TYR N    N N N 348 
TYR CA   C N S 349 
TYR C    C N N 350 
TYR O    O N N 351 
TYR CB   C N N 352 
TYR CG   C Y N 353 
TYR CD1  C Y N 354 
TYR CD2  C Y N 355 
TYR CE1  C Y N 356 
TYR CE2  C Y N 357 
TYR CZ   C Y N 358 
TYR OH   O N N 359 
TYR OXT  O N N 360 
TYR H    H N N 361 
TYR H2   H N N 362 
TYR HA   H N N 363 
TYR HB2  H N N 364 
TYR HB3  H N N 365 
TYR HD1  H N N 366 
TYR HD2  H N N 367 
TYR HE1  H N N 368 
TYR HE2  H N N 369 
TYR HH   H N N 370 
TYR HXT  H N N 371 
VAL N    N N N 372 
VAL CA   C N S 373 
VAL C    C N N 374 
VAL O    O N N 375 
VAL CB   C N N 376 
VAL CG1  C N N 377 
VAL CG2  C N N 378 
VAL OXT  O N N 379 
VAL H    H N N 380 
VAL H2   H N N 381 
VAL HA   H N N 382 
VAL HB   H N N 383 
VAL HG11 H N N 384 
VAL HG12 H N N 385 
VAL HG13 H N N 386 
VAL HG21 H N N 387 
VAL HG22 H N N 388 
VAL HG23 H N N 389 
VAL HXT  H N N 390 
# 
loop_
_chem_comp_bond.comp_id 
_chem_comp_bond.atom_id_1 
_chem_comp_bond.atom_id_2 
_chem_comp_bond.value_order 
_chem_comp_bond.pdbx_aromatic_flag 
_chem_comp_bond.pdbx_stereo_config 
_chem_comp_bond.pdbx_ordinal 
ALA N   CA   sing N N 1   
ALA N   H    sing N N 2   
ALA N   H2   sing N N 3   
ALA CA  C    sing N N 4   
ALA CA  CB   sing N N 5   
ALA CA  HA   sing N N 6   
ALA C   O    doub N N 7   
ALA C   OXT  sing N N 8   
ALA CB  HB1  sing N N 9   
ALA CB  HB2  sing N N 10  
ALA CB  HB3  sing N N 11  
ALA OXT HXT  sing N N 12  
ARG N   CA   sing N N 13  
ARG N   H    sing N N 14  
ARG N   H2   sing N N 15  
ARG CA  C    sing N N 16  
ARG CA  CB   sing N N 17  
ARG CA  HA   sing N N 18  
ARG C   O    doub N N 19  
ARG C   OXT  sing N N 20  
ARG CB  CG   sing N N 21  
ARG CB  HB2  sing N N 22  
ARG CB  HB3  sing N N 23  
ARG CG  CD   sing N N 24  
ARG CG  HG2  sing N N 25  
ARG CG  HG3  sing N N 26  
ARG CD  NE   sing N N 27  
ARG CD  HD2  sing N N 28  
ARG CD  HD3  sing N N 29  
ARG NE  CZ   sing N N 30  
ARG NE  HE   sing N N 31  
ARG CZ  NH1  sing N N 32  
ARG CZ  NH2  doub N N 33  
ARG NH1 HH11 sing N N 34  
ARG NH1 HH12 sing N N 35  
ARG NH2 HH21 sing N N 36  
ARG NH2 HH22 sing N N 37  
ARG OXT HXT  sing N N 38  
ASN N   CA   sing N N 39  
ASN N   H    sing N N 40  
ASN N   H2   sing N N 41  
ASN CA  C    sing N N 42  
ASN CA  CB   sing N N 43  
ASN CA  HA   sing N N 44  
ASN C   O    doub N N 45  
ASN C   OXT  sing N N 46  
ASN CB  CG   sing N N 47  
ASN CB  HB2  sing N N 48  
ASN CB  HB3  sing N N 49  
ASN CG  OD1  doub N N 50  
ASN CG  ND2  sing N N 51  
ASN ND2 HD21 sing N N 52  
ASN ND2 HD22 sing N N 53  
ASN OXT HXT  sing N N 54  
ASP N   CA   sing N N 55  
ASP N   H    sing N N 56  
ASP N   H2   sing N N 57  
ASP CA  C    sing N N 58  
ASP CA  CB   sing N N 59  
ASP CA  HA   sing N N 60  
ASP C   O    doub N N 61  
ASP C   OXT  sing N N 62  
ASP CB  CG   sing N N 63  
ASP CB  HB2  sing N N 64  
ASP CB  HB3  sing N N 65  
ASP CG  OD1  doub N N 66  
ASP CG  OD2  sing N N 67  
ASP OD2 HD2  sing N N 68  
ASP OXT HXT  sing N N 69  
CYS N   CA   sing N N 70  
CYS N   H    sing N N 71  
CYS N   H2   sing N N 72  
CYS CA  C    sing N N 73  
CYS CA  CB   sing N N 74  
CYS CA  HA   sing N N 75  
CYS C   O    doub N N 76  
CYS C   OXT  sing N N 77  
CYS CB  SG   sing N N 78  
CYS CB  HB2  sing N N 79  
CYS CB  HB3  sing N N 80  
CYS SG  HG   sing N N 81  
CYS OXT HXT  sing N N 82  
GLN N   CA   sing N N 83  
GLN N   H    sing N N 84  
GLN N   H2   sing N N 85  
GLN CA  C    sing N N 86  
GLN CA  CB   sing N N 87  
GLN CA  HA   sing N N 88  
GLN C   O    doub N N 89  
GLN C   OXT  sing N N 90  
GLN CB  CG   sing N N 91  
GLN CB  HB2  sing N N 92  
GLN CB  HB3  sing N N 93  
GLN CG  CD   sing N N 94  
GLN CG  HG2  sing N N 95  
GLN CG  HG3  sing N N 96  
GLN CD  OE1  doub N N 97  
GLN CD  NE2  sing N N 98  
GLN NE2 HE21 sing N N 99  
GLN NE2 HE22 sing N N 100 
GLN OXT HXT  sing N N 101 
GLU N   CA   sing N N 102 
GLU N   H    sing N N 103 
GLU N   H2   sing N N 104 
GLU CA  C    sing N N 105 
GLU CA  CB   sing N N 106 
GLU CA  HA   sing N N 107 
GLU C   O    doub N N 108 
GLU C   OXT  sing N N 109 
GLU CB  CG   sing N N 110 
GLU CB  HB2  sing N N 111 
GLU CB  HB3  sing N N 112 
GLU CG  CD   sing N N 113 
GLU CG  HG2  sing N N 114 
GLU CG  HG3  sing N N 115 
GLU CD  OE1  doub N N 116 
GLU CD  OE2  sing N N 117 
GLU OE2 HE2  sing N N 118 
GLU OXT HXT  sing N N 119 
GLY N   CA   sing N N 120 
GLY N   H    sing N N 121 
GLY N   H2   sing N N 122 
GLY CA  C    sing N N 123 
GLY CA  HA2  sing N N 124 
GLY CA  HA3  sing N N 125 
GLY C   O    doub N N 126 
GLY C   OXT  sing N N 127 
GLY OXT HXT  sing N N 128 
HIS N   CA   sing N N 129 
HIS N   H    sing N N 130 
HIS N   H2   sing N N 131 
HIS CA  C    sing N N 132 
HIS CA  CB   sing N N 133 
HIS CA  HA   sing N N 134 
HIS C   O    doub N N 135 
HIS C   OXT  sing N N 136 
HIS CB  CG   sing N N 137 
HIS CB  HB2  sing N N 138 
HIS CB  HB3  sing N N 139 
HIS CG  ND1  sing Y N 140 
HIS CG  CD2  doub Y N 141 
HIS ND1 CE1  doub Y N 142 
HIS ND1 HD1  sing N N 143 
HIS CD2 NE2  sing Y N 144 
HIS CD2 HD2  sing N N 145 
HIS CE1 NE2  sing Y N 146 
HIS CE1 HE1  sing N N 147 
HIS NE2 HE2  sing N N 148 
HIS OXT HXT  sing N N 149 
HOH O   H1   sing N N 150 
HOH O   H2   sing N N 151 
ILE N   CA   sing N N 152 
ILE N   H    sing N N 153 
ILE N   H2   sing N N 154 
ILE CA  C    sing N N 155 
ILE CA  CB   sing N N 156 
ILE CA  HA   sing N N 157 
ILE C   O    doub N N 158 
ILE C   OXT  sing N N 159 
ILE CB  CG1  sing N N 160 
ILE CB  CG2  sing N N 161 
ILE CB  HB   sing N N 162 
ILE CG1 CD1  sing N N 163 
ILE CG1 HG12 sing N N 164 
ILE CG1 HG13 sing N N 165 
ILE CG2 HG21 sing N N 166 
ILE CG2 HG22 sing N N 167 
ILE CG2 HG23 sing N N 168 
ILE CD1 HD11 sing N N 169 
ILE CD1 HD12 sing N N 170 
ILE CD1 HD13 sing N N 171 
ILE OXT HXT  sing N N 172 
LEU N   CA   sing N N 173 
LEU N   H    sing N N 174 
LEU N   H2   sing N N 175 
LEU CA  C    sing N N 176 
LEU CA  CB   sing N N 177 
LEU CA  HA   sing N N 178 
LEU C   O    doub N N 179 
LEU C   OXT  sing N N 180 
LEU CB  CG   sing N N 181 
LEU CB  HB2  sing N N 182 
LEU CB  HB3  sing N N 183 
LEU CG  CD1  sing N N 184 
LEU CG  CD2  sing N N 185 
LEU CG  HG   sing N N 186 
LEU CD1 HD11 sing N N 187 
LEU CD1 HD12 sing N N 188 
LEU CD1 HD13 sing N N 189 
LEU CD2 HD21 sing N N 190 
LEU CD2 HD22 sing N N 191 
LEU CD2 HD23 sing N N 192 
LEU OXT HXT  sing N N 193 
LYS N   CA   sing N N 194 
LYS N   H    sing N N 195 
LYS N   H2   sing N N 196 
LYS CA  C    sing N N 197 
LYS CA  CB   sing N N 198 
LYS CA  HA   sing N N 199 
LYS C   O    doub N N 200 
LYS C   OXT  sing N N 201 
LYS CB  CG   sing N N 202 
LYS CB  HB2  sing N N 203 
LYS CB  HB3  sing N N 204 
LYS CG  CD   sing N N 205 
LYS CG  HG2  sing N N 206 
LYS CG  HG3  sing N N 207 
LYS CD  CE   sing N N 208 
LYS CD  HD2  sing N N 209 
LYS CD  HD3  sing N N 210 
LYS CE  NZ   sing N N 211 
LYS CE  HE2  sing N N 212 
LYS CE  HE3  sing N N 213 
LYS NZ  HZ1  sing N N 214 
LYS NZ  HZ2  sing N N 215 
LYS NZ  HZ3  sing N N 216 
LYS OXT HXT  sing N N 217 
MET N   CA   sing N N 218 
MET N   H    sing N N 219 
MET N   H2   sing N N 220 
MET CA  C    sing N N 221 
MET CA  CB   sing N N 222 
MET CA  HA   sing N N 223 
MET C   O    doub N N 224 
MET C   OXT  sing N N 225 
MET CB  CG   sing N N 226 
MET CB  HB2  sing N N 227 
MET CB  HB3  sing N N 228 
MET CG  SD   sing N N 229 
MET CG  HG2  sing N N 230 
MET CG  HG3  sing N N 231 
MET SD  CE   sing N N 232 
MET CE  HE1  sing N N 233 
MET CE  HE2  sing N N 234 
MET CE  HE3  sing N N 235 
MET OXT HXT  sing N N 236 
PHE N   CA   sing N N 237 
PHE N   H    sing N N 238 
PHE N   H2   sing N N 239 
PHE CA  C    sing N N 240 
PHE CA  CB   sing N N 241 
PHE CA  HA   sing N N 242 
PHE C   O    doub N N 243 
PHE C   OXT  sing N N 244 
PHE CB  CG   sing N N 245 
PHE CB  HB2  sing N N 246 
PHE CB  HB3  sing N N 247 
PHE CG  CD1  doub Y N 248 
PHE CG  CD2  sing Y N 249 
PHE CD1 CE1  sing Y N 250 
PHE CD1 HD1  sing N N 251 
PHE CD2 CE2  doub Y N 252 
PHE CD2 HD2  sing N N 253 
PHE CE1 CZ   doub Y N 254 
PHE CE1 HE1  sing N N 255 
PHE CE2 CZ   sing Y N 256 
PHE CE2 HE2  sing N N 257 
PHE CZ  HZ   sing N N 258 
PHE OXT HXT  sing N N 259 
PRO N   CA   sing N N 260 
PRO N   CD   sing N N 261 
PRO N   H    sing N N 262 
PRO CA  C    sing N N 263 
PRO CA  CB   sing N N 264 
PRO CA  HA   sing N N 265 
PRO C   O    doub N N 266 
PRO C   OXT  sing N N 267 
PRO CB  CG   sing N N 268 
PRO CB  HB2  sing N N 269 
PRO CB  HB3  sing N N 270 
PRO CG  CD   sing N N 271 
PRO CG  HG2  sing N N 272 
PRO CG  HG3  sing N N 273 
PRO CD  HD2  sing N N 274 
PRO CD  HD3  sing N N 275 
PRO OXT HXT  sing N N 276 
SER N   CA   sing N N 277 
SER N   H    sing N N 278 
SER N   H2   sing N N 279 
SER CA  C    sing N N 280 
SER CA  CB   sing N N 281 
SER CA  HA   sing N N 282 
SER C   O    doub N N 283 
SER C   OXT  sing N N 284 
SER CB  OG   sing N N 285 
SER CB  HB2  sing N N 286 
SER CB  HB3  sing N N 287 
SER OG  HG   sing N N 288 
SER OXT HXT  sing N N 289 
THR N   CA   sing N N 290 
THR N   H    sing N N 291 
THR N   H2   sing N N 292 
THR CA  C    sing N N 293 
THR CA  CB   sing N N 294 
THR CA  HA   sing N N 295 
THR C   O    doub N N 296 
THR C   OXT  sing N N 297 
THR CB  OG1  sing N N 298 
THR CB  CG2  sing N N 299 
THR CB  HB   sing N N 300 
THR OG1 HG1  sing N N 301 
THR CG2 HG21 sing N N 302 
THR CG2 HG22 sing N N 303 
THR CG2 HG23 sing N N 304 
THR OXT HXT  sing N N 305 
TRP N   CA   sing N N 306 
TRP N   H    sing N N 307 
TRP N   H2   sing N N 308 
TRP CA  C    sing N N 309 
TRP CA  CB   sing N N 310 
TRP CA  HA   sing N N 311 
TRP C   O    doub N N 312 
TRP C   OXT  sing N N 313 
TRP CB  CG   sing N N 314 
TRP CB  HB2  sing N N 315 
TRP CB  HB3  sing N N 316 
TRP CG  CD1  doub Y N 317 
TRP CG  CD2  sing Y N 318 
TRP CD1 NE1  sing Y N 319 
TRP CD1 HD1  sing N N 320 
TRP CD2 CE2  doub Y N 321 
TRP CD2 CE3  sing Y N 322 
TRP NE1 CE2  sing Y N 323 
TRP NE1 HE1  sing N N 324 
TRP CE2 CZ2  sing Y N 325 
TRP CE3 CZ3  doub Y N 326 
TRP CE3 HE3  sing N N 327 
TRP CZ2 CH2  doub Y N 328 
TRP CZ2 HZ2  sing N N 329 
TRP CZ3 CH2  sing Y N 330 
TRP CZ3 HZ3  sing N N 331 
TRP CH2 HH2  sing N N 332 
TRP OXT HXT  sing N N 333 
TYR N   CA   sing N N 334 
TYR N   H    sing N N 335 
TYR N   H2   sing N N 336 
TYR CA  C    sing N N 337 
TYR CA  CB   sing N N 338 
TYR CA  HA   sing N N 339 
TYR C   O    doub N N 340 
TYR C   OXT  sing N N 341 
TYR CB  CG   sing N N 342 
TYR CB  HB2  sing N N 343 
TYR CB  HB3  sing N N 344 
TYR CG  CD1  doub Y N 345 
TYR CG  CD2  sing Y N 346 
TYR CD1 CE1  sing Y N 347 
TYR CD1 HD1  sing N N 348 
TYR CD2 CE2  doub Y N 349 
TYR CD2 HD2  sing N N 350 
TYR CE1 CZ   doub Y N 351 
TYR CE1 HE1  sing N N 352 
TYR CE2 CZ   sing Y N 353 
TYR CE2 HE2  sing N N 354 
TYR CZ  OH   sing N N 355 
TYR OH  HH   sing N N 356 
TYR OXT HXT  sing N N 357 
VAL N   CA   sing N N 358 
VAL N   H    sing N N 359 
VAL N   H2   sing N N 360 
VAL CA  C    sing N N 361 
VAL CA  CB   sing N N 362 
VAL CA  HA   sing N N 363 
VAL C   O    doub N N 364 
VAL C   OXT  sing N N 365 
VAL CB  CG1  sing N N 366 
VAL CB  CG2  sing N N 367 
VAL CB  HB   sing N N 368 
VAL CG1 HG11 sing N N 369 
VAL CG1 HG12 sing N N 370 
VAL CG1 HG13 sing N N 371 
VAL CG2 HG21 sing N N 372 
VAL CG2 HG22 sing N N 373 
VAL CG2 HG23 sing N N 374 
VAL OXT HXT  sing N N 375 
# 
_atom_sites.entry_id                    3P2F 
_atom_sites.fract_transf_matrix[1][1]   -0.01695103 
_atom_sites.fract_transf_matrix[1][2]   0.00293357 
_atom_sites.fract_transf_matrix[1][3]   0.00322787 
_atom_sites.fract_transf_matrix[2][1]   -0.01155978 
_atom_sites.fract_transf_matrix[2][2]   -0.01307104 
_atom_sites.fract_transf_matrix[2][3]   -0.00136906 
_atom_sites.fract_transf_matrix[3][1]   0.00137342 
_atom_sites.fract_transf_matrix[3][2]   -0.00217732 
_atom_sites.fract_transf_matrix[3][3]   0.00919130 
_atom_sites.fract_transf_vector[1]      1.298843 
_atom_sites.fract_transf_vector[2]      1.709119 
_atom_sites.fract_transf_vector[3]      -0.381824 
# 
loop_
_atom_type.symbol 
C 
N 
O 
S 
# 
loop_
_atom_site.group_PDB 
_atom_site.id 
_atom_site.type_symbol 
_atom_site.label_atom_id 
_atom_site.label_alt_id 
_atom_site.label_comp_id 
_atom_site.label_asym_id 
_atom_site.label_entity_id 
_atom_site.label_seq_id 
_atom_site.pdbx_PDB_ins_code 
_atom_site.Cartn_x 
_atom_site.Cartn_y 
_atom_site.Cartn_z 
_atom_site.occupancy 
_atom_site.B_iso_or_equiv 
_atom_site.pdbx_formal_charge 
_atom_site.auth_seq_id 
_atom_site.auth_comp_id 
_atom_site.auth_asym_id 
_atom_site.auth_atom_id 
_atom_site.pdbx_PDB_model_num 
ATOM   1    N N   . MET A 1 1   ? -12.784 8.321   -8.452  1.00 29.05 ? 1   MET A N   1 
ATOM   2    C CA  . MET A 1 1   ? -11.463 8.993   -8.605  1.00 27.60 ? 1   MET A CA  1 
ATOM   3    C C   . MET A 1 1   ? -10.718 8.422   -9.803  1.00 26.28 ? 1   MET A C   1 
ATOM   4    O O   . MET A 1 1   ? -11.218 7.545   -10.498 1.00 26.81 ? 1   MET A O   1 
ATOM   5    C CB  . MET A 1 1   ? -10.606 8.783   -7.354  1.00 29.24 ? 1   MET A CB  1 
ATOM   6    C CG  . MET A 1 1   ? -10.197 7.333   -7.139  1.00 30.35 ? 1   MET A CG  1 
ATOM   7    S SD  . MET A 1 1   ? -8.886  7.142   -5.917  1.00 30.96 ? 1   MET A SD  1 
ATOM   8    C CE  . MET A 1 1   ? -9.805  7.265   -4.396  1.00 28.26 ? 1   MET A CE  1 
ATOM   9    N N   . GLN A 1 2   ? -9.512  8.930   -10.026 1.00 25.32 ? 2   GLN A N   1 
ATOM   10   C CA  . GLN A 1 2   ? -8.667  8.482   -11.124 1.00 23.61 ? 2   GLN A CA  1 
ATOM   11   C C   . GLN A 1 2   ? -7.313  8.138   -10.503 1.00 21.71 ? 2   GLN A C   1 
ATOM   12   O O   . GLN A 1 2   ? -6.828  8.856   -9.624  1.00 21.28 ? 2   GLN A O   1 
ATOM   13   C CB  . GLN A 1 2   ? -8.543  9.609   -12.156 1.00 25.83 ? 2   GLN A CB  1 
ATOM   14   C CG  . GLN A 1 2   ? -7.965  9.197   -13.498 1.00 29.60 ? 2   GLN A CG  1 
ATOM   15   C CD  . GLN A 1 2   ? -8.327  10.175  -14.618 1.00 31.54 ? 2   GLN A CD  1 
ATOM   16   O OE1 . GLN A 1 2   ? -8.171  11.389  -14.472 1.00 33.00 ? 2   GLN A OE1 1 
ATOM   17   N NE2 . GLN A 1 2   ? -8.803  9.643   -15.744 1.00 27.63 ? 2   GLN A NE2 1 
ATOM   18   N N   . THR A 1 3   ? -6.704  7.038   -10.935 1.00 19.59 ? 3   THR A N   1 
ATOM   19   C CA  . THR A 1 3   ? -5.422  6.644   -10.364 1.00 17.79 ? 3   THR A CA  1 
ATOM   20   C C   . THR A 1 3   ? -4.213  6.927   -11.240 1.00 17.32 ? 3   THR A C   1 
ATOM   21   O O   . THR A 1 3   ? -4.284  6.864   -12.471 1.00 16.48 ? 3   THR A O   1 
ATOM   22   C CB  . THR A 1 3   ? -5.421  5.155   -9.972  1.00 17.95 ? 3   THR A CB  1 
ATOM   23   O OG1 . THR A 1 3   ? -5.752  4.353   -11.113 1.00 17.07 ? 3   THR A OG1 1 
ATOM   24   C CG2 . THR A 1 3   ? -6.440  4.905   -8.857  1.00 16.89 ? 3   THR A CG2 1 
ATOM   25   N N   . PHE A 1 4   ? -3.100  7.238   -10.577 1.00 15.57 ? 4   PHE A N   1 
ATOM   26   C CA  . PHE A 1 4   ? -1.848  7.563   -11.241 1.00 14.78 ? 4   PHE A CA  1 
ATOM   27   C C   . PHE A 1 4   ? -0.698  6.809   -10.584 1.00 16.36 ? 4   PHE A C   1 
ATOM   28   O O   . PHE A 1 4   ? -0.409  7.002   -9.401  1.00 16.03 ? 4   PHE A O   1 
ATOM   29   C CB  . PHE A 1 4   ? -1.583  9.072   -11.159 1.00 13.16 ? 4   PHE A CB  1 
ATOM   30   C CG  . PHE A 1 4   ? -2.688  9.912   -11.729 1.00 13.33 ? 4   PHE A CG  1 
ATOM   31   C CD1 . PHE A 1 4   ? -3.907  10.032  -11.062 1.00 13.73 ? 4   PHE A CD1 1 
ATOM   32   C CD2 . PHE A 1 4   ? -2.525  10.561  -12.950 1.00 14.02 ? 4   PHE A CD2 1 
ATOM   33   C CE1 . PHE A 1 4   ? -4.949  10.785  -11.604 1.00 14.73 ? 4   PHE A CE1 1 
ATOM   34   C CE2 . PHE A 1 4   ? -3.565  11.319  -13.504 1.00 12.79 ? 4   PHE A CE2 1 
ATOM   35   C CZ  . PHE A 1 4   ? -4.777  11.431  -12.829 1.00 12.97 ? 4   PHE A CZ  1 
ATOM   36   N N   . VAL A 1 5   ? -0.043  5.946   -11.350 1.00 15.56 ? 5   VAL A N   1 
ATOM   37   C CA  . VAL A 1 5   ? 1.066   5.181   -10.815 1.00 17.34 ? 5   VAL A CA  1 
ATOM   38   C C   . VAL A 1 5   ? 2.370   5.799   -11.290 1.00 16.80 ? 5   VAL A C   1 
ATOM   39   O O   . VAL A 1 5   ? 2.572   5.969   -12.490 1.00 15.45 ? 5   VAL A O   1 
ATOM   40   C CB  . VAL A 1 5   ? 0.994   3.710   -11.265 1.00 18.22 ? 5   VAL A CB  1 
ATOM   41   C CG1 . VAL A 1 5   ? 2.166   2.931   -10.694 1.00 17.64 ? 5   VAL A CG1 1 
ATOM   42   C CG2 . VAL A 1 5   ? -0.321  3.102   -10.799 1.00 19.68 ? 5   VAL A CG2 1 
ATOM   43   N N   . HIS A 1 6   ? 3.229   6.151   -10.331 1.00 15.43 ? 6   HIS A N   1 
ATOM   44   C CA  . HIS A 1 6   ? 4.528   6.757   -10.600 1.00 16.33 ? 6   HIS A CA  1 
ATOM   45   C C   . HIS A 1 6   ? 5.625   5.747   -10.286 1.00 16.82 ? 6   HIS A C   1 
ATOM   46   O O   . HIS A 1 6   ? 5.748   5.284   -9.157  1.00 16.62 ? 6   HIS A O   1 
ATOM   47   C CB  . HIS A 1 6   ? 4.720   8.003   -9.733  1.00 15.37 ? 6   HIS A CB  1 
ATOM   48   C CG  . HIS A 1 6   ? 3.772   9.119   -10.048 1.00 17.09 ? 6   HIS A CG  1 
ATOM   49   N ND1 . HIS A 1 6   ? 3.963   9.987   -11.104 1.00 17.25 ? 6   HIS A ND1 1 
ATOM   50   C CD2 . HIS A 1 6   ? 2.620   9.506   -9.450  1.00 17.27 ? 6   HIS A CD2 1 
ATOM   51   C CE1 . HIS A 1 6   ? 2.973   10.860  -11.140 1.00 15.05 ? 6   HIS A CE1 1 
ATOM   52   N NE2 . HIS A 1 6   ? 2.144   10.591  -10.147 1.00 17.29 ? 6   HIS A NE2 1 
ATOM   53   N N   . GLU A 1 7   ? 6.420   5.400   -11.290 1.00 19.38 ? 7   GLU A N   1 
ATOM   54   C CA  . GLU A 1 7   ? 7.499   4.435   -11.093 1.00 23.73 ? 7   GLU A CA  1 
ATOM   55   C C   . GLU A 1 7   ? 8.648   4.666   -12.070 1.00 23.47 ? 7   GLU A C   1 
ATOM   56   O O   . GLU A 1 7   ? 9.280   3.720   -12.526 1.00 25.45 ? 7   GLU A O   1 
ATOM   57   C CB  . GLU A 1 7   ? 6.949   3.011   -11.260 1.00 25.80 ? 7   GLU A CB  1 
ATOM   58   C CG  . GLU A 1 7   ? 6.173   2.791   -12.556 1.00 29.46 ? 7   GLU A CG  1 
ATOM   59   C CD  . GLU A 1 7   ? 5.480   1.435   -12.617 1.00 33.27 ? 7   GLU A CD  1 
ATOM   60   O OE1 . GLU A 1 7   ? 4.636   1.234   -13.518 1.00 33.07 ? 7   GLU A OE1 1 
ATOM   61   O OE2 . GLU A 1 7   ? 5.782   0.567   -11.770 1.00 36.23 ? 7   GLU A OE2 1 
ATOM   62   N N   . ALA A 1 8   ? 8.918   5.925   -12.386 1.00 24.59 ? 8   ALA A N   1 
ATOM   63   C CA  . ALA A 1 8   ? 9.983   6.271   -13.323 1.00 24.60 ? 8   ALA A CA  1 
ATOM   64   C C   . ALA A 1 8   ? 11.207  6.827   -12.601 1.00 25.64 ? 8   ALA A C   1 
ATOM   65   O O   . ALA A 1 8   ? 11.984  7.597   -13.171 1.00 26.51 ? 8   ALA A O   1 
ATOM   66   C CB  . ALA A 1 8   ? 9.467   7.292   -14.328 1.00 23.57 ? 8   ALA A CB  1 
ATOM   67   N N   . GLY A 1 9   ? 11.384  6.430   -11.346 1.00 25.57 ? 9   GLY A N   1 
ATOM   68   C CA  . GLY A 1 9   ? 12.512  6.926   -10.583 1.00 23.96 ? 9   GLY A CA  1 
ATOM   69   C C   . GLY A 1 9   ? 12.092  8.096   -9.714  1.00 24.05 ? 9   GLY A C   1 
ATOM   70   O O   . GLY A 1 9   ? 10.923  8.206   -9.345  1.00 22.75 ? 9   GLY A O   1 
ATOM   71   N N   . ARG A 1 10  ? 13.041  8.972   -9.394  1.00 23.44 ? 10  ARG A N   1 
ATOM   72   C CA  . ARG A 1 10  ? 12.774  10.132  -8.551  1.00 24.70 ? 10  ARG A CA  1 
ATOM   73   C C   . ARG A 1 10  ? 11.577  10.970  -9.010  1.00 25.51 ? 10  ARG A C   1 
ATOM   74   O O   . ARG A 1 10  ? 11.518  11.435  -10.152 1.00 26.17 ? 10  ARG A O   1 
ATOM   75   C CB  . ARG A 1 10  ? 14.017  11.021  -8.471  1.00 24.53 ? 10  ARG A CB  1 
ATOM   76   C CG  . ARG A 1 10  ? 13.873  12.179  -7.491  1.00 25.29 ? 10  ARG A CG  1 
ATOM   77   C CD  . ARG A 1 10  ? 15.167  12.956  -7.380  1.00 25.63 ? 10  ARG A CD  1 
ATOM   78   N NE  . ARG A 1 10  ? 16.277  12.067  -7.063  1.00 27.25 ? 10  ARG A NE  1 
ATOM   79   C CZ  . ARG A 1 10  ? 17.540  12.455  -6.947  1.00 26.22 ? 10  ARG A CZ  1 
ATOM   80   N NH1 . ARG A 1 10  ? 17.866  13.729  -7.120  1.00 26.67 ? 10  ARG A NH1 1 
ATOM   81   N NH2 . ARG A 1 10  ? 18.481  11.564  -6.664  1.00 25.68 ? 10  ARG A NH2 1 
ATOM   82   N N   . LEU A 1 11  ? 10.627  11.159  -8.098  1.00 25.75 ? 11  LEU A N   1 
ATOM   83   C CA  . LEU A 1 11  ? 9.421   11.933  -8.371  1.00 25.50 ? 11  LEU A CA  1 
ATOM   84   C C   . LEU A 1 11  ? 9.706   13.370  -8.778  1.00 24.72 ? 11  LEU A C   1 
ATOM   85   O O   . LEU A 1 11  ? 10.626  14.003  -8.261  1.00 26.71 ? 11  LEU A O   1 
ATOM   86   C CB  . LEU A 1 11  ? 8.528   11.973  -7.129  1.00 24.89 ? 11  LEU A CB  1 
ATOM   87   C CG  . LEU A 1 11  ? 7.722   10.737  -6.739  1.00 24.45 ? 11  LEU A CG  1 
ATOM   88   C CD1 . LEU A 1 11  ? 6.955   11.023  -5.451  1.00 25.21 ? 11  LEU A CD1 1 
ATOM   89   C CD2 . LEU A 1 11  ? 6.761   10.385  -7.867  1.00 24.34 ? 11  LEU A CD2 1 
ATOM   90   N N   . PRO A 1 12  ? 8.929   13.903  -9.729  1.00 24.22 ? 12  PRO A N   1 
ATOM   91   C CA  . PRO A 1 12  ? 9.172   15.292  -10.123 1.00 23.69 ? 12  PRO A CA  1 
ATOM   92   C C   . PRO A 1 12  ? 8.957   16.099  -8.836  1.00 24.12 ? 12  PRO A C   1 
ATOM   93   O O   . PRO A 1 12  ? 8.132   15.719  -7.999  1.00 23.44 ? 12  PRO A O   1 
ATOM   94   C CB  . PRO A 1 12  ? 8.082   15.548  -11.156 1.00 22.40 ? 12  PRO A CB  1 
ATOM   95   C CG  . PRO A 1 12  ? 7.884   14.186  -11.773 1.00 23.84 ? 12  PRO A CG  1 
ATOM   96   C CD  . PRO A 1 12  ? 7.911   13.271  -10.586 1.00 24.36 ? 12  PRO A CD  1 
ATOM   97   N N   . ALA A 1 13  ? 9.687   17.197  -8.673  1.00 23.60 ? 13  ALA A N   1 
ATOM   98   C CA  . ALA A 1 13  ? 9.572   18.011  -7.467  1.00 21.95 ? 13  ALA A CA  1 
ATOM   99   C C   . ALA A 1 13  ? 8.147   18.419  -7.093  1.00 22.67 ? 13  ALA A C   1 
ATOM   100  O O   . ALA A 1 13  ? 7.773   18.345  -5.916  1.00 23.07 ? 13  ALA A O   1 
ATOM   101  C CB  . ALA A 1 13  ? 10.450  19.251  -7.590  1.00 20.56 ? 13  ALA A CB  1 
ATOM   102  N N   . HIS A 1 14  ? 7.350   18.851  -8.070  1.00 19.63 ? 14  HIS A N   1 
ATOM   103  C CA  . HIS A 1 14  ? 5.985   19.273  -7.759  1.00 20.68 ? 14  HIS A CA  1 
ATOM   104  C C   . HIS A 1 14  ? 5.082   18.136  -7.272  1.00 19.97 ? 14  HIS A C   1 
ATOM   105  O O   . HIS A 1 14  ? 4.130   18.366  -6.533  1.00 18.64 ? 14  HIS A O   1 
ATOM   106  C CB  . HIS A 1 14  ? 5.335   19.970  -8.964  1.00 21.37 ? 14  HIS A CB  1 
ATOM   107  C CG  . HIS A 1 14  ? 5.100   19.072  -10.137 1.00 23.09 ? 14  HIS A CG  1 
ATOM   108  N ND1 . HIS A 1 14  ? 6.119   18.605  -10.938 1.00 24.06 ? 14  HIS A ND1 1 
ATOM   109  C CD2 . HIS A 1 14  ? 3.955   18.559  -10.649 1.00 23.18 ? 14  HIS A CD2 1 
ATOM   110  C CE1 . HIS A 1 14  ? 5.614   17.845  -11.894 1.00 24.10 ? 14  HIS A CE1 1 
ATOM   111  N NE2 . HIS A 1 14  ? 4.302   17.801  -11.740 1.00 24.93 ? 14  HIS A NE2 1 
ATOM   112  N N   . ILE A 1 15  ? 5.387   16.909  -7.682  1.00 18.82 ? 15  ILE A N   1 
ATOM   113  C CA  . ILE A 1 15  ? 4.592   15.761  -7.273  1.00 19.24 ? 15  ILE A CA  1 
ATOM   114  C C   . ILE A 1 15  ? 4.956   15.378  -5.844  1.00 18.30 ? 15  ILE A C   1 
ATOM   115  O O   . ILE A 1 15  ? 4.083   15.079  -5.031  1.00 17.55 ? 15  ILE A O   1 
ATOM   116  C CB  . ILE A 1 15  ? 4.840   14.541  -8.198  1.00 20.69 ? 15  ILE A CB  1 
ATOM   117  C CG1 . ILE A 1 15  ? 4.398   14.866  -9.627  1.00 21.38 ? 15  ILE A CG1 1 
ATOM   118  C CG2 . ILE A 1 15  ? 4.097   13.319  -7.662  1.00 21.75 ? 15  ILE A CG2 1 
ATOM   119  C CD1 . ILE A 1 15  ? 2.906   15.058  -9.783  1.00 23.12 ? 15  ILE A CD1 1 
ATOM   120  N N   . ALA A 1 16  ? 6.248   15.392  -5.541  1.00 16.54 ? 16  ALA A N   1 
ATOM   121  C CA  . ALA A 1 16  ? 6.711   15.043  -4.205  1.00 17.49 ? 16  ALA A CA  1 
ATOM   122  C C   . ALA A 1 16  ? 6.142   15.988  -3.152  1.00 18.51 ? 16  ALA A C   1 
ATOM   123  O O   . ALA A 1 16  ? 5.762   15.560  -2.059  1.00 19.77 ? 16  ALA A O   1 
ATOM   124  C CB  . ALA A 1 16  ? 8.236   15.062  -4.154  1.00 16.34 ? 16  ALA A CB  1 
ATOM   125  N N   . ALA A 1 17  ? 6.077   17.273  -3.480  1.00 18.20 ? 17  ALA A N   1 
ATOM   126  C CA  . ALA A 1 17  ? 5.569   18.247  -2.525  1.00 18.85 ? 17  ALA A CA  1 
ATOM   127  C C   . ALA A 1 17  ? 4.079   18.020  -2.306  1.00 19.25 ? 17  ALA A C   1 
ATOM   128  O O   . ALA A 1 17  ? 3.585   18.104  -1.178  1.00 17.71 ? 17  ALA A O   1 
ATOM   129  C CB  . ALA A 1 17  ? 5.831   19.668  -3.029  1.00 18.39 ? 17  ALA A CB  1 
ATOM   130  N N   . GLU A 1 18  ? 3.373   17.708  -3.389  1.00 19.74 ? 18  GLU A N   1 
ATOM   131  C CA  . GLU A 1 18  ? 1.937   17.476  -3.312  1.00 19.88 ? 18  GLU A CA  1 
ATOM   132  C C   . GLU A 1 18  ? 1.626   16.225  -2.485  1.00 19.22 ? 18  GLU A C   1 
ATOM   133  O O   . GLU A 1 18  ? 0.796   16.262  -1.573  1.00 18.46 ? 18  GLU A O   1 
ATOM   134  C CB  . GLU A 1 18  ? 1.355   17.353  -4.719  1.00 21.97 ? 18  GLU A CB  1 
ATOM   135  C CG  . GLU A 1 18  ? -0.167  17.382  -4.774  1.00 24.43 ? 18  GLU A CG  1 
ATOM   136  C CD  . GLU A 1 18  ? -0.692  17.367  -6.196  1.00 27.26 ? 18  GLU A CD  1 
ATOM   137  O OE1 . GLU A 1 18  ? 0.058   16.933  -7.100  1.00 28.48 ? 18  GLU A OE1 1 
ATOM   138  O OE2 . GLU A 1 18  ? -1.852  17.777  -6.409  1.00 29.43 ? 18  GLU A OE2 1 
ATOM   139  N N   . LEU A 1 19  ? 2.301   15.123  -2.802  1.00 17.83 ? 19  LEU A N   1 
ATOM   140  C CA  . LEU A 1 19  ? 2.105   13.871  -2.079  1.00 17.75 ? 19  LEU A CA  1 
ATOM   141  C C   . LEU A 1 19  ? 2.510   14.055  -0.618  1.00 17.87 ? 19  LEU A C   1 
ATOM   142  O O   . LEU A 1 19  ? 1.830   13.579  0.295   1.00 16.56 ? 19  LEU A O   1 
ATOM   143  C CB  . LEU A 1 19  ? 2.944   12.755  -2.713  1.00 17.19 ? 19  LEU A CB  1 
ATOM   144  C CG  . LEU A 1 19  ? 3.036   11.443  -1.924  1.00 17.14 ? 19  LEU A CG  1 
ATOM   145  C CD1 . LEU A 1 19  ? 1.659   10.816  -1.789  1.00 14.98 ? 19  LEU A CD1 1 
ATOM   146  C CD2 . LEU A 1 19  ? 3.989   10.491  -2.633  1.00 17.43 ? 19  LEU A CD2 1 
ATOM   147  N N   . GLY A 1 20  ? 3.625   14.750  -0.413  1.00 18.93 ? 20  GLY A N   1 
ATOM   148  C CA  . GLY A 1 20  ? 4.107   15.006  0.931   1.00 19.34 ? 20  GLY A CA  1 
ATOM   149  C C   . GLY A 1 20  ? 3.059   15.715  1.771   1.00 20.01 ? 20  GLY A C   1 
ATOM   150  O O   . GLY A 1 20  ? 2.859   15.373  2.936   1.00 20.40 ? 20  GLY A O   1 
ATOM   151  N N   . SER A 1 21  ? 2.385   16.699  1.188   1.00 18.80 ? 21  SER A N   1 
ATOM   152  C CA  . SER A 1 21  ? 1.356   17.436  1.914   1.00 21.40 ? 21  SER A CA  1 
ATOM   153  C C   . SER A 1 21  ? 0.170   16.543  2.234   1.00 20.94 ? 21  SER A C   1 
ATOM   154  O O   . SER A 1 21  ? -0.326  16.534  3.365   1.00 19.32 ? 21  SER A O   1 
ATOM   155  C CB  . SER A 1 21  ? 0.865   18.636  1.102   1.00 21.90 ? 21  SER A CB  1 
ATOM   156  O OG  . SER A 1 21  ? 1.902   19.580  0.942   1.00 29.95 ? 21  SER A OG  1 
ATOM   157  N N   . TYR A 1 22  ? -0.298  15.806  1.230   1.00 19.63 ? 22  TYR A N   1 
ATOM   158  C CA  . TYR A 1 22  ? -1.426  14.920  1.443   1.00 18.36 ? 22  TYR A CA  1 
ATOM   159  C C   . TYR A 1 22  ? -1.085  13.915  2.537   1.00 18.57 ? 22  TYR A C   1 
ATOM   160  O O   . TYR A 1 22  ? -1.865  13.707  3.465   1.00 18.19 ? 22  TYR A O   1 
ATOM   161  C CB  . TYR A 1 22  ? -1.782  14.176  0.161   1.00 16.91 ? 22  TYR A CB  1 
ATOM   162  C CG  . TYR A 1 22  ? -2.930  13.201  0.332   1.00 16.77 ? 22  TYR A CG  1 
ATOM   163  C CD1 . TYR A 1 22  ? -4.253  13.646  0.368   1.00 16.35 ? 22  TYR A CD1 1 
ATOM   164  C CD2 . TYR A 1 22  ? -2.689  11.833  0.476   1.00 15.97 ? 22  TYR A CD2 1 
ATOM   165  C CE1 . TYR A 1 22  ? -5.313  12.752  0.547   1.00 16.97 ? 22  TYR A CE1 1 
ATOM   166  C CE2 . TYR A 1 22  ? -3.738  10.929  0.654   1.00 17.47 ? 22  TYR A CE2 1 
ATOM   167  C CZ  . TYR A 1 22  ? -5.046  11.396  0.690   1.00 16.29 ? 22  TYR A CZ  1 
ATOM   168  O OH  . TYR A 1 22  ? -6.080  10.506  0.872   1.00 15.27 ? 22  TYR A OH  1 
ATOM   169  N N   . ARG A 1 23  ? 0.084   13.295  2.439   1.00 17.46 ? 23  ARG A N   1 
ATOM   170  C CA  . ARG A 1 23  ? 0.467   12.317  3.449   1.00 18.60 ? 23  ARG A CA  1 
ATOM   171  C C   . ARG A 1 23  ? 0.574   12.947  4.836   1.00 18.73 ? 23  ARG A C   1 
ATOM   172  O O   . ARG A 1 23  ? 0.298   12.284  5.838   1.00 18.12 ? 23  ARG A O   1 
ATOM   173  C CB  . ARG A 1 23  ? 1.771   11.608  3.053   1.00 17.19 ? 23  ARG A CB  1 
ATOM   174  C CG  . ARG A 1 23  ? 1.547   10.507  2.012   1.00 18.84 ? 23  ARG A CG  1 
ATOM   175  C CD  . ARG A 1 23  ? 2.847   9.881   1.512   1.00 18.95 ? 23  ARG A CD  1 
ATOM   176  N NE  . ARG A 1 23  ? 3.717   9.471   2.610   1.00 20.45 ? 23  ARG A NE  1 
ATOM   177  C CZ  . ARG A 1 23  ? 4.921   8.932   2.450   1.00 19.37 ? 23  ARG A CZ  1 
ATOM   178  N NH1 . ARG A 1 23  ? 5.403   8.725   1.233   1.00 19.54 ? 23  ARG A NH1 1 
ATOM   179  N NH2 . ARG A 1 23  ? 5.657   8.633   3.510   1.00 19.85 ? 23  ARG A NH2 1 
ATOM   180  N N   . TYR A 1 24  ? 0.955   14.222  4.902   1.00 19.31 ? 24  TYR A N   1 
ATOM   181  C CA  . TYR A 1 24  ? 1.056   14.901  6.190   1.00 19.83 ? 24  TYR A CA  1 
ATOM   182  C C   . TYR A 1 24  ? -0.348  15.058  6.775   1.00 22.02 ? 24  TYR A C   1 
ATOM   183  O O   . TYR A 1 24  ? -0.589  14.722  7.936   1.00 21.07 ? 24  TYR A O   1 
ATOM   184  C CB  . TYR A 1 24  ? 1.691   16.289  6.052   1.00 21.01 ? 24  TYR A CB  1 
ATOM   185  C CG  . TYR A 1 24  ? 1.946   16.950  7.396   1.00 19.15 ? 24  TYR A CG  1 
ATOM   186  C CD1 . TYR A 1 24  ? 3.153   16.765  8.065   1.00 17.79 ? 24  TYR A CD1 1 
ATOM   187  C CD2 . TYR A 1 24  ? 0.947   17.691  8.031   1.00 18.09 ? 24  TYR A CD2 1 
ATOM   188  C CE1 . TYR A 1 24  ? 3.361   17.296  9.340   1.00 19.77 ? 24  TYR A CE1 1 
ATOM   189  C CE2 . TYR A 1 24  ? 1.140   18.223  9.304   1.00 18.16 ? 24  TYR A CE2 1 
ATOM   190  C CZ  . TYR A 1 24  ? 2.349   18.019  9.955   1.00 19.62 ? 24  TYR A CZ  1 
ATOM   191  O OH  . TYR A 1 24  ? 2.545   18.518  11.220  1.00 16.97 ? 24  TYR A OH  1 
ATOM   192  N N   . ARG A 1 25  ? -1.269  15.567  5.962   1.00 23.46 ? 25  ARG A N   1 
ATOM   193  C CA  . ARG A 1 25  ? -2.653  15.771  6.389   1.00 25.08 ? 25  ARG A CA  1 
ATOM   194  C C   . ARG A 1 25  ? -3.334  14.478  6.840   1.00 24.38 ? 25  ARG A C   1 
ATOM   195  O O   . ARG A 1 25  ? -4.116  14.486  7.793   1.00 24.39 ? 25  ARG A O   1 
ATOM   196  C CB  . ARG A 1 25  ? -3.473  16.403  5.255   1.00 27.51 ? 25  ARG A CB  1 
ATOM   197  C CG  . ARG A 1 25  ? -3.254  17.911  5.057   1.00 33.52 ? 25  ARG A CG  1 
ATOM   198  C CD  . ARG A 1 25  ? -3.944  18.410  3.787   1.00 37.00 ? 25  ARG A CD  1 
ATOM   199  N NE  . ARG A 1 25  ? -3.062  18.346  2.621   1.00 42.76 ? 25  ARG A NE  1 
ATOM   200  C CZ  . ARG A 1 25  ? -3.478  18.174  1.369   1.00 43.27 ? 25  ARG A CZ  1 
ATOM   201  N NH1 . ARG A 1 25  ? -4.771  18.042  1.108   1.00 45.28 ? 25  ARG A NH1 1 
ATOM   202  N NH2 . ARG A 1 25  ? -2.601  18.137  0.376   1.00 44.07 ? 25  ARG A NH2 1 
ATOM   203  N N   . VAL A 1 26  ? -3.035  13.369  6.165   1.00 22.01 ? 26  VAL A N   1 
ATOM   204  C CA  . VAL A 1 26  ? -3.652  12.087  6.512   1.00 20.72 ? 26  VAL A CA  1 
ATOM   205  C C   . VAL A 1 26  ? -3.000  11.356  7.690   1.00 21.81 ? 26  VAL A C   1 
ATOM   206  O O   . VAL A 1 26  ? -3.654  11.075  8.693   1.00 20.46 ? 26  VAL A O   1 
ATOM   207  C CB  . VAL A 1 26  ? -3.671  11.107  5.295   1.00 19.64 ? 26  VAL A CB  1 
ATOM   208  C CG1 . VAL A 1 26  ? -4.184  9.741   5.735   1.00 17.38 ? 26  VAL A CG1 1 
ATOM   209  C CG2 . VAL A 1 26  ? -4.568  11.650  4.184   1.00 16.01 ? 26  VAL A CG2 1 
ATOM   210  N N   . PHE A 1 27  ? -1.710  11.057  7.559   1.00 22.15 ? 27  PHE A N   1 
ATOM   211  C CA  . PHE A 1 27  ? -0.981  10.329  8.582   1.00 22.01 ? 27  PHE A CA  1 
ATOM   212  C C   . PHE A 1 27  ? -0.572  11.143  9.803   1.00 23.97 ? 27  PHE A C   1 
ATOM   213  O O   . PHE A 1 27  ? -0.412  10.591  10.890  1.00 23.36 ? 27  PHE A O   1 
ATOM   214  C CB  . PHE A 1 27  ? 0.231   9.646   7.938   1.00 22.46 ? 27  PHE A CB  1 
ATOM   215  C CG  . PHE A 1 27  ? -0.149  8.648   6.872   1.00 20.33 ? 27  PHE A CG  1 
ATOM   216  C CD1 . PHE A 1 27  ? -0.722  7.425   7.220   1.00 19.83 ? 27  PHE A CD1 1 
ATOM   217  C CD2 . PHE A 1 27  ? -0.016  8.962   5.528   1.00 19.58 ? 27  PHE A CD2 1 
ATOM   218  C CE1 . PHE A 1 27  ? -1.162  6.532   6.241   1.00 19.56 ? 27  PHE A CE1 1 
ATOM   219  C CE2 . PHE A 1 27  ? -0.453  8.077   4.538   1.00 19.56 ? 27  PHE A CE2 1 
ATOM   220  C CZ  . PHE A 1 27  ? -1.030  6.858   4.901   1.00 19.41 ? 27  PHE A CZ  1 
ATOM   221  N N   . VAL A 1 28  ? -0.420  12.451  9.648   1.00 24.85 ? 28  VAL A N   1 
ATOM   222  C CA  . VAL A 1 28  ? -0.045  13.268  10.794  1.00 26.34 ? 28  VAL A CA  1 
ATOM   223  C C   . VAL A 1 28  ? -1.229  13.937  11.495  1.00 26.50 ? 28  VAL A C   1 
ATOM   224  O O   . VAL A 1 28  ? -1.478  13.674  12.668  1.00 27.52 ? 28  VAL A O   1 
ATOM   225  C CB  . VAL A 1 28  ? 0.983   14.344  10.405  1.00 26.50 ? 28  VAL A CB  1 
ATOM   226  C CG1 . VAL A 1 28  ? 1.242   15.269  11.584  1.00 25.54 ? 28  VAL A CG1 1 
ATOM   227  C CG2 . VAL A 1 28  ? 2.284   13.675  9.978   1.00 25.88 ? 28  VAL A CG2 1 
ATOM   228  N N   . GLU A 1 29  ? -1.958  14.787  10.781  1.00 27.58 ? 29  GLU A N   1 
ATOM   229  C CA  . GLU A 1 29  ? -3.096  15.497  11.356  1.00 28.60 ? 29  GLU A CA  1 
ATOM   230  C C   . GLU A 1 29  ? -4.265  14.581  11.712  1.00 28.82 ? 29  GLU A C   1 
ATOM   231  O O   . GLU A 1 29  ? -4.710  14.556  12.857  1.00 29.44 ? 29  GLU A O   1 
ATOM   232  C CB  . GLU A 1 29  ? -3.584  16.580  10.390  1.00 29.82 ? 29  GLU A CB  1 
ATOM   233  C CG  . GLU A 1 29  ? -2.479  17.479  9.862   1.00 35.18 ? 29  GLU A CG  1 
ATOM   234  C CD  . GLU A 1 29  ? -2.994  18.555  8.917   1.00 37.05 ? 29  GLU A CD  1 
ATOM   235  O OE1 . GLU A 1 29  ? -3.918  18.268  8.123   1.00 39.46 ? 29  GLU A OE1 1 
ATOM   236  O OE2 . GLU A 1 29  ? -2.466  19.685  8.961   1.00 39.26 ? 29  GLU A OE2 1 
ATOM   237  N N   . GLN A 1 30  ? -4.756  13.831  10.730  1.00 28.60 ? 30  GLN A N   1 
ATOM   238  C CA  . GLN A 1 30  ? -5.882  12.923  10.923  1.00 29.39 ? 30  GLN A CA  1 
ATOM   239  C C   . GLN A 1 30  ? -5.648  11.705  11.819  1.00 29.69 ? 30  GLN A C   1 
ATOM   240  O O   . GLN A 1 30  ? -6.499  11.378  12.640  1.00 30.74 ? 30  GLN A O   1 
ATOM   241  C CB  . GLN A 1 30  ? -6.398  12.425  9.564   1.00 30.84 ? 30  GLN A CB  1 
ATOM   242  C CG  . GLN A 1 30  ? -7.321  13.392  8.816   1.00 34.11 ? 30  GLN A CG  1 
ATOM   243  C CD  . GLN A 1 30  ? -7.567  12.973  7.360   1.00 36.00 ? 30  GLN A CD  1 
ATOM   244  O OE1 . GLN A 1 30  ? -7.836  11.803  7.070   1.00 33.42 ? 30  GLN A OE1 1 
ATOM   245  N NE2 . GLN A 1 30  ? -7.482  13.938  6.444   1.00 34.19 ? 30  GLN A NE2 1 
ATOM   246  N N   . LEU A 1 31  ? -4.507  11.036  11.679  1.00 29.13 ? 31  LEU A N   1 
ATOM   247  C CA  . LEU A 1 31  ? -4.259  9.820   12.457  1.00 30.10 ? 31  LEU A CA  1 
ATOM   248  C C   . LEU A 1 31  ? -3.225  9.894   13.582  1.00 29.33 ? 31  LEU A C   1 
ATOM   249  O O   . LEU A 1 31  ? -2.466  10.857  13.695  1.00 31.54 ? 31  LEU A O   1 
ATOM   250  C CB  . LEU A 1 31  ? -3.887  8.691   11.493  1.00 30.54 ? 31  LEU A CB  1 
ATOM   251  C CG  . LEU A 1 31  ? -4.782  8.573   10.252  1.00 30.53 ? 31  LEU A CG  1 
ATOM   252  C CD1 . LEU A 1 31  ? -4.252  7.468   9.345   1.00 32.37 ? 31  LEU A CD1 1 
ATOM   253  C CD2 . LEU A 1 31  ? -6.217  8.285   10.659  1.00 29.06 ? 31  LEU A CD2 1 
ATOM   254  N N   . LYS A 1 41  ? 4.427   21.411  5.028   1.00 27.90 ? 41  LYS A N   1 
ATOM   255  C CA  . LYS A 1 41  ? 3.836   20.115  5.336   1.00 27.47 ? 41  LYS A CA  1 
ATOM   256  C C   . LYS A 1 41  ? 4.497   19.008  4.523   1.00 26.76 ? 41  LYS A C   1 
ATOM   257  O O   . LYS A 1 41  ? 4.419   18.987  3.297   1.00 29.09 ? 41  LYS A O   1 
ATOM   258  C CB  . LYS A 1 41  ? 2.338   20.143  5.058   1.00 26.79 ? 41  LYS A CB  1 
ATOM   259  C CG  . LYS A 1 41  ? 1.554   21.056  5.988   1.00 28.40 ? 41  LYS A CG  1 
ATOM   260  C CD  . LYS A 1 41  ? 0.073   21.019  5.651   1.00 28.92 ? 41  LYS A CD  1 
ATOM   261  C CE  . LYS A 1 41  ? -0.742  21.871  6.606   1.00 30.22 ? 41  LYS A CE  1 
ATOM   262  N NZ  . LYS A 1 41  ? -2.197  21.765  6.305   1.00 29.59 ? 41  LYS A NZ  1 
ATOM   263  N N   . MET A 1 42  ? 5.148   18.087  5.217   1.00 26.31 ? 42  MET A N   1 
ATOM   264  C CA  . MET A 1 42  ? 5.842   16.995  4.558   1.00 26.05 ? 42  MET A CA  1 
ATOM   265  C C   . MET A 1 42  ? 6.020   15.803  5.485   1.00 25.34 ? 42  MET A C   1 
ATOM   266  O O   . MET A 1 42  ? 6.629   15.909  6.549   1.00 24.24 ? 42  MET A O   1 
ATOM   267  C CB  . MET A 1 42  ? 7.217   17.468  4.076   1.00 28.01 ? 42  MET A CB  1 
ATOM   268  C CG  . MET A 1 42  ? 8.141   16.357  3.585   1.00 29.00 ? 42  MET A CG  1 
ATOM   269  S SD  . MET A 1 42  ? 7.534   15.525  2.106   1.00 33.02 ? 42  MET A SD  1 
ATOM   270  C CE  . MET A 1 42  ? 7.984   16.744  0.839   1.00 29.63 ? 42  MET A CE  1 
ATOM   271  N N   . GLU A 1 43  ? 5.476   14.666  5.079   1.00 23.79 ? 43  GLU A N   1 
ATOM   272  C CA  . GLU A 1 43  ? 5.613   13.461  5.870   1.00 23.21 ? 43  GLU A CA  1 
ATOM   273  C C   . GLU A 1 43  ? 6.321   12.440  5.005   1.00 23.97 ? 43  GLU A C   1 
ATOM   274  O O   . GLU A 1 43  ? 5.747   11.921  4.049   1.00 23.36 ? 43  GLU A O   1 
ATOM   275  C CB  . GLU A 1 43  ? 4.245   12.932  6.303   1.00 22.02 ? 43  GLU A CB  1 
ATOM   276  C CG  . GLU A 1 43  ? 4.302   11.663  7.156   1.00 19.58 ? 43  GLU A CG  1 
ATOM   277  C CD  . GLU A 1 43  ? 4.656   10.417  6.352   1.00 19.99 ? 43  GLU A CD  1 
ATOM   278  O OE1 . GLU A 1 43  ? 3.832   9.992   5.510   1.00 15.26 ? 43  GLU A OE1 1 
ATOM   279  O OE2 . GLU A 1 43  ? 5.761   9.866   6.561   1.00 21.24 ? 43  GLU A OE2 1 
ATOM   280  N N   . ARG A 1 44  ? 7.581   12.178  5.334   1.00 25.24 ? 44  ARG A N   1 
ATOM   281  C CA  . ARG A 1 44  ? 8.375   11.200  4.606   1.00 26.51 ? 44  ARG A CA  1 
ATOM   282  C C   . ARG A 1 44  ? 9.385   10.547  5.538   1.00 24.52 ? 44  ARG A C   1 
ATOM   283  O O   . ARG A 1 44  ? 9.813   11.150  6.528   1.00 22.18 ? 44  ARG A O   1 
ATOM   284  C CB  . ARG A 1 44  ? 9.101   11.858  3.432   1.00 30.16 ? 44  ARG A CB  1 
ATOM   285  C CG  . ARG A 1 44  ? 10.205  12.820  3.820   1.00 36.93 ? 44  ARG A CG  1 
ATOM   286  C CD  . ARG A 1 44  ? 10.714  13.558  2.588   1.00 41.33 ? 44  ARG A CD  1 
ATOM   287  N NE  . ARG A 1 44  ? 11.293  12.650  1.598   1.00 45.85 ? 44  ARG A NE  1 
ATOM   288  C CZ  . ARG A 1 44  ? 11.458  12.955  0.311   1.00 49.05 ? 44  ARG A CZ  1 
ATOM   289  N NH1 . ARG A 1 44  ? 11.081  14.146  -0.144  1.00 49.57 ? 44  ARG A NH1 1 
ATOM   290  N NH2 . ARG A 1 44  ? 12.006  12.071  -0.518  1.00 48.53 ? 44  ARG A NH2 1 
ATOM   291  N N   . ASP A 1 45  ? 9.742   9.305   5.228   1.00 21.62 ? 45  ASP A N   1 
ATOM   292  C CA  . ASP A 1 45  ? 10.712  8.566   6.027   1.00 22.12 ? 45  ASP A CA  1 
ATOM   293  C C   . ASP A 1 45  ? 11.812  8.004   5.133   1.00 21.60 ? 45  ASP A C   1 
ATOM   294  O O   . ASP A 1 45  ? 11.903  8.352   3.957   1.00 18.81 ? 45  ASP A O   1 
ATOM   295  C CB  . ASP A 1 45  ? 10.032  7.424   6.795   1.00 21.78 ? 45  ASP A CB  1 
ATOM   296  C CG  . ASP A 1 45  ? 9.299   6.451   5.884   1.00 21.32 ? 45  ASP A CG  1 
ATOM   297  O OD1 . ASP A 1 45  ? 9.653   6.348   4.687   1.00 20.85 ? 45  ASP A OD1 1 
ATOM   298  O OD2 . ASP A 1 45  ? 8.372   5.774   6.372   1.00 23.32 ? 45  ASP A OD2 1 
ATOM   299  N N   . GLN A 1 46  ? 12.626  7.118   5.697   1.00 22.48 ? 46  GLN A N   1 
ATOM   300  C CA  . GLN A 1 46  ? 13.742  6.511   4.981   1.00 24.44 ? 46  GLN A CA  1 
ATOM   301  C C   . GLN A 1 46  ? 13.338  5.578   3.845   1.00 24.34 ? 46  GLN A C   1 
ATOM   302  O O   . GLN A 1 46  ? 14.185  5.159   3.058   1.00 25.02 ? 46  GLN A O   1 
ATOM   303  C CB  . GLN A 1 46  ? 14.644  5.742   5.958   1.00 26.53 ? 46  GLN A CB  1 
ATOM   304  C CG  . GLN A 1 46  ? 13.964  4.569   6.653   1.00 30.65 ? 46  GLN A CG  1 
ATOM   305  C CD  . GLN A 1 46  ? 13.285  4.958   7.965   1.00 36.04 ? 46  GLN A CD  1 
ATOM   306  O OE1 . GLN A 1 46  ? 12.601  5.987   8.053   1.00 35.94 ? 46  GLN A OE1 1 
ATOM   307  N NE2 . GLN A 1 46  ? 13.460  4.122   8.992   1.00 34.81 ? 46  GLN A NE2 1 
ATOM   308  N N   . TYR A 1 47  ? 12.055  5.247   3.750   1.00 23.05 ? 47  TYR A N   1 
ATOM   309  C CA  . TYR A 1 47  ? 11.605  4.345   2.697   1.00 21.57 ? 47  TYR A CA  1 
ATOM   310  C C   . TYR A 1 47  ? 11.136  5.066   1.436   1.00 21.37 ? 47  TYR A C   1 
ATOM   311  O O   . TYR A 1 47  ? 10.720  4.432   0.463   1.00 21.63 ? 47  TYR A O   1 
ATOM   312  C CB  . TYR A 1 47  ? 10.523  3.416   3.249   1.00 19.45 ? 47  TYR A CB  1 
ATOM   313  C CG  . TYR A 1 47  ? 11.046  2.642   4.429   1.00 18.52 ? 47  TYR A CG  1 
ATOM   314  C CD1 . TYR A 1 47  ? 12.106  1.746   4.276   1.00 18.08 ? 47  TYR A CD1 1 
ATOM   315  C CD2 . TYR A 1 47  ? 10.586  2.905   5.717   1.00 17.02 ? 47  TYR A CD2 1 
ATOM   316  C CE1 . TYR A 1 47  ? 12.702  1.148   5.371   1.00 17.34 ? 47  TYR A CE1 1 
ATOM   317  C CE2 . TYR A 1 47  ? 11.176  2.315   6.818   1.00 16.27 ? 47  TYR A CE2 1 
ATOM   318  C CZ  . TYR A 1 47  ? 12.238  1.445   6.644   1.00 18.64 ? 47  TYR A CZ  1 
ATOM   319  O OH  . TYR A 1 47  ? 12.879  0.927   7.745   1.00 19.08 ? 47  TYR A OH  1 
ATOM   320  N N   . ASP A 1 48  ? 11.206  6.393   1.464   1.00 19.64 ? 48  ASP A N   1 
ATOM   321  C CA  . ASP A 1 48  ? 10.839  7.206   0.311   1.00 20.95 ? 48  ASP A CA  1 
ATOM   322  C C   . ASP A 1 48  ? 12.144  7.466   -0.452  1.00 22.19 ? 48  ASP A C   1 
ATOM   323  O O   . ASP A 1 48  ? 12.889  8.390   -0.129  1.00 22.84 ? 48  ASP A O   1 
ATOM   324  C CB  . ASP A 1 48  ? 10.210  8.527   0.771   1.00 18.94 ? 48  ASP A CB  1 
ATOM   325  C CG  . ASP A 1 48  ? 8.805   8.341   1.337   1.00 18.81 ? 48  ASP A CG  1 
ATOM   326  O OD1 . ASP A 1 48  ? 7.947   7.807   0.610   1.00 16.55 ? 48  ASP A OD1 1 
ATOM   327  O OD2 . ASP A 1 48  ? 8.554   8.731   2.499   1.00 16.30 ? 48  ASP A OD2 1 
ATOM   328  N N   . ARG A 1 49  ? 12.414  6.637   -1.458  1.00 22.34 ? 49  ARG A N   1 
ATOM   329  C CA  . ARG A 1 49  ? 13.645  6.743   -2.239  1.00 22.65 ? 49  ARG A CA  1 
ATOM   330  C C   . ARG A 1 49  ? 13.338  6.904   -3.726  1.00 24.20 ? 49  ARG A C   1 
ATOM   331  O O   . ARG A 1 49  ? 12.172  7.009   -4.118  1.00 24.86 ? 49  ARG A O   1 
ATOM   332  C CB  . ARG A 1 49  ? 14.491  5.481   -2.028  1.00 22.03 ? 49  ARG A CB  1 
ATOM   333  C CG  . ARG A 1 49  ? 14.546  4.981   -0.579  1.00 21.54 ? 49  ARG A CG  1 
ATOM   334  C CD  . ARG A 1 49  ? 15.361  3.685   -0.441  1.00 18.88 ? 49  ARG A CD  1 
ATOM   335  N NE  . ARG A 1 49  ? 14.839  2.605   -1.278  1.00 18.10 ? 49  ARG A NE  1 
ATOM   336  C CZ  . ARG A 1 49  ? 14.330  1.466   -0.813  1.00 18.77 ? 49  ARG A CZ  1 
ATOM   337  N NH1 . ARG A 1 49  ? 14.269  1.237   0.494   1.00 16.22 ? 49  ARG A NH1 1 
ATOM   338  N NH2 . ARG A 1 49  ? 13.870  0.555   -1.659  1.00 18.39 ? 49  ARG A NH2 1 
ATOM   339  N N   . ASP A 1 50  ? 14.382  6.915   -4.552  1.00 24.28 ? 50  ASP A N   1 
ATOM   340  C CA  . ASP A 1 50  ? 14.203  7.061   -5.997  1.00 24.28 ? 50  ASP A CA  1 
ATOM   341  C C   . ASP A 1 50  ? 13.536  5.845   -6.629  1.00 23.18 ? 50  ASP A C   1 
ATOM   342  O O   . ASP A 1 50  ? 12.791  5.981   -7.597  1.00 24.50 ? 50  ASP A O   1 
ATOM   343  C CB  . ASP A 1 50  ? 15.545  7.304   -6.706  1.00 24.48 ? 50  ASP A CB  1 
ATOM   344  C CG  . ASP A 1 50  ? 16.194  8.623   -6.314  1.00 25.90 ? 50  ASP A CG  1 
ATOM   345  O OD1 . ASP A 1 50  ? 15.473  9.592   -5.979  1.00 23.59 ? 50  ASP A OD1 1 
ATOM   346  O OD2 . ASP A 1 50  ? 17.441  8.691   -6.362  1.00 28.47 ? 50  ASP A OD2 1 
ATOM   347  N N   . ASP A 1 51  ? 13.807  4.658   -6.089  1.00 20.68 ? 51  ASP A N   1 
ATOM   348  C CA  . ASP A 1 51  ? 13.221  3.429   -6.624  1.00 20.78 ? 51  ASP A CA  1 
ATOM   349  C C   . ASP A 1 51  ? 11.808  3.161   -6.096  1.00 20.27 ? 51  ASP A C   1 
ATOM   350  O O   . ASP A 1 51  ? 11.124  2.255   -6.569  1.00 21.89 ? 51  ASP A O   1 
ATOM   351  C CB  . ASP A 1 51  ? 14.108  2.224   -6.291  1.00 19.73 ? 51  ASP A CB  1 
ATOM   352  C CG  . ASP A 1 51  ? 14.216  1.974   -4.798  1.00 21.88 ? 51  ASP A CG  1 
ATOM   353  O OD1 . ASP A 1 51  ? 13.989  0.824   -4.357  1.00 23.04 ? 51  ASP A OD1 1 
ATOM   354  O OD2 . ASP A 1 51  ? 14.530  2.931   -4.061  1.00 22.14 ? 51  ASP A OD2 1 
ATOM   355  N N   . THR A 1 52  ? 11.368  3.939   -5.116  1.00 19.60 ? 52  THR A N   1 
ATOM   356  C CA  . THR A 1 52  ? 10.037  3.740   -4.559  1.00 19.86 ? 52  THR A CA  1 
ATOM   357  C C   . THR A 1 52  ? 8.950   4.007   -5.603  1.00 19.33 ? 52  THR A C   1 
ATOM   358  O O   . THR A 1 52  ? 9.065   4.924   -6.416  1.00 18.53 ? 52  THR A O   1 
ATOM   359  C CB  . THR A 1 52  ? 9.795   4.665   -3.354  1.00 18.98 ? 52  THR A CB  1 
ATOM   360  O OG1 . THR A 1 52  ? 10.824  4.455   -2.381  1.00 20.38 ? 52  THR A OG1 1 
ATOM   361  C CG2 . THR A 1 52  ? 8.442   4.372   -2.720  1.00 17.68 ? 52  THR A CG2 1 
ATOM   362  N N   . VAL A 1 53  ? 7.903   3.190   -5.582  1.00 19.28 ? 53  VAL A N   1 
ATOM   363  C CA  . VAL A 1 53  ? 6.792   3.357   -6.508  1.00 20.53 ? 53  VAL A CA  1 
ATOM   364  C C   . VAL A 1 53  ? 5.575   3.876   -5.748  1.00 18.38 ? 53  VAL A C   1 
ATOM   365  O O   . VAL A 1 53  ? 5.257   3.391   -4.661  1.00 16.97 ? 53  VAL A O   1 
ATOM   366  C CB  . VAL A 1 53  ? 6.459   2.030   -7.219  1.00 20.65 ? 53  VAL A CB  1 
ATOM   367  C CG1 . VAL A 1 53  ? 6.501   0.908   -6.233  1.00 27.91 ? 53  VAL A CG1 1 
ATOM   368  C CG2 . VAL A 1 53  ? 5.081   2.100   -7.858  1.00 22.95 ? 53  VAL A CG2 1 
ATOM   369  N N   . TYR A 1 54  ? 4.916   4.884   -6.315  1.00 17.53 ? 54  TYR A N   1 
ATOM   370  C CA  . TYR A 1 54  ? 3.737   5.481   -5.692  1.00 17.34 ? 54  TYR A CA  1 
ATOM   371  C C   . TYR A 1 54  ? 2.523   5.467   -6.607  1.00 17.64 ? 54  TYR A C   1 
ATOM   372  O O   . TYR A 1 54  ? 2.632   5.488   -7.834  1.00 16.18 ? 54  TYR A O   1 
ATOM   373  C CB  . TYR A 1 54  ? 3.990   6.950   -5.321  1.00 14.98 ? 54  TYR A CB  1 
ATOM   374  C CG  . TYR A 1 54  ? 5.146   7.202   -4.390  1.00 14.90 ? 54  TYR A CG  1 
ATOM   375  C CD1 . TYR A 1 54  ? 5.005   7.047   -3.010  1.00 12.17 ? 54  TYR A CD1 1 
ATOM   376  C CD2 . TYR A 1 54  ? 6.397   7.578   -4.893  1.00 14.24 ? 54  TYR A CD2 1 
ATOM   377  C CE1 . TYR A 1 54  ? 6.080   7.255   -2.154  1.00 11.71 ? 54  TYR A CE1 1 
ATOM   378  C CE2 . TYR A 1 54  ? 7.481   7.788   -4.046  1.00 13.59 ? 54  TYR A CE2 1 
ATOM   379  C CZ  . TYR A 1 54  ? 7.315   7.622   -2.680  1.00 11.37 ? 54  TYR A CZ  1 
ATOM   380  O OH  . TYR A 1 54  ? 8.389   7.798   -1.850  1.00 10.86 ? 54  TYR A OH  1 
ATOM   381  N N   . VAL A 1 55  ? 1.352   5.437   -5.994  1.00 18.46 ? 55  VAL A N   1 
ATOM   382  C CA  . VAL A 1 55  ? 0.123   5.515   -6.755  1.00 19.81 ? 55  VAL A CA  1 
ATOM   383  C C   . VAL A 1 55  ? -0.673  6.606   -6.053  1.00 19.36 ? 55  VAL A C   1 
ATOM   384  O O   . VAL A 1 55  ? -0.805  6.593   -4.831  1.00 19.95 ? 55  VAL A O   1 
ATOM   385  C CB  . VAL A 1 55  ? -0.645  4.160   -6.792  1.00 19.89 ? 55  VAL A CB  1 
ATOM   386  C CG1 . VAL A 1 55  ? -0.126  3.227   -5.738  1.00 22.03 ? 55  VAL A CG1 1 
ATOM   387  C CG2 . VAL A 1 55  ? -2.139  4.398   -6.635  1.00 20.14 ? 55  VAL A CG2 1 
ATOM   388  N N   . LEU A 1 56  ? -1.147  7.582   -6.822  1.00 18.84 ? 56  LEU A N   1 
ATOM   389  C CA  . LEU A 1 56  ? -1.917  8.680   -6.258  1.00 19.15 ? 56  LEU A CA  1 
ATOM   390  C C   . LEU A 1 56  ? -3.289  8.706   -6.892  1.00 20.00 ? 56  LEU A C   1 
ATOM   391  O O   . LEU A 1 56  ? -3.440  8.444   -8.089  1.00 19.60 ? 56  LEU A O   1 
ATOM   392  C CB  . LEU A 1 56  ? -1.258  10.039  -6.531  1.00 22.04 ? 56  LEU A CB  1 
ATOM   393  C CG  . LEU A 1 56  ? 0.244   10.310  -6.370  1.00 22.29 ? 56  LEU A CG  1 
ATOM   394  C CD1 . LEU A 1 56  ? 0.489   11.794  -6.620  1.00 22.01 ? 56  LEU A CD1 1 
ATOM   395  C CD2 . LEU A 1 56  ? 0.716   9.927   -4.985  1.00 23.73 ? 56  LEU A CD2 1 
ATOM   396  N N   . GLY A 1 57  ? -4.287  9.025   -6.077  1.00 17.70 ? 57  GLY A N   1 
ATOM   397  C CA  . GLY A 1 57  ? -5.640  9.135   -6.569  1.00 18.62 ? 57  GLY A CA  1 
ATOM   398  C C   . GLY A 1 57  ? -5.938  10.619  -6.638  1.00 20.32 ? 57  GLY A C   1 
ATOM   399  O O   . GLY A 1 57  ? -5.528  11.385  -5.758  1.00 21.46 ? 57  GLY A O   1 
ATOM   400  N N   . ARG A 1 58  ? -6.626  11.039  -7.689  1.00 20.66 ? 58  ARG A N   1 
ATOM   401  C CA  . ARG A 1 58  ? -6.972  12.442  -7.852  1.00 21.25 ? 58  ARG A CA  1 
ATOM   402  C C   . ARG A 1 58  ? -8.470  12.555  -8.077  1.00 22.92 ? 58  ARG A C   1 
ATOM   403  O O   . ARG A 1 58  ? -9.072  11.705  -8.734  1.00 23.86 ? 58  ARG A O   1 
ATOM   404  C CB  . ARG A 1 58  ? -6.208  13.042  -9.033  1.00 19.86 ? 58  ARG A CB  1 
ATOM   405  C CG  . ARG A 1 58  ? -4.702  13.160  -8.792  1.00 19.78 ? 58  ARG A CG  1 
ATOM   406  C CD  . ARG A 1 58  ? -3.962  13.647  -10.031 1.00 18.04 ? 58  ARG A CD  1 
ATOM   407  N NE  . ARG A 1 58  ? -2.519  13.769  -9.819  1.00 16.67 ? 58  ARG A NE  1 
ATOM   408  C CZ  . ARG A 1 58  ? -1.934  14.739  -9.119  1.00 17.13 ? 58  ARG A CZ  1 
ATOM   409  N NH1 . ARG A 1 58  ? -2.661  15.694  -8.549  1.00 19.25 ? 58  ARG A NH1 1 
ATOM   410  N NH2 . ARG A 1 58  ? -0.616  14.759  -8.992  1.00 13.84 ? 58  ARG A NH2 1 
ATOM   411  N N   . ASP A 1 59  ? -9.067  13.597  -7.512  1.00 24.21 ? 59  ASP A N   1 
ATOM   412  C CA  . ASP A 1 59  ? -10.501 13.828  -7.646  1.00 25.97 ? 59  ASP A CA  1 
ATOM   413  C C   . ASP A 1 59  ? -10.800 14.540  -8.964  1.00 26.13 ? 59  ASP A C   1 
ATOM   414  O O   . ASP A 1 59  ? -9.910  14.730  -9.793  1.00 24.12 ? 59  ASP A O   1 
ATOM   415  C CB  . ASP A 1 59  ? -11.013 14.665  -6.466  1.00 25.82 ? 59  ASP A CB  1 
ATOM   416  C CG  . ASP A 1 59  ? -10.382 16.051  -6.405  1.00 26.85 ? 59  ASP A CG  1 
ATOM   417  O OD1 . ASP A 1 59  ? -10.473 16.696  -5.341  1.00 29.98 ? 59  ASP A OD1 1 
ATOM   418  O OD2 . ASP A 1 59  ? -9.804  16.506  -7.414  1.00 27.85 ? 59  ASP A OD2 1 
ATOM   419  N N   . ALA A 1 60  ? -12.057 14.929  -9.148  1.00 27.32 ? 60  ALA A N   1 
ATOM   420  C CA  . ALA A 1 60  ? -12.480 15.616  -10.362 1.00 29.14 ? 60  ALA A CA  1 
ATOM   421  C C   . ALA A 1 60  ? -11.766 16.959  -10.533 1.00 29.79 ? 60  ALA A C   1 
ATOM   422  O O   . ALA A 1 60  ? -11.708 17.494  -11.634 1.00 30.71 ? 60  ALA A O   1 
ATOM   423  C CB  . ALA A 1 60  ? -13.997 15.823  -10.336 1.00 30.13 ? 60  ALA A CB  1 
ATOM   424  N N   . ASN A 1 61  ? -11.226 17.499  -9.444  1.00 30.98 ? 61  ASN A N   1 
ATOM   425  C CA  . ASN A 1 61  ? -10.511 18.775  -9.484  1.00 31.94 ? 61  ASN A CA  1 
ATOM   426  C C   . ASN A 1 61  ? -9.002  18.581  -9.619  1.00 32.19 ? 61  ASN A C   1 
ATOM   427  O O   . ASN A 1 61  ? -8.234  19.542  -9.518  1.00 31.26 ? 61  ASN A O   1 
ATOM   428  C CB  . ASN A 1 61  ? -10.790 19.582  -8.214  1.00 34.41 ? 61  ASN A CB  1 
ATOM   429  C CG  . ASN A 1 61  ? -12.245 19.979  -8.084  1.00 37.99 ? 61  ASN A CG  1 
ATOM   430  O OD1 . ASN A 1 61  ? -12.788 20.686  -8.935  1.00 41.08 ? 61  ASN A OD1 1 
ATOM   431  N ND2 . ASN A 1 61  ? -12.889 19.524  -7.016  1.00 38.59 ? 61  ASN A ND2 1 
ATOM   432  N N   . GLY A 1 62  ? -8.580  17.336  -9.833  1.00 30.82 ? 62  GLY A N   1 
ATOM   433  C CA  . GLY A 1 62  ? -7.164  17.045  -9.974  1.00 29.55 ? 62  GLY A CA  1 
ATOM   434  C C   . GLY A 1 62  ? -6.389  17.011  -8.665  1.00 28.75 ? 62  GLY A C   1 
ATOM   435  O O   . GLY A 1 62  ? -5.166  16.890  -8.672  1.00 27.65 ? 62  GLY A O   1 
ATOM   436  N N   . GLU A 1 63  ? -7.096  17.117  -7.544  1.00 28.39 ? 63  GLU A N   1 
ATOM   437  C CA  . GLU A 1 63  ? -6.453  17.097  -6.232  1.00 29.82 ? 63  GLU A CA  1 
ATOM   438  C C   . GLU A 1 63  ? -6.311  15.682  -5.686  1.00 27.80 ? 63  GLU A C   1 
ATOM   439  O O   . GLU A 1 63  ? -7.193  14.840  -5.866  1.00 26.80 ? 63  GLU A O   1 
ATOM   440  C CB  . GLU A 1 63  ? -7.242  17.958  -5.244  1.00 34.39 ? 63  GLU A CB  1 
ATOM   441  C CG  . GLU A 1 63  ? -6.465  19.174  -4.761  1.00 40.37 ? 63  GLU A CG  1 
ATOM   442  C CD  . GLU A 1 63  ? -7.315  20.422  -4.724  1.00 43.18 ? 63  GLU A CD  1 
ATOM   443  O OE1 . GLU A 1 63  ? -8.343  20.420  -4.011  1.00 44.31 ? 63  GLU A OE1 1 
ATOM   444  O OE2 . GLU A 1 63  ? -6.952  21.402  -5.411  1.00 44.82 ? 63  GLU A OE2 1 
ATOM   445  N N   . ILE A 1 64  ? -5.194  15.428  -5.014  1.00 25.02 ? 64  ILE A N   1 
ATOM   446  C CA  . ILE A 1 64  ? -4.922  14.112  -4.461  1.00 22.30 ? 64  ILE A CA  1 
ATOM   447  C C   . ILE A 1 64  ? -5.924  13.737  -3.383  1.00 22.26 ? 64  ILE A C   1 
ATOM   448  O O   . ILE A 1 64  ? -6.118  14.462  -2.411  1.00 22.77 ? 64  ILE A O   1 
ATOM   449  C CB  . ILE A 1 64  ? -3.487  14.045  -3.902  1.00 22.93 ? 64  ILE A CB  1 
ATOM   450  C CG1 . ILE A 1 64  ? -2.494  14.299  -5.044  1.00 22.76 ? 64  ILE A CG1 1 
ATOM   451  C CG2 . ILE A 1 64  ? -3.228  12.680  -3.262  1.00 21.17 ? 64  ILE A CG2 1 
ATOM   452  C CD1 . ILE A 1 64  ? -1.049  14.380  -4.616  1.00 22.48 ? 64  ILE A CD1 1 
ATOM   453  N N   . CYS A 1 65  ? -6.563  12.590  -3.573  1.00 21.20 ? 65  CYS A N   1 
ATOM   454  C CA  . CYS A 1 65  ? -7.557  12.098  -2.634  1.00 20.14 ? 65  CYS A CA  1 
ATOM   455  C C   . CYS A 1 65  ? -7.255  10.648  -2.266  1.00 19.76 ? 65  CYS A C   1 
ATOM   456  O O   . CYS A 1 65  ? -8.136  9.910   -1.817  1.00 18.66 ? 65  CYS A O   1 
ATOM   457  C CB  . CYS A 1 65  ? -8.946  12.199  -3.258  1.00 18.62 ? 65  CYS A CB  1 
ATOM   458  S SG  . CYS A 1 65  ? -9.079  11.336  -4.822  1.00 20.82 ? 65  CYS A SG  1 
ATOM   459  N N   . GLY A 1 66  ? -6.004  10.247  -2.478  1.00 18.94 ? 66  GLY A N   1 
ATOM   460  C CA  . GLY A 1 66  ? -5.588  8.895   -2.154  1.00 17.04 ? 66  GLY A CA  1 
ATOM   461  C C   . GLY A 1 66  ? -4.112  8.691   -2.446  1.00 17.50 ? 66  GLY A C   1 
ATOM   462  O O   . GLY A 1 66  ? -3.541  9.397   -3.274  1.00 16.38 ? 66  GLY A O   1 
ATOM   463  N N   . CYS A 1 67  ? -3.485  7.742   -1.758  1.00 16.00 ? 67  CYS A N   1 
ATOM   464  C CA  . CYS A 1 67  ? -2.077  7.465   -1.995  1.00 16.48 ? 67  CYS A CA  1 
ATOM   465  C C   . CYS A 1 67  ? -1.708  6.062   -1.543  1.00 15.95 ? 67  CYS A C   1 
ATOM   466  O O   . CYS A 1 67  ? -2.426  5.435   -0.761  1.00 16.00 ? 67  CYS A O   1 
ATOM   467  C CB  . CYS A 1 67  ? -1.181  8.488   -1.283  1.00 15.54 ? 67  CYS A CB  1 
ATOM   468  S SG  . CYS A 1 67  ? -1.070  8.334   0.528   1.00 18.61 ? 67  CYS A SG  1 
ATOM   469  N N   . ALA A 1 68  ? -0.590  5.573   -2.062  1.00 14.57 ? 68  ALA A N   1 
ATOM   470  C CA  . ALA A 1 68  ? -0.085  4.254   -1.723  1.00 13.74 ? 68  ALA A CA  1 
ATOM   471  C C   . ALA A 1 68  ? 1.383   4.192   -2.087  1.00 12.82 ? 68  ALA A C   1 
ATOM   472  O O   . ALA A 1 68  ? 1.833   4.845   -3.027  1.00 13.67 ? 68  ALA A O   1 
ATOM   473  C CB  . ALA A 1 68  ? -0.852  3.177   -2.461  1.00 12.64 ? 68  ALA A CB  1 
ATOM   474  N N   . ARG A 1 69  ? 2.126   3.406   -1.326  1.00 12.85 ? 69  ARG A N   1 
ATOM   475  C CA  . ARG A 1 69  ? 3.551   3.255   -1.548  1.00 15.66 ? 69  ARG A CA  1 
ATOM   476  C C   . ARG A 1 69  ? 3.897   1.777   -1.655  1.00 15.95 ? 69  ARG A C   1 
ATOM   477  O O   . ARG A 1 69  ? 3.592   0.994   -0.751  1.00 14.22 ? 69  ARG A O   1 
ATOM   478  C CB  . ARG A 1 69  ? 4.330   3.898   -0.390  1.00 14.55 ? 69  ARG A CB  1 
ATOM   479  C CG  . ARG A 1 69  ? 5.830   3.719   -0.475  1.00 14.81 ? 69  ARG A CG  1 
ATOM   480  C CD  . ARG A 1 69  ? 6.558   4.562   0.563   1.00 15.06 ? 69  ARG A CD  1 
ATOM   481  N NE  . ARG A 1 69  ? 6.432   4.031   1.917   1.00 17.40 ? 69  ARG A NE  1 
ATOM   482  C CZ  . ARG A 1 69  ? 6.958   4.612   2.992   1.00 19.38 ? 69  ARG A CZ  1 
ATOM   483  N NH1 . ARG A 1 69  ? 7.641   5.745   2.867   1.00 18.24 ? 69  ARG A NH1 1 
ATOM   484  N NH2 . ARG A 1 69  ? 6.818   4.053   4.190   1.00 16.27 ? 69  ARG A NH2 1 
ATOM   485  N N   . LEU A 1 70  ? 4.518   1.403   -2.773  1.00 15.87 ? 70  LEU A N   1 
ATOM   486  C CA  . LEU A 1 70  ? 4.929   0.023   -3.008  1.00 14.17 ? 70  LEU A CA  1 
ATOM   487  C C   . LEU A 1 70  ? 6.450   -0.083  -2.970  1.00 13.92 ? 70  LEU A C   1 
ATOM   488  O O   . LEU A 1 70  ? 7.154   0.782   -3.492  1.00 12.07 ? 70  LEU A O   1 
ATOM   489  C CB  . LEU A 1 70  ? 4.421   -0.473  -4.364  1.00 14.82 ? 70  LEU A CB  1 
ATOM   490  C CG  . LEU A 1 70  ? 2.967   -0.936  -4.492  1.00 17.77 ? 70  LEU A CG  1 
ATOM   491  C CD1 . LEU A 1 70  ? 2.661   -1.900  -3.367  1.00 17.23 ? 70  LEU A CD1 1 
ATOM   492  C CD2 . LEU A 1 70  ? 2.023   0.239   -4.446  1.00 20.43 ? 70  LEU A CD2 1 
ATOM   493  N N   . LEU A 1 71  ? 6.947   -1.154  -2.354  1.00 14.70 ? 71  LEU A N   1 
ATOM   494  C CA  . LEU A 1 71  ? 8.381   -1.397  -2.235  1.00 15.57 ? 71  LEU A CA  1 
ATOM   495  C C   . LEU A 1 71  ? 8.700   -2.874  -2.397  1.00 16.76 ? 71  LEU A C   1 
ATOM   496  O O   . LEU A 1 71  ? 7.950   -3.723  -1.926  1.00 16.90 ? 71  LEU A O   1 
ATOM   497  C CB  . LEU A 1 71  ? 8.889   -0.958  -0.859  1.00 15.44 ? 71  LEU A CB  1 
ATOM   498  C CG  . LEU A 1 71  ? 8.973   0.527   -0.517  1.00 19.07 ? 71  LEU A CG  1 
ATOM   499  C CD1 . LEU A 1 71  ? 9.345   0.672   0.954   1.00 21.32 ? 71  LEU A CD1 1 
ATOM   500  C CD2 . LEU A 1 71  ? 10.006  1.213   -1.407  1.00 18.07 ? 71  LEU A CD2 1 
ATOM   501  N N   . PRO A 1 72  ? 9.827   -3.199  -3.059  1.00 17.14 ? 72  PRO A N   1 
ATOM   502  C CA  . PRO A 1 72  ? 10.202  -4.604  -3.239  1.00 16.53 ? 72  PRO A CA  1 
ATOM   503  C C   . PRO A 1 72  ? 10.791  -5.087  -1.918  1.00 17.22 ? 72  PRO A C   1 
ATOM   504  O O   . PRO A 1 72  ? 11.574  -4.370  -1.288  1.00 16.78 ? 72  PRO A O   1 
ATOM   505  C CB  . PRO A 1 72  ? 11.242  -4.542  -4.350  1.00 18.43 ? 72  PRO A CB  1 
ATOM   506  C CG  . PRO A 1 72  ? 11.931  -3.237  -4.065  1.00 18.85 ? 72  PRO A CG  1 
ATOM   507  C CD  . PRO A 1 72  ? 10.781  -2.305  -3.740  1.00 15.92 ? 72  PRO A CD  1 
ATOM   508  N N   . THR A 1 73  ? 10.406  -6.283  -1.487  1.00 16.07 ? 73  THR A N   1 
ATOM   509  C CA  . THR A 1 73  ? 10.907  -6.816  -0.230  1.00 15.68 ? 73  THR A CA  1 
ATOM   510  C C   . THR A 1 73  ? 12.379  -7.226  -0.283  1.00 16.42 ? 73  THR A C   1 
ATOM   511  O O   . THR A 1 73  ? 12.961  -7.555  0.749   1.00 16.96 ? 73  THR A O   1 
ATOM   512  C CB  . THR A 1 73  ? 10.065  -8.021  0.243   1.00 14.24 ? 73  THR A CB  1 
ATOM   513  O OG1 . THR A 1 73  ? 10.053  -9.031  -0.771  1.00 11.24 ? 73  THR A OG1 1 
ATOM   514  C CG2 . THR A 1 73  ? 8.634   -7.582  0.542   1.00 12.67 ? 73  THR A CG2 1 
ATOM   515  N N   . THR A 1 74  ? 12.974  -7.212  -1.476  1.00 16.09 ? 74  THR A N   1 
ATOM   516  C CA  . THR A 1 74  ? 14.385  -7.568  -1.631  1.00 18.64 ? 74  THR A CA  1 
ATOM   517  C C   . THR A 1 74  ? 15.239  -6.349  -1.304  1.00 21.44 ? 74  THR A C   1 
ATOM   518  O O   . THR A 1 74  ? 16.468  -6.390  -1.369  1.00 22.51 ? 74  THR A O   1 
ATOM   519  C CB  . THR A 1 74  ? 14.713  -8.027  -3.067  1.00 19.76 ? 74  THR A CB  1 
ATOM   520  O OG1 . THR A 1 74  ? 14.323  -7.011  -4.000  1.00 18.53 ? 74  THR A OG1 1 
ATOM   521  C CG2 . THR A 1 74  ? 13.983  -9.340  -3.395  1.00 19.38 ? 74  THR A CG2 1 
ATOM   522  N N   . ARG A 1 75  ? 14.559  -5.257  -0.966  1.00 23.26 ? 75  ARG A N   1 
ATOM   523  C CA  . ARG A 1 75  ? 15.202  -4.005  -0.590  1.00 23.79 ? 75  ARG A CA  1 
ATOM   524  C C   . ARG A 1 75  ? 14.636  -3.643  0.772   1.00 21.01 ? 75  ARG A C   1 
ATOM   525  O O   . ARG A 1 75  ? 13.592  -4.153  1.170   1.00 21.27 ? 75  ARG A O   1 
ATOM   526  C CB  . ARG A 1 75  ? 14.885  -2.902  -1.603  1.00 26.76 ? 75  ARG A CB  1 
ATOM   527  C CG  . ARG A 1 75  ? 15.473  -3.132  -2.979  1.00 33.58 ? 75  ARG A CG  1 
ATOM   528  C CD  . ARG A 1 75  ? 16.975  -3.302  -2.896  1.00 38.74 ? 75  ARG A CD  1 
ATOM   529  N NE  . ARG A 1 75  ? 17.572  -2.318  -1.997  1.00 44.24 ? 75  ARG A NE  1 
ATOM   530  C CZ  . ARG A 1 75  ? 18.880  -2.108  -1.873  1.00 45.16 ? 75  ARG A CZ  1 
ATOM   531  N NH1 . ARG A 1 75  ? 19.740  -2.817  -2.599  1.00 45.54 ? 75  ARG A NH1 1 
ATOM   532  N NH2 . ARG A 1 75  ? 19.324  -1.189  -1.023  1.00 43.52 ? 75  ARG A NH2 1 
ATOM   533  N N   . PRO A 1 76  ? 15.312  -2.754  1.506   1.00 20.29 ? 76  PRO A N   1 
ATOM   534  C CA  . PRO A 1 76  ? 14.836  -2.358  2.834   1.00 18.80 ? 76  PRO A CA  1 
ATOM   535  C C   . PRO A 1 76  ? 13.395  -1.858  2.841   1.00 20.36 ? 76  PRO A C   1 
ATOM   536  O O   . PRO A 1 76  ? 13.004  -1.062  1.982   1.00 19.78 ? 76  PRO A O   1 
ATOM   537  C CB  . PRO A 1 76  ? 15.815  -1.260  3.237   1.00 19.51 ? 76  PRO A CB  1 
ATOM   538  C CG  . PRO A 1 76  ? 17.093  -1.651  2.495   1.00 21.02 ? 76  PRO A CG  1 
ATOM   539  C CD  . PRO A 1 76  ? 16.554  -2.042  1.149   1.00 20.05 ? 76  PRO A CD  1 
ATOM   540  N N   . TYR A 1 77  ? 12.597  -2.341  3.792   1.00 18.51 ? 77  TYR A N   1 
ATOM   541  C CA  . TYR A 1 77  ? 11.225  -1.871  3.899   1.00 18.28 ? 77  TYR A CA  1 
ATOM   542  C C   . TYR A 1 77  ? 10.743  -1.707  5.339   1.00 18.38 ? 77  TYR A C   1 
ATOM   543  O O   . TYR A 1 77  ? 11.331  -2.240  6.280   1.00 18.52 ? 77  TYR A O   1 
ATOM   544  C CB  . TYR A 1 77  ? 10.252  -2.735  3.067   1.00 17.22 ? 77  TYR A CB  1 
ATOM   545  C CG  . TYR A 1 77  ? 10.096  -4.194  3.446   1.00 17.12 ? 77  TYR A CG  1 
ATOM   546  C CD1 . TYR A 1 77  ? 11.056  -5.142  3.080   1.00 16.95 ? 77  TYR A CD1 1 
ATOM   547  C CD2 . TYR A 1 77  ? 8.936   -4.644  4.094   1.00 15.61 ? 77  TYR A CD2 1 
ATOM   548  C CE1 . TYR A 1 77  ? 10.865  -6.509  3.337   1.00 15.02 ? 77  TYR A CE1 1 
ATOM   549  C CE2 . TYR A 1 77  ? 8.736   -6.000  4.356   1.00 17.95 ? 77  TYR A CE2 1 
ATOM   550  C CZ  . TYR A 1 77  ? 9.706   -6.928  3.970   1.00 17.84 ? 77  TYR A CZ  1 
ATOM   551  O OH  . TYR A 1 77  ? 9.499   -8.268  4.197   1.00 20.00 ? 77  TYR A OH  1 
ATOM   552  N N   . LEU A 1 78  ? 9.675   -0.929  5.486   1.00 19.36 ? 78  LEU A N   1 
ATOM   553  C CA  . LEU A 1 78  ? 9.072   -0.588  6.771   1.00 19.55 ? 78  LEU A CA  1 
ATOM   554  C C   . LEU A 1 78  ? 8.738   -1.745  7.723   1.00 19.18 ? 78  LEU A C   1 
ATOM   555  O O   . LEU A 1 78  ? 9.154   -1.738  8.879   1.00 18.02 ? 78  LEU A O   1 
ATOM   556  C CB  . LEU A 1 78  ? 7.825   0.260   6.498   1.00 22.07 ? 78  LEU A CB  1 
ATOM   557  C CG  . LEU A 1 78  ? 7.061   0.909   7.650   1.00 26.44 ? 78  LEU A CG  1 
ATOM   558  C CD1 . LEU A 1 78  ? 7.956   1.879   8.407   1.00 26.88 ? 78  LEU A CD1 1 
ATOM   559  C CD2 . LEU A 1 78  ? 5.858   1.636   7.078   1.00 28.07 ? 78  LEU A CD2 1 
ATOM   560  N N   . LEU A 1 79  ? 7.992   -2.734  7.247   1.00 19.39 ? 79  LEU A N   1 
ATOM   561  C CA  . LEU A 1 79  ? 7.611   -3.880  8.078   1.00 18.63 ? 79  LEU A CA  1 
ATOM   562  C C   . LEU A 1 79  ? 8.866   -4.601  8.600   1.00 18.55 ? 79  LEU A C   1 
ATOM   563  O O   . LEU A 1 79  ? 9.007   -4.875  9.794   1.00 17.54 ? 79  LEU A O   1 
ATOM   564  C CB  . LEU A 1 79  ? 6.775   -4.857  7.244   1.00 19.81 ? 79  LEU A CB  1 
ATOM   565  C CG  . LEU A 1 79  ? 5.689   -5.725  7.888   1.00 22.28 ? 79  LEU A CG  1 
ATOM   566  C CD1 . LEU A 1 79  ? 5.479   -6.943  7.011   1.00 21.61 ? 79  LEU A CD1 1 
ATOM   567  C CD2 . LEU A 1 79  ? 6.059   -6.152  9.291   1.00 18.89 ? 79  LEU A CD2 1 
ATOM   568  N N   . GLN A 1 80  ? 9.773   -4.901  7.680   1.00 17.91 ? 80  GLN A N   1 
ATOM   569  C CA  . GLN A 1 80  ? 11.018  -5.592  7.983   1.00 17.73 ? 80  GLN A CA  1 
ATOM   570  C C   . GLN A 1 80  ? 11.890  -4.982  9.087   1.00 18.49 ? 80  GLN A C   1 
ATOM   571  O O   . GLN A 1 80  ? 12.302  -5.692  10.004  1.00 18.51 ? 80  GLN A O   1 
ATOM   572  C CB  . GLN A 1 80  ? 11.832  -5.714  6.696   1.00 18.91 ? 80  GLN A CB  1 
ATOM   573  C CG  . GLN A 1 80  ? 13.248  -6.231  6.846   1.00 16.26 ? 80  GLN A CG  1 
ATOM   574  C CD  . GLN A 1 80  ? 14.023  -6.064  5.552   1.00 18.56 ? 80  GLN A CD  1 
ATOM   575  O OE1 . GLN A 1 80  ? 14.207  -4.945  5.078   1.00 16.63 ? 80  GLN A OE1 1 
ATOM   576  N NE2 . GLN A 1 80  ? 14.466  -7.175  4.965   1.00 17.39 ? 80  GLN A NE2 1 
ATOM   577  N N   . GLU A 1 81  ? 12.176  -3.683  9.013   1.00 19.26 ? 81  GLU A N   1 
ATOM   578  C CA  . GLU A 1 81  ? 13.036  -3.074  10.027  1.00 22.29 ? 81  GLU A CA  1 
ATOM   579  C C   . GLU A 1 81  ? 12.410  -2.178  11.097  1.00 22.56 ? 81  GLU A C   1 
ATOM   580  O O   . GLU A 1 81  ? 13.080  -1.788  12.054  1.00 24.30 ? 81  GLU A O   1 
ATOM   581  C CB  . GLU A 1 81  ? 14.216  -2.345  9.358   1.00 23.55 ? 81  GLU A CB  1 
ATOM   582  C CG  . GLU A 1 81  ? 13.944  -1.742  8.000   1.00 24.49 ? 81  GLU A CG  1 
ATOM   583  C CD  . GLU A 1 81  ? 15.210  -1.189  7.348   1.00 26.62 ? 81  GLU A CD  1 
ATOM   584  O OE1 . GLU A 1 81  ? 16.178  -1.959  7.161   1.00 26.09 ? 81  GLU A OE1 1 
ATOM   585  O OE2 . GLU A 1 81  ? 15.241  0.014   7.017   1.00 27.16 ? 81  GLU A OE2 1 
ATOM   586  N N   . VAL A 1 82  ? 11.132  -1.863  10.966  1.00 22.79 ? 82  VAL A N   1 
ATOM   587  C CA  . VAL A 1 82  ? 10.493  -1.037  11.976  1.00 22.26 ? 82  VAL A CA  1 
ATOM   588  C C   . VAL A 1 82  ? 9.512   -1.857  12.818  1.00 21.59 ? 82  VAL A C   1 
ATOM   589  O O   . VAL A 1 82  ? 9.372   -1.615  14.010  1.00 20.45 ? 82  VAL A O   1 
ATOM   590  C CB  . VAL A 1 82  ? 9.750   0.167   11.344  1.00 22.56 ? 82  VAL A CB  1 
ATOM   591  C CG1 . VAL A 1 82  ? 9.105   1.014   12.443  1.00 23.09 ? 82  VAL A CG1 1 
ATOM   592  C CG2 . VAL A 1 82  ? 10.732  1.018   10.531  1.00 22.43 ? 82  VAL A CG2 1 
ATOM   593  N N   . PHE A 1 83  ? 8.857   -2.839  12.208  1.00 20.94 ? 83  PHE A N   1 
ATOM   594  C CA  . PHE A 1 83  ? 7.886   -3.663  12.931  1.00 21.21 ? 83  PHE A CA  1 
ATOM   595  C C   . PHE A 1 83  ? 8.121   -5.169  12.781  1.00 20.02 ? 83  PHE A C   1 
ATOM   596  O O   . PHE A 1 83  ? 7.171   -5.940  12.649  1.00 19.85 ? 83  PHE A O   1 
ATOM   597  C CB  . PHE A 1 83  ? 6.478   -3.334  12.437  1.00 23.62 ? 83  PHE A CB  1 
ATOM   598  C CG  . PHE A 1 83  ? 6.053   -1.917  12.698  1.00 27.67 ? 83  PHE A CG  1 
ATOM   599  C CD1 . PHE A 1 83  ? 5.787   -1.483  13.995  1.00 30.92 ? 83  PHE A CD1 1 
ATOM   600  C CD2 . PHE A 1 83  ? 5.901   -1.018  11.646  1.00 29.19 ? 83  PHE A CD2 1 
ATOM   601  C CE1 . PHE A 1 83  ? 5.373   -0.170  14.241  1.00 33.69 ? 83  PHE A CE1 1 
ATOM   602  C CE2 . PHE A 1 83  ? 5.488   0.297   11.878  1.00 30.89 ? 83  PHE A CE2 1 
ATOM   603  C CZ  . PHE A 1 83  ? 5.223   0.722   13.176  1.00 32.37 ? 83  PHE A CZ  1 
ATOM   604  N N   . PRO A 1 84  ? 9.384   -5.610  12.827  1.00 19.10 ? 84  PRO A N   1 
ATOM   605  C CA  . PRO A 1 84  ? 9.652   -7.046  12.677  1.00 18.71 ? 84  PRO A CA  1 
ATOM   606  C C   . PRO A 1 84  ? 8.900   -7.947  13.652  1.00 17.48 ? 84  PRO A C   1 
ATOM   607  O O   . PRO A 1 84  ? 8.577   -9.088  13.322  1.00 15.45 ? 84  PRO A O   1 
ATOM   608  C CB  . PRO A 1 84  ? 11.171  -7.133  12.846  1.00 18.28 ? 84  PRO A CB  1 
ATOM   609  C CG  . PRO A 1 84  ? 11.464  -5.984  13.796  1.00 17.86 ? 84  PRO A CG  1 
ATOM   610  C CD  . PRO A 1 84  ? 10.604  -4.883  13.227  1.00 18.67 ? 84  PRO A CD  1 
ATOM   611  N N   . HIS A 1 85  ? 8.609   -7.430  14.842  1.00 18.98 ? 85  HIS A N   1 
ATOM   612  C CA  . HIS A 1 85  ? 7.905   -8.204  15.866  1.00 19.90 ? 85  HIS A CA  1 
ATOM   613  C C   . HIS A 1 85  ? 6.423   -8.454  15.569  1.00 20.49 ? 85  HIS A C   1 
ATOM   614  O O   . HIS A 1 85  ? 5.747   -9.164  16.307  1.00 19.95 ? 85  HIS A O   1 
ATOM   615  C CB  . HIS A 1 85  ? 8.054   -7.517  17.223  1.00 21.52 ? 85  HIS A CB  1 
ATOM   616  C CG  . HIS A 1 85  ? 7.580   -6.101  17.228  1.00 25.03 ? 85  HIS A CG  1 
ATOM   617  N ND1 . HIS A 1 85  ? 6.246   -5.761  17.146  1.00 25.99 ? 85  HIS A ND1 1 
ATOM   618  C CD2 . HIS A 1 85  ? 8.265   -4.932  17.259  1.00 25.86 ? 85  HIS A CD2 1 
ATOM   619  C CE1 . HIS A 1 85  ? 6.130   -4.446  17.125  1.00 26.47 ? 85  HIS A CE1 1 
ATOM   620  N NE2 . HIS A 1 85  ? 7.339   -3.919  17.191  1.00 27.94 ? 85  HIS A NE2 1 
ATOM   621  N N   . LEU A 1 86  ? 5.915   -7.867  14.493  1.00 21.23 ? 86  LEU A N   1 
ATOM   622  C CA  . LEU A 1 86  ? 4.522   -8.075  14.116  1.00 22.82 ? 86  LEU A CA  1 
ATOM   623  C C   . LEU A 1 86  ? 4.380   -9.386  13.359  1.00 24.05 ? 86  LEU A C   1 
ATOM   624  O O   . LEU A 1 86  ? 3.276   -9.915  13.218  1.00 24.18 ? 86  LEU A O   1 
ATOM   625  C CB  . LEU A 1 86  ? 4.028   -6.941  13.211  1.00 21.65 ? 86  LEU A CB  1 
ATOM   626  C CG  . LEU A 1 86  ? 3.681   -5.619  13.883  1.00 22.06 ? 86  LEU A CG  1 
ATOM   627  C CD1 . LEU A 1 86  ? 3.167   -4.640  12.843  1.00 19.32 ? 86  LEU A CD1 1 
ATOM   628  C CD2 . LEU A 1 86  ? 2.640   -5.872  14.958  1.00 18.97 ? 86  LEU A CD2 1 
ATOM   629  N N   . LEU A 1 87  ? 5.501   -9.910  12.878  1.00 25.81 ? 87  LEU A N   1 
ATOM   630  C CA  . LEU A 1 87  ? 5.479   -11.136 12.092  1.00 29.41 ? 87  LEU A CA  1 
ATOM   631  C C   . LEU A 1 87  ? 5.675   -12.447 12.831  1.00 32.59 ? 87  LEU A C   1 
ATOM   632  O O   . LEU A 1 87  ? 6.556   -12.579 13.688  1.00 32.83 ? 87  LEU A O   1 
ATOM   633  C CB  . LEU A 1 87  ? 6.506   -11.050 10.961  1.00 27.23 ? 87  LEU A CB  1 
ATOM   634  C CG  . LEU A 1 87  ? 6.177   -10.072 9.831   1.00 25.86 ? 87  LEU A CG  1 
ATOM   635  C CD1 . LEU A 1 87  ? 7.296   -10.098 8.803   1.00 26.65 ? 87  LEU A CD1 1 
ATOM   636  C CD2 . LEU A 1 87  ? 4.855   -10.450 9.186   1.00 23.94 ? 87  LEU A CD2 1 
ATOM   637  N N   . ALA A 1 88  ? 4.843   -13.421 12.465  1.00 34.58 ? 88  ALA A N   1 
ATOM   638  C CA  . ALA A 1 88  ? 4.902   -14.753 13.040  1.00 36.70 ? 88  ALA A CA  1 
ATOM   639  C C   . ALA A 1 88  ? 6.242   -15.376 12.652  1.00 38.27 ? 88  ALA A C   1 
ATOM   640  O O   . ALA A 1 88  ? 6.838   -16.112 13.435  1.00 36.76 ? 88  ALA A O   1 
ATOM   641  C CB  . ALA A 1 88  ? 3.748   -15.601 12.510  1.00 36.40 ? 88  ALA A CB  1 
ATOM   642  N N   . ASP A 1 89  ? 6.710   -15.060 11.443  1.00 40.76 ? 89  ASP A N   1 
ATOM   643  C CA  . ASP A 1 89  ? 7.983   -15.578 10.937  1.00 42.61 ? 89  ASP A CA  1 
ATOM   644  C C   . ASP A 1 89  ? 8.904   -14.466 10.428  1.00 42.92 ? 89  ASP A C   1 
ATOM   645  O O   . ASP A 1 89  ? 8.532   -13.292 10.414  1.00 43.55 ? 89  ASP A O   1 
ATOM   646  C CB  . ASP A 1 89  ? 7.728   -16.567 9.799   1.00 44.38 ? 89  ASP A CB  1 
ATOM   647  C CG  . ASP A 1 89  ? 6.640   -17.565 10.128  1.00 45.97 ? 89  ASP A CG  1 
ATOM   648  O OD1 . ASP A 1 89  ? 6.755   -18.257 11.164  1.00 45.80 ? 89  ASP A OD1 1 
ATOM   649  O OD2 . ASP A 1 89  ? 5.668   -17.656 9.348   1.00 48.01 ? 89  ASP A OD2 1 
ATOM   650  N N   . GLU A 1 90  ? 10.107  -14.844 10.005  1.00 42.59 ? 90  GLU A N   1 
ATOM   651  C CA  . GLU A 1 90  ? 11.071  -13.879 9.482   1.00 41.26 ? 90  GLU A CA  1 
ATOM   652  C C   . GLU A 1 90  ? 10.458  -13.067 8.335   1.00 38.31 ? 90  GLU A C   1 
ATOM   653  O O   . GLU A 1 90  ? 9.633   -13.576 7.578   1.00 37.40 ? 90  GLU A O   1 
ATOM   654  C CB  . GLU A 1 90  ? 12.324  -14.606 8.993   1.00 43.74 ? 90  GLU A CB  1 
ATOM   655  C CG  . GLU A 1 90  ? 13.584  -14.243 9.753   1.00 46.70 ? 90  GLU A CG  1 
ATOM   656  C CD  . GLU A 1 90  ? 14.098  -12.862 9.398   1.00 48.79 ? 90  GLU A CD  1 
ATOM   657  O OE1 . GLU A 1 90  ? 13.284  -11.913 9.383   1.00 49.91 ? 90  GLU A OE1 1 
ATOM   658  O OE2 . GLU A 1 90  ? 15.317  -12.729 9.142   1.00 48.16 ? 90  GLU A OE2 1 
ATOM   659  N N   . ALA A 1 91  ? 10.860  -11.806 8.216   1.00 33.68 ? 93  ALA A N   1 
ATOM   660  C CA  . ALA A 1 91  ? 10.333  -10.941 7.172   1.00 31.51 ? 93  ALA A CA  1 
ATOM   661  C C   . ALA A 1 91  ? 10.717  -11.454 5.783   1.00 29.52 ? 93  ALA A C   1 
ATOM   662  O O   . ALA A 1 91  ? 11.886  -11.728 5.510   1.00 29.16 ? 93  ALA A O   1 
ATOM   663  C CB  . ALA A 1 91  ? 10.837  -9.512  7.369   1.00 29.91 ? 93  ALA A CB  1 
ATOM   664  N N   . PRO A 1 92  ? 9.730   -11.584 4.886   1.00 27.73 ? 94  PRO A N   1 
ATOM   665  C CA  . PRO A 1 92  ? 9.949   -12.063 3.516   1.00 26.73 ? 94  PRO A CA  1 
ATOM   666  C C   . PRO A 1 92  ? 11.009  -11.247 2.776   1.00 25.58 ? 94  PRO A C   1 
ATOM   667  O O   . PRO A 1 92  ? 11.169  -10.049 3.002   1.00 25.21 ? 94  PRO A O   1 
ATOM   668  C CB  . PRO A 1 92  ? 8.575   -11.909 2.870   1.00 26.67 ? 94  PRO A CB  1 
ATOM   669  C CG  . PRO A 1 92  ? 7.634   -12.055 4.029   1.00 29.09 ? 94  PRO A CG  1 
ATOM   670  C CD  . PRO A 1 92  ? 8.310   -11.255 5.104   1.00 27.37 ? 94  PRO A CD  1 
ATOM   671  N N   . ARG A 1 93  ? 11.721  -11.908 1.878   1.00 24.87 ? 95  ARG A N   1 
ATOM   672  C CA  . ARG A 1 93  ? 12.740  -11.257 1.078   1.00 25.14 ? 95  ARG A CA  1 
ATOM   673  C C   . ARG A 1 93  ? 12.681  -11.968 -0.273  1.00 25.95 ? 95  ARG A C   1 
ATOM   674  O O   . ARG A 1 93  ? 13.494  -12.845 -0.568  1.00 26.38 ? 95  ARG A O   1 
ATOM   675  C CB  . ARG A 1 93  ? 14.095  -11.448 1.745   1.00 27.13 ? 95  ARG A CB  1 
ATOM   676  C CG  . ARG A 1 93  ? 15.158  -10.566 1.188   1.00 26.53 ? 95  ARG A CG  1 
ATOM   677  C CD  . ARG A 1 93  ? 15.707  -9.592  2.226   1.00 25.38 ? 95  ARG A CD  1 
ATOM   678  N NE  . ARG A 1 93  ? 16.639  -8.702  1.544   1.00 26.24 ? 95  ARG A NE  1 
ATOM   679  C CZ  . ARG A 1 93  ? 17.704  -9.132  0.874   1.00 23.93 ? 95  ARG A CZ  1 
ATOM   680  N NH1 . ARG A 1 93  ? 17.975  -10.433 0.817   1.00 19.74 ? 95  ARG A NH1 1 
ATOM   681  N NH2 . ARG A 1 93  ? 18.462  -8.268  0.214   1.00 23.40 ? 95  ARG A NH2 1 
ATOM   682  N N   . SER A 1 94  ? 11.705  -11.587 -1.092  1.00 25.15 ? 96  SER A N   1 
ATOM   683  C CA  . SER A 1 94  ? 11.502  -12.237 -2.382  1.00 24.00 ? 96  SER A CA  1 
ATOM   684  C C   . SER A 1 94  ? 10.995  -11.318 -3.492  1.00 23.65 ? 96  SER A C   1 
ATOM   685  O O   . SER A 1 94  ? 10.305  -10.331 -3.239  1.00 22.57 ? 96  SER A O   1 
ATOM   686  C CB  . SER A 1 94  ? 10.510  -13.394 -2.193  1.00 23.24 ? 96  SER A CB  1 
ATOM   687  O OG  . SER A 1 94  ? 9.985   -13.852 -3.426  1.00 26.52 ? 96  SER A OG  1 
ATOM   688  N N   . ALA A 1 95  ? 11.338  -11.658 -4.729  1.00 22.18 ? 97  ALA A N   1 
ATOM   689  C CA  . ALA A 1 95  ? 10.885  -10.879 -5.873  1.00 21.27 ? 97  ALA A CA  1 
ATOM   690  C C   . ALA A 1 95  ? 9.379   -11.082 -5.999  1.00 20.68 ? 97  ALA A C   1 
ATOM   691  O O   . ALA A 1 95  ? 8.690   -10.303 -6.658  1.00 19.97 ? 97  ALA A O   1 
ATOM   692  C CB  . ALA A 1 95  ? 11.581  -11.351 -7.148  1.00 19.60 ? 97  ALA A CB  1 
ATOM   693  N N   . HIS A 1 96  ? 8.876   -12.126 -5.347  1.00 19.68 ? 98  HIS A N   1 
ATOM   694  C CA  . HIS A 1 96  ? 7.462   -12.458 -5.401  1.00 22.13 ? 98  HIS A CA  1 
ATOM   695  C C   . HIS A 1 96  ? 6.606   -11.713 -4.391  1.00 22.19 ? 98  HIS A C   1 
ATOM   696  O O   . HIS A 1 96  ? 5.384   -11.827 -4.417  1.00 22.88 ? 98  HIS A O   1 
ATOM   697  C CB  . HIS A 1 96  ? 7.262   -13.963 -5.198  1.00 25.16 ? 98  HIS A CB  1 
ATOM   698  C CG  . HIS A 1 96  ? 7.834   -14.811 -6.293  1.00 28.13 ? 98  HIS A CG  1 
ATOM   699  N ND1 . HIS A 1 96  ? 7.653   -14.523 -7.628  1.00 28.04 ? 98  HIS A ND1 1 
ATOM   700  C CD2 . HIS A 1 96  ? 8.554   -15.956 -6.249  1.00 29.58 ? 98  HIS A CD2 1 
ATOM   701  C CE1 . HIS A 1 96  ? 8.239   -15.454 -8.360  1.00 30.81 ? 98  HIS A CE1 1 
ATOM   702  N NE2 . HIS A 1 96  ? 8.793   -16.336 -7.546  1.00 32.55 ? 98  HIS A NE2 1 
ATOM   703  N N   . VAL A 1 97  ? 7.242   -10.963 -3.495  1.00 21.71 ? 99  VAL A N   1 
ATOM   704  C CA  . VAL A 1 97  ? 6.509   -10.218 -2.475  1.00 19.39 ? 99  VAL A CA  1 
ATOM   705  C C   . VAL A 1 97  ? 6.910   -8.747  -2.446  1.00 18.19 ? 99  VAL A C   1 
ATOM   706  O O   . VAL A 1 97  ? 8.094   -8.424  -2.414  1.00 19.40 ? 99  VAL A O   1 
ATOM   707  C CB  . VAL A 1 97  ? 6.764   -10.793 -1.053  1.00 18.89 ? 99  VAL A CB  1 
ATOM   708  C CG1 . VAL A 1 97  ? 5.919   -10.029 -0.017  1.00 17.54 ? 99  VAL A CG1 1 
ATOM   709  C CG2 . VAL A 1 97  ? 6.442   -12.272 -1.018  1.00 17.46 ? 99  VAL A CG2 1 
ATOM   710  N N   . TRP A 1 98  ? 5.914   -7.869  -2.454  1.00 16.24 ? 100 TRP A N   1 
ATOM   711  C CA  . TRP A 1 98  ? 6.130   -6.427  -2.386  1.00 16.43 ? 100 TRP A CA  1 
ATOM   712  C C   . TRP A 1 98  ? 5.382   -5.934  -1.153  1.00 16.26 ? 100 TRP A C   1 
ATOM   713  O O   . TRP A 1 98  ? 4.367   -6.522  -0.768  1.00 15.38 ? 100 TRP A O   1 
ATOM   714  C CB  . TRP A 1 98  ? 5.587   -5.719  -3.637  1.00 16.30 ? 100 TRP A CB  1 
ATOM   715  C CG  . TRP A 1 98  ? 6.529   -5.757  -4.799  1.00 20.60 ? 100 TRP A CG  1 
ATOM   716  C CD1 . TRP A 1 98  ? 7.028   -6.871  -5.410  1.00 20.34 ? 100 TRP A CD1 1 
ATOM   717  C CD2 . TRP A 1 98  ? 7.138   -4.635  -5.451  1.00 19.03 ? 100 TRP A CD2 1 
ATOM   718  N NE1 . TRP A 1 98  ? 7.913   -6.514  -6.394  1.00 21.10 ? 100 TRP A NE1 1 
ATOM   719  C CE2 . TRP A 1 98  ? 8.002   -5.148  -6.442  1.00 18.37 ? 100 TRP A CE2 1 
ATOM   720  C CE3 . TRP A 1 98  ? 7.041   -3.246  -5.290  1.00 20.02 ? 100 TRP A CE3 1 
ATOM   721  C CZ2 . TRP A 1 98  ? 8.767   -4.325  -7.274  1.00 16.33 ? 100 TRP A CZ2 1 
ATOM   722  C CZ3 . TRP A 1 98  ? 7.802   -2.423  -6.120  1.00 20.34 ? 100 TRP A CZ3 1 
ATOM   723  C CH2 . TRP A 1 98  ? 8.657   -2.971  -7.102  1.00 18.80 ? 100 TRP A CH2 1 
ATOM   724  N N   . GLU A 1 99  ? 5.890   -4.866  -0.541  1.00 15.52 ? 101 GLU A N   1 
ATOM   725  C CA  . GLU A 1 99  ? 5.276   -4.284  0.646   1.00 16.55 ? 101 GLU A CA  1 
ATOM   726  C C   . GLU A 1 99  ? 4.369   -3.116  0.296   1.00 16.74 ? 101 GLU A C   1 
ATOM   727  O O   . GLU A 1 99  ? 4.728   -2.244  -0.494  1.00 16.53 ? 101 GLU A O   1 
ATOM   728  C CB  . GLU A 1 99  ? 6.333   -3.771  1.634   1.00 16.54 ? 101 GLU A CB  1 
ATOM   729  C CG  . GLU A 1 99  ? 5.692   -3.053  2.827   1.00 18.03 ? 101 GLU A CG  1 
ATOM   730  C CD  . GLU A 1 99  ? 6.670   -2.259  3.664   1.00 19.49 ? 101 GLU A CD  1 
ATOM   731  O OE1 . GLU A 1 99  ? 7.348   -1.369  3.102   1.00 21.29 ? 101 GLU A OE1 1 
ATOM   732  O OE2 . GLU A 1 99  ? 6.752   -2.516  4.888   1.00 18.10 ? 101 GLU A OE2 1 
ATOM   733  N N   . LEU A 1 100 ? 3.195   -3.096  0.908   1.00 16.72 ? 102 LEU A N   1 
ATOM   734  C CA  . LEU A 1 100 ? 2.240   -2.024  0.683   1.00 16.53 ? 102 LEU A CA  1 
ATOM   735  C C   . LEU A 1 100 ? 2.250   -1.202  1.960   1.00 16.34 ? 102 LEU A C   1 
ATOM   736  O O   . LEU A 1 100 ? 2.063   -1.749  3.044   1.00 16.05 ? 102 LEU A O   1 
ATOM   737  C CB  . LEU A 1 100 ? 0.844   -2.611  0.452   1.00 17.97 ? 102 LEU A CB  1 
ATOM   738  C CG  . LEU A 1 100 ? -0.297  -1.785  -0.150  1.00 21.60 ? 102 LEU A CG  1 
ATOM   739  C CD1 . LEU A 1 100 ? -1.472  -1.786  0.816   1.00 22.27 ? 102 LEU A CD1 1 
ATOM   740  C CD2 . LEU A 1 100 ? 0.155   -0.371  -0.464  1.00 20.97 ? 102 LEU A CD2 1 
ATOM   741  N N   . SER A 1 101 ? 2.507   0.098   1.850   1.00 13.72 ? 103 SER A N   1 
ATOM   742  C CA  . SER A 1 101 ? 2.497   0.951   3.037   1.00 14.00 ? 103 SER A CA  1 
ATOM   743  C C   . SER A 1 101 ? 1.964   2.333   2.668   1.00 14.07 ? 103 SER A C   1 
ATOM   744  O O   . SER A 1 101 ? 1.710   2.605   1.494   1.00 13.93 ? 103 SER A O   1 
ATOM   745  C CB  . SER A 1 101 ? 3.902   1.061   3.639   1.00 10.31 ? 103 SER A CB  1 
ATOM   746  O OG  . SER A 1 101 ? 4.810   1.677   2.749   1.00 15.70 ? 103 SER A OG  1 
ATOM   747  N N   . ARG A 1 102 ? 1.780   3.197   3.662   1.00 15.03 ? 104 ARG A N   1 
ATOM   748  C CA  . ARG A 1 102 ? 1.289   4.549   3.401   1.00 15.86 ? 104 ARG A CA  1 
ATOM   749  C C   . ARG A 1 102 ? 0.067   4.493   2.500   1.00 16.69 ? 104 ARG A C   1 
ATOM   750  O O   . ARG A 1 102 ? -0.047  5.261   1.545   1.00 16.57 ? 104 ARG A O   1 
ATOM   751  C CB  . ARG A 1 102 ? 2.379   5.365   2.714   1.00 15.82 ? 104 ARG A CB  1 
ATOM   752  C CG  . ARG A 1 102 ? 3.012   6.424   3.573   1.00 21.34 ? 104 ARG A CG  1 
ATOM   753  C CD  . ARG A 1 102 ? 3.287   5.909   4.954   1.00 22.63 ? 104 ARG A CD  1 
ATOM   754  N NE  . ARG A 1 102 ? 4.058   6.856   5.745   1.00 22.33 ? 104 ARG A NE  1 
ATOM   755  C CZ  . ARG A 1 102 ? 4.717   6.514   6.843   1.00 22.88 ? 104 ARG A CZ  1 
ATOM   756  N NH1 . ARG A 1 102 ? 4.682   5.257   7.263   1.00 22.02 ? 104 ARG A NH1 1 
ATOM   757  N NH2 . ARG A 1 102 ? 5.430   7.415   7.504   1.00 24.51 ? 104 ARG A NH2 1 
ATOM   758  N N   . PHE A 1 103 ? -0.843  3.577   2.808   1.00 17.44 ? 105 PHE A N   1 
ATOM   759  C CA  . PHE A 1 103 ? -2.045  3.402   2.011   1.00 17.58 ? 105 PHE A CA  1 
ATOM   760  C C   . PHE A 1 103 ? -3.204  4.192   2.617   1.00 19.16 ? 105 PHE A C   1 
ATOM   761  O O   . PHE A 1 103 ? -3.526  4.025   3.793   1.00 17.65 ? 105 PHE A O   1 
ATOM   762  C CB  . PHE A 1 103 ? -2.399  1.919   1.950   1.00 18.24 ? 105 PHE A CB  1 
ATOM   763  C CG  . PHE A 1 103 ? -3.565  1.610   1.061   1.00 19.64 ? 105 PHE A CG  1 
ATOM   764  C CD1 . PHE A 1 103 ? -3.412  1.578   -0.319  1.00 19.26 ? 105 PHE A CD1 1 
ATOM   765  C CD2 . PHE A 1 103 ? -4.821  1.348   1.608   1.00 19.70 ? 105 PHE A CD2 1 
ATOM   766  C CE1 . PHE A 1 103 ? -4.495  1.285   -1.155  1.00 20.45 ? 105 PHE A CE1 1 
ATOM   767  C CE2 . PHE A 1 103 ? -5.910  1.054   0.786   1.00 22.73 ? 105 PHE A CE2 1 
ATOM   768  C CZ  . PHE A 1 103 ? -5.746  1.022   -0.603  1.00 21.70 ? 105 PHE A CZ  1 
ATOM   769  N N   . ALA A 1 104 ? -3.828  5.044   1.806   1.00 19.77 ? 106 ALA A N   1 
ATOM   770  C CA  . ALA A 1 104 ? -4.943  5.863   2.272   1.00 21.53 ? 106 ALA A CA  1 
ATOM   771  C C   . ALA A 1 104 ? -5.847  6.372   1.148   1.00 22.09 ? 106 ALA A C   1 
ATOM   772  O O   . ALA A 1 104 ? -5.426  6.495   -0.001  1.00 21.28 ? 106 ALA A O   1 
ATOM   773  C CB  . ALA A 1 104 ? -4.410  7.049   3.076   1.00 20.67 ? 106 ALA A CB  1 
ATOM   774  N N   . ALA A 1 105 ? -7.096  6.663   1.499   1.00 22.71 ? 107 ALA A N   1 
ATOM   775  C CA  . ALA A 1 105 ? -8.072  7.190   0.550   1.00 23.43 ? 107 ALA A CA  1 
ATOM   776  C C   . ALA A 1 105 ? -9.011  8.108   1.324   1.00 25.33 ? 107 ALA A C   1 
ATOM   777  O O   . ALA A 1 105 ? -9.533  7.730   2.372   1.00 24.77 ? 107 ALA A O   1 
ATOM   778  C CB  . ALA A 1 105 ? -8.856  6.054   -0.099  1.00 23.12 ? 107 ALA A CB  1 
ATOM   779  N N   . THR A 1 106 ? -9.212  9.318   0.814   1.00 27.33 ? 108 THR A N   1 
ATOM   780  C CA  . THR A 1 106 ? -10.085 10.285  1.468   1.00 29.67 ? 108 THR A CA  1 
ATOM   781  C C   . THR A 1 106 ? -11.504 10.211  0.912   1.00 31.58 ? 108 THR A C   1 
ATOM   782  O O   . THR A 1 106 ? -11.742 10.570  -0.242  1.00 33.06 ? 108 THR A O   1 
ATOM   783  C CB  . THR A 1 106 ? -9.560  11.713  1.278   1.00 29.79 ? 108 THR A CB  1 
ATOM   784  O OG1 . THR A 1 106 ? -8.257  11.823  1.866   1.00 31.51 ? 108 THR A OG1 1 
ATOM   785  C CG2 . THR A 1 106 ? -10.502 12.714  1.936   1.00 30.20 ? 108 THR A CG2 1 
ATOM   786  N N   . ALA A 1 117 ? -14.489 3.012   1.276   1.00 45.68 ? 119 ALA A N   1 
ATOM   787  C CA  . ALA A 1 117 ? -14.323 1.658   0.760   1.00 46.51 ? 119 ALA A CA  1 
ATOM   788  C C   . ALA A 1 117 ? -14.512 1.656   -0.745  1.00 46.37 ? 119 ALA A C   1 
ATOM   789  O O   . ALA A 1 117 ? -13.815 0.948   -1.473  1.00 46.61 ? 119 ALA A O   1 
ATOM   790  C CB  . ALA A 1 117 ? -15.326 0.718   1.408   1.00 46.23 ? 119 ALA A CB  1 
ATOM   791  N N   . TRP A 1 118 ? -15.467 2.454   -1.207  1.00 45.36 ? 120 TRP A N   1 
ATOM   792  C CA  . TRP A 1 118 ? -15.736 2.550   -2.630  1.00 44.71 ? 120 TRP A CA  1 
ATOM   793  C C   . TRP A 1 118 ? -14.637 3.443   -3.206  1.00 42.41 ? 120 TRP A C   1 
ATOM   794  O O   . TRP A 1 118 ? -14.527 3.623   -4.422  1.00 43.02 ? 120 TRP A O   1 
ATOM   795  C CB  . TRP A 1 118 ? -17.122 3.165   -2.855  1.00 47.83 ? 120 TRP A CB  1 
ATOM   796  C CG  . TRP A 1 118 ? -17.788 2.725   -4.127  1.00 50.83 ? 120 TRP A CG  1 
ATOM   797  C CD1 . TRP A 1 118 ? -17.399 3.021   -5.403  1.00 52.59 ? 120 TRP A CD1 1 
ATOM   798  C CD2 . TRP A 1 118 ? -18.969 1.916   -4.243  1.00 52.30 ? 120 TRP A CD2 1 
ATOM   799  N NE1 . TRP A 1 118 ? -18.266 2.449   -6.308  1.00 53.63 ? 120 TRP A NE1 1 
ATOM   800  C CE2 . TRP A 1 118 ? -19.238 1.766   -5.625  1.00 52.92 ? 120 TRP A CE2 1 
ATOM   801  C CE3 . TRP A 1 118 ? -19.826 1.305   -3.316  1.00 52.43 ? 120 TRP A CE3 1 
ATOM   802  C CZ2 . TRP A 1 118 ? -20.332 1.028   -6.103  1.00 52.93 ? 120 TRP A CZ2 1 
ATOM   803  C CZ3 . TRP A 1 118 ? -20.916 0.569   -3.793  1.00 52.24 ? 120 TRP A CZ3 1 
ATOM   804  C CH2 . TRP A 1 118 ? -21.156 0.439   -5.174  1.00 52.67 ? 120 TRP A CH2 1 
ATOM   805  N N   . SER A 1 119 ? -13.826 3.994   -2.306  1.00 38.80 ? 121 SER A N   1 
ATOM   806  C CA  . SER A 1 119 ? -12.708 4.858   -2.672  1.00 34.95 ? 121 SER A CA  1 
ATOM   807  C C   . SER A 1 119 ? -11.401 4.091   -2.493  1.00 31.21 ? 121 SER A C   1 
ATOM   808  O O   . SER A 1 119 ? -10.429 4.340   -3.200  1.00 30.76 ? 121 SER A O   1 
ATOM   809  C CB  . SER A 1 119 ? -12.686 6.109   -1.792  1.00 36.97 ? 121 SER A CB  1 
ATOM   810  O OG  . SER A 1 119 ? -13.871 6.865   -1.953  1.00 40.47 ? 121 SER A OG  1 
ATOM   811  N N   . VAL A 1 120 ? -11.383 3.157   -1.546  1.00 27.62 ? 122 VAL A N   1 
ATOM   812  C CA  . VAL A 1 120 ? -10.195 2.339   -1.293  1.00 24.54 ? 122 VAL A CA  1 
ATOM   813  C C   . VAL A 1 120 ? -9.981  1.364   -2.446  1.00 22.07 ? 122 VAL A C   1 
ATOM   814  O O   . VAL A 1 120 ? -8.855  1.089   -2.850  1.00 21.18 ? 122 VAL A O   1 
ATOM   815  C CB  . VAL A 1 120 ? -10.346 1.527   0.017   1.00 24.95 ? 122 VAL A CB  1 
ATOM   816  C CG1 . VAL A 1 120 ? -9.221  0.506   0.142   1.00 23.37 ? 122 VAL A CG1 1 
ATOM   817  C CG2 . VAL A 1 120 ? -10.329 2.474   1.215   1.00 24.52 ? 122 VAL A CG2 1 
ATOM   818  N N   . ARG A 1 121 ? -11.086 0.864   -2.978  1.00 21.02 ? 123 ARG A N   1 
ATOM   819  C CA  . ARG A 1 121 ? -11.078 -0.094  -4.071  1.00 21.26 ? 123 ARG A CA  1 
ATOM   820  C C   . ARG A 1 121 ? -10.213 0.316   -5.272  1.00 20.76 ? 123 ARG A C   1 
ATOM   821  O O   . ARG A 1 121 ? -9.377  -0.465  -5.732  1.00 19.63 ? 123 ARG A O   1 
ATOM   822  C CB  . ARG A 1 121 ? -12.522 -0.353  -4.504  1.00 22.19 ? 123 ARG A CB  1 
ATOM   823  C CG  . ARG A 1 121 ? -12.707 -1.542  -5.419  1.00 27.92 ? 123 ARG A CG  1 
ATOM   824  C CD  . ARG A 1 121 ? -14.186 -1.792  -5.656  1.00 29.63 ? 123 ARG A CD  1 
ATOM   825  N NE  . ARG A 1 121 ? -14.430 -2.973  -6.473  1.00 35.40 ? 123 ARG A NE  1 
ATOM   826  C CZ  . ARG A 1 121 ? -14.250 -3.027  -7.790  1.00 37.86 ? 123 ARG A CZ  1 
ATOM   827  N NH1 . ARG A 1 121 ? -13.821 -1.958  -8.452  1.00 39.88 ? 123 ARG A NH1 1 
ATOM   828  N NH2 . ARG A 1 121 ? -14.512 -4.151  -8.448  1.00 38.31 ? 123 ARG A NH2 1 
ATOM   829  N N   . PRO A 1 122 ? -10.397 1.545   -5.793  1.00 20.48 ? 124 PRO A N   1 
ATOM   830  C CA  . PRO A 1 122 ? -9.610  2.011   -6.939  1.00 20.06 ? 124 PRO A CA  1 
ATOM   831  C C   . PRO A 1 122 ? -8.122  2.068   -6.609  1.00 17.95 ? 124 PRO A C   1 
ATOM   832  O O   . PRO A 1 122 ? -7.286  1.652   -7.408  1.00 19.23 ? 124 PRO A O   1 
ATOM   833  C CB  . PRO A 1 122 ? -10.174 3.409   -7.214  1.00 20.76 ? 124 PRO A CB  1 
ATOM   834  C CG  . PRO A 1 122 ? -11.531 3.387   -6.603  1.00 20.35 ? 124 PRO A CG  1 
ATOM   835  C CD  . PRO A 1 122 ? -11.317 2.604   -5.343  1.00 20.56 ? 124 PRO A CD  1 
ATOM   836  N N   . MET A 1 123 ? -7.806  2.596   -5.431  1.00 17.18 ? 125 MET A N   1 
ATOM   837  C CA  . MET A 1 123 ? -6.417  2.712   -4.977  1.00 17.83 ? 125 MET A CA  1 
ATOM   838  C C   . MET A 1 123 ? -5.749  1.349   -4.859  1.00 16.10 ? 125 MET A C   1 
ATOM   839  O O   . MET A 1 123 ? -4.607  1.181   -5.267  1.00 17.87 ? 125 MET A O   1 
ATOM   840  C CB  . MET A 1 123 ? -6.348  3.420   -3.617  1.00 17.26 ? 125 MET A CB  1 
ATOM   841  C CG  . MET A 1 123 ? -6.757  4.887   -3.653  1.00 18.33 ? 125 MET A CG  1 
ATOM   842  S SD  . MET A 1 123 ? -5.745  5.809   -4.827  1.00 19.94 ? 125 MET A SD  1 
ATOM   843  C CE  . MET A 1 123 ? -4.132  5.652   -4.044  1.00 18.72 ? 125 MET A CE  1 
ATOM   844  N N   . LEU A 1 124 ? -6.460  0.376   -4.299  1.00 15.72 ? 126 LEU A N   1 
ATOM   845  C CA  . LEU A 1 124 ? -5.898  -0.959  -4.145  1.00 16.20 ? 126 LEU A CA  1 
ATOM   846  C C   . LEU A 1 124 ? -5.727  -1.638  -5.506  1.00 17.44 ? 126 LEU A C   1 
ATOM   847  O O   . LEU A 1 124 ? -4.737  -2.332  -5.741  1.00 19.27 ? 126 LEU A O   1 
ATOM   848  C CB  . LEU A 1 124 ? -6.790  -1.815  -3.240  1.00 13.62 ? 126 LEU A CB  1 
ATOM   849  C CG  . LEU A 1 124 ? -6.246  -3.194  -2.839  1.00 15.58 ? 126 LEU A CG  1 
ATOM   850  C CD1 . LEU A 1 124 ? -4.868  -3.046  -2.189  1.00 13.30 ? 126 LEU A CD1 1 
ATOM   851  C CD2 . LEU A 1 124 ? -7.211  -3.864  -1.869  1.00 13.44 ? 126 LEU A CD2 1 
ATOM   852  N N   . ALA A 1 125 ? -6.687  -1.431  -6.404  1.00 16.14 ? 127 ALA A N   1 
ATOM   853  C CA  . ALA A 1 125 ? -6.620  -2.037  -7.730  1.00 17.00 ? 127 ALA A CA  1 
ATOM   854  C C   . ALA A 1 125 ? -5.356  -1.583  -8.457  1.00 16.87 ? 127 ALA A C   1 
ATOM   855  O O   . ALA A 1 125 ? -4.606  -2.403  -8.988  1.00 15.89 ? 127 ALA A O   1 
ATOM   856  C CB  . ALA A 1 125 ? -7.867  -1.674  -8.546  1.00 16.90 ? 127 ALA A CB  1 
ATOM   857  N N   . ALA A 1 126 ? -5.126  -0.273  -8.481  1.00 17.54 ? 128 ALA A N   1 
ATOM   858  C CA  . ALA A 1 126 ? -3.940  0.276   -9.126  1.00 17.11 ? 128 ALA A CA  1 
ATOM   859  C C   . ALA A 1 126 ? -2.703  -0.260  -8.403  1.00 18.12 ? 128 ALA A C   1 
ATOM   860  O O   . ALA A 1 126 ? -1.704  -0.602  -9.030  1.00 18.13 ? 128 ALA A O   1 
ATOM   861  C CB  . ALA A 1 126 ? -3.966  1.800   -9.071  1.00 16.66 ? 128 ALA A CB  1 
ATOM   862  N N   . ALA A 1 127 ? -2.777  -0.344  -7.080  1.00 17.90 ? 129 ALA A N   1 
ATOM   863  C CA  . ALA A 1 127 ? -1.652  -0.853  -6.308  1.00 18.30 ? 129 ALA A CA  1 
ATOM   864  C C   . ALA A 1 127 ? -1.338  -2.305  -6.680  1.00 18.22 ? 129 ALA A C   1 
ATOM   865  O O   . ALA A 1 127 ? -0.187  -2.647  -6.950  1.00 17.43 ? 129 ALA A O   1 
ATOM   866  C CB  . ALA A 1 127 ? -1.950  -0.746  -4.820  1.00 17.85 ? 129 ALA A CB  1 
ATOM   867  N N   . VAL A 1 128 ? -2.357  -3.161  -6.701  1.00 17.90 ? 130 VAL A N   1 
ATOM   868  C CA  . VAL A 1 128 ? -2.138  -4.567  -7.032  1.00 17.93 ? 130 VAL A CA  1 
ATOM   869  C C   . VAL A 1 128 ? -1.654  -4.799  -8.465  1.00 19.22 ? 130 VAL A C   1 
ATOM   870  O O   . VAL A 1 128 ? -0.727  -5.584  -8.687  1.00 18.03 ? 130 VAL A O   1 
ATOM   871  C CB  . VAL A 1 128 ? -3.412  -5.413  -6.807  1.00 16.64 ? 130 VAL A CB  1 
ATOM   872  C CG1 . VAL A 1 128 ? -3.286  -6.741  -7.529  1.00 13.85 ? 130 VAL A CG1 1 
ATOM   873  C CG2 . VAL A 1 128 ? -3.617  -5.663  -5.317  1.00 13.04 ? 130 VAL A CG2 1 
ATOM   874  N N   . GLU A 1 129 ? -2.282  -4.132  -9.431  1.00 20.10 ? 131 GLU A N   1 
ATOM   875  C CA  . GLU A 1 129 ? -1.894  -4.296  -10.827 1.00 22.59 ? 131 GLU A CA  1 
ATOM   876  C C   . GLU A 1 129 ? -0.427  -3.943  -11.051 1.00 21.75 ? 131 GLU A C   1 
ATOM   877  O O   . GLU A 1 129 ? 0.288   -4.650  -11.766 1.00 21.70 ? 131 GLU A O   1 
ATOM   878  C CB  . GLU A 1 129 ? -2.784  -3.443  -11.746 1.00 26.44 ? 131 GLU A CB  1 
ATOM   879  C CG  . GLU A 1 129 ? -3.003  -2.017  -11.264 1.00 35.29 ? 131 GLU A CG  1 
ATOM   880  C CD  . GLU A 1 129 ? -3.214  -1.014  -12.397 1.00 40.19 ? 131 GLU A CD  1 
ATOM   881  O OE1 . GLU A 1 129 ? -4.108  -1.239  -13.249 1.00 39.16 ? 131 GLU A OE1 1 
ATOM   882  O OE2 . GLU A 1 129 ? -2.479  0.005   -12.421 1.00 41.60 ? 131 GLU A OE2 1 
ATOM   883  N N   . CYS A 1 130 ? 0.024   -2.857  -10.433 1.00 20.13 ? 132 CYS A N   1 
ATOM   884  C CA  . CYS A 1 130 ? 1.404   -2.425  -10.578 1.00 22.25 ? 132 CYS A CA  1 
ATOM   885  C C   . CYS A 1 130 ? 2.372   -3.449  -10.000 1.00 22.51 ? 132 CYS A C   1 
ATOM   886  O O   . CYS A 1 130 ? 3.340   -3.851  -10.653 1.00 21.98 ? 132 CYS A O   1 
ATOM   887  C CB  . CYS A 1 130 ? 1.620   -1.086  -9.881  1.00 24.81 ? 132 CYS A CB  1 
ATOM   888  S SG  . CYS A 1 130 ? 3.347   -0.563  -9.893  1.00 32.25 ? 132 CYS A SG  1 
ATOM   889  N N   . ALA A 1 131 ? 2.113   -3.874  -8.770  1.00 20.83 ? 133 ALA A N   1 
ATOM   890  C CA  . ALA A 1 131 ? 2.977   -4.854  -8.127  1.00 20.27 ? 133 ALA A CA  1 
ATOM   891  C C   . ALA A 1 131 ? 3.024   -6.145  -8.936  1.00 20.22 ? 133 ALA A C   1 
ATOM   892  O O   . ALA A 1 131 ? 4.091   -6.713  -9.140  1.00 21.13 ? 133 ALA A O   1 
ATOM   893  C CB  . ALA A 1 131 ? 2.482   -5.140  -6.703  1.00 19.92 ? 133 ALA A CB  1 
ATOM   894  N N   . ALA A 1 132 ? 1.865   -6.600  -9.406  1.00 20.50 ? 134 ALA A N   1 
ATOM   895  C CA  . ALA A 1 132 ? 1.792   -7.839  -10.175 1.00 22.29 ? 134 ALA A CA  1 
ATOM   896  C C   . ALA A 1 132 ? 2.576   -7.739  -11.480 1.00 23.67 ? 134 ALA A C   1 
ATOM   897  O O   . ALA A 1 132 ? 3.220   -8.698  -11.904 1.00 23.96 ? 134 ALA A O   1 
ATOM   898  C CB  . ALA A 1 132 ? 0.336   -8.199  -10.455 1.00 18.43 ? 134 ALA A CB  1 
ATOM   899  N N   . ARG A 1 133 ? 2.523   -6.574  -12.114 1.00 26.29 ? 135 ARG A N   1 
ATOM   900  C CA  . ARG A 1 133 ? 3.248   -6.361  -13.361 1.00 28.89 ? 135 ARG A CA  1 
ATOM   901  C C   . ARG A 1 133 ? 4.752   -6.334  -13.094 1.00 29.25 ? 135 ARG A C   1 
ATOM   902  O O   . ARG A 1 133 ? 5.557   -6.330  -14.024 1.00 30.06 ? 135 ARG A O   1 
ATOM   903  C CB  . ARG A 1 133 ? 2.804   -5.045  -14.006 1.00 31.07 ? 135 ARG A CB  1 
ATOM   904  C CG  . ARG A 1 133 ? 1.989   -5.236  -15.270 1.00 36.51 ? 135 ARG A CG  1 
ATOM   905  C CD  . ARG A 1 133 ? 1.252   -3.969  -15.681 1.00 41.00 ? 135 ARG A CD  1 
ATOM   906  N NE  . ARG A 1 133 ? 0.086   -3.732  -14.836 1.00 45.43 ? 135 ARG A NE  1 
ATOM   907  C CZ  . ARG A 1 133 ? -0.923  -2.925  -15.157 1.00 47.39 ? 135 ARG A CZ  1 
ATOM   908  N NH1 . ARG A 1 133 ? -0.920  -2.265  -16.311 1.00 46.56 ? 135 ARG A NH1 1 
ATOM   909  N NH2 . ARG A 1 133 ? -1.944  -2.785  -14.323 1.00 46.83 ? 135 ARG A NH2 1 
ATOM   910  N N   . ARG A 1 134 ? 5.121   -6.320  -11.816 1.00 28.02 ? 136 ARG A N   1 
ATOM   911  C CA  . ARG A 1 134 ? 6.518   -6.290  -11.417 1.00 27.29 ? 136 ARG A CA  1 
ATOM   912  C C   . ARG A 1 134 ? 6.985   -7.652  -10.902 1.00 26.37 ? 136 ARG A C   1 
ATOM   913  O O   . ARG A 1 134 ? 8.103   -7.779  -10.413 1.00 24.50 ? 136 ARG A O   1 
ATOM   914  C CB  . ARG A 1 134 ? 6.729   -5.218  -10.343 1.00 30.97 ? 136 ARG A CB  1 
ATOM   915  C CG  . ARG A 1 134 ? 6.451   -3.803  -10.835 1.00 33.24 ? 136 ARG A CG  1 
ATOM   916  C CD  . ARG A 1 134 ? 7.500   -3.366  -11.845 1.00 34.72 ? 136 ARG A CD  1 
ATOM   917  N NE  . ARG A 1 134 ? 8.746   -2.986  -11.187 1.00 36.68 ? 136 ARG A NE  1 
ATOM   918  C CZ  . ARG A 1 134 ? 9.081   -1.735  -10.882 1.00 37.90 ? 136 ARG A CZ  1 
ATOM   919  N NH1 . ARG A 1 134 ? 8.265   -0.733  -11.187 1.00 35.73 ? 136 ARG A NH1 1 
ATOM   920  N NH2 . ARG A 1 134 ? 10.225  -1.489  -10.254 1.00 37.60 ? 136 ARG A NH2 1 
ATOM   921  N N   . GLY A 1 135 ? 6.121   -8.661  -11.015 1.00 26.53 ? 137 GLY A N   1 
ATOM   922  C CA  . GLY A 1 135 ? 6.468   -10.006 -10.575 1.00 25.00 ? 137 GLY A CA  1 
ATOM   923  C C   . GLY A 1 135 ? 5.910   -10.411 -9.219  1.00 25.09 ? 137 GLY A C   1 
ATOM   924  O O   . GLY A 1 135 ? 5.991   -11.574 -8.823  1.00 26.11 ? 137 GLY A O   1 
ATOM   925  N N   . ALA A 1 136 ? 5.344   -9.453  -8.500  1.00 23.12 ? 138 ALA A N   1 
ATOM   926  C CA  . ALA A 1 136 ? 4.784   -9.726  -7.186  1.00 24.08 ? 138 ALA A CA  1 
ATOM   927  C C   . ALA A 1 136 ? 3.619   -10.705 -7.269  1.00 23.99 ? 138 ALA A C   1 
ATOM   928  O O   . ALA A 1 136 ? 2.781   -10.612 -8.163  1.00 26.15 ? 138 ALA A O   1 
ATOM   929  C CB  . ALA A 1 136 ? 4.323   -8.415  -6.533  1.00 24.29 ? 138 ALA A CB  1 
ATOM   930  N N   . ARG A 1 137 ? 3.582   -11.653 -6.341  1.00 24.19 ? 139 ARG A N   1 
ATOM   931  C CA  . ARG A 1 137 ? 2.502   -12.629 -6.291  1.00 25.28 ? 139 ARG A CA  1 
ATOM   932  C C   . ARG A 1 137 ? 1.713   -12.378 -5.014  1.00 23.51 ? 139 ARG A C   1 
ATOM   933  O O   . ARG A 1 137 ? 0.594   -12.855 -4.846  1.00 22.16 ? 139 ARG A O   1 
ATOM   934  C CB  . ARG A 1 137 ? 3.059   -14.057 -6.322  1.00 28.48 ? 139 ARG A CB  1 
ATOM   935  C CG  . ARG A 1 137 ? 4.197   -14.348 -5.352  1.00 36.24 ? 139 ARG A CG  1 
ATOM   936  C CD  . ARG A 1 137 ? 3.730   -14.529 -3.905  1.00 41.75 ? 139 ARG A CD  1 
ATOM   937  N NE  . ARG A 1 137 ? 4.820   -14.864 -2.982  1.00 41.29 ? 139 ARG A NE  1 
ATOM   938  C CZ  . ARG A 1 137 ? 5.542   -15.981 -3.042  1.00 46.02 ? 139 ARG A CZ  1 
ATOM   939  N NH1 . ARG A 1 137 ? 5.294   -16.885 -3.987  1.00 47.83 ? 139 ARG A NH1 1 
ATOM   940  N NH2 . ARG A 1 137 ? 6.513   -16.202 -2.159  1.00 46.16 ? 139 ARG A NH2 1 
ATOM   941  N N   . GLN A 1 138 ? 2.310   -11.594 -4.124  1.00 21.55 ? 140 GLN A N   1 
ATOM   942  C CA  . GLN A 1 138 ? 1.685   -11.250 -2.856  1.00 21.55 ? 140 GLN A CA  1 
ATOM   943  C C   . GLN A 1 138 ? 2.093   -9.857  -2.402  1.00 20.43 ? 140 GLN A C   1 
ATOM   944  O O   . GLN A 1 138 ? 3.129   -9.334  -2.811  1.00 20.05 ? 140 GLN A O   1 
ATOM   945  C CB  . GLN A 1 138 ? 2.107   -12.231 -1.754  1.00 20.25 ? 140 GLN A CB  1 
ATOM   946  C CG  . GLN A 1 138 ? 1.506   -13.619 -1.821  1.00 19.49 ? 140 GLN A CG  1 
ATOM   947  C CD  . GLN A 1 138 ? 2.002   -14.494 -0.685  1.00 20.87 ? 140 GLN A CD  1 
ATOM   948  O OE1 . GLN A 1 138 ? 3.186   -14.819 -0.610  1.00 23.52 ? 140 GLN A OE1 1 
ATOM   949  N NE2 . GLN A 1 138 ? 1.102   -14.864 0.215   1.00 20.99 ? 140 GLN A NE2 1 
ATOM   950  N N   . LEU A 1 139 ? 1.262   -9.270  -1.551  1.00 19.08 ? 141 LEU A N   1 
ATOM   951  C CA  . LEU A 1 139 ? 1.547   -7.977  -0.960  1.00 18.06 ? 141 LEU A CA  1 
ATOM   952  C C   . LEU A 1 139 ? 1.530   -8.211  0.545   1.00 18.29 ? 141 LEU A C   1 
ATOM   953  O O   . LEU A 1 139 ? 0.763   -9.034  1.047   1.00 15.14 ? 141 LEU A O   1 
ATOM   954  C CB  . LEU A 1 139 ? 0.480   -6.939  -1.323  1.00 16.66 ? 141 LEU A CB  1 
ATOM   955  C CG  . LEU A 1 139 ? 0.394   -6.506  -2.789  1.00 15.70 ? 141 LEU A CG  1 
ATOM   956  C CD1 . LEU A 1 139 ? -0.624  -5.391  -2.905  1.00 15.70 ? 141 LEU A CD1 1 
ATOM   957  C CD2 . LEU A 1 139 ? 1.768   -6.045  -3.289  1.00 14.66 ? 141 LEU A CD2 1 
ATOM   958  N N   . ILE A 1 140 ? 2.403   -7.510  1.259   1.00 18.32 ? 142 ILE A N   1 
ATOM   959  C CA  . ILE A 1 140 ? 2.451   -7.623  2.702   1.00 16.30 ? 142 ILE A CA  1 
ATOM   960  C C   . ILE A 1 140 ? 2.659   -6.220  3.235   1.00 16.91 ? 142 ILE A C   1 
ATOM   961  O O   . ILE A 1 140 ? 3.304   -5.394  2.590   1.00 17.41 ? 142 ILE A O   1 
ATOM   962  C CB  . ILE A 1 140 ? 3.608   -8.541  3.172   1.00 15.37 ? 142 ILE A CB  1 
ATOM   963  C CG1 . ILE A 1 140 ? 3.429   -8.869  4.656   1.00 15.10 ? 142 ILE A CG1 1 
ATOM   964  C CG2 . ILE A 1 140 ? 4.964   -7.861  2.942   1.00 11.55 ? 142 ILE A CG2 1 
ATOM   965  C CD1 . ILE A 1 140 ? 4.325   -9.990  5.146   1.00 14.18 ? 142 ILE A CD1 1 
ATOM   966  N N   . GLY A 1 141 ? 2.088   -5.940  4.398   1.00 17.84 ? 143 GLY A N   1 
ATOM   967  C CA  . GLY A 1 141 ? 2.252   -4.627  4.986   1.00 16.86 ? 143 GLY A CA  1 
ATOM   968  C C   . GLY A 1 141 ? 1.493   -4.484  6.286   1.00 18.54 ? 143 GLY A C   1 
ATOM   969  O O   . GLY A 1 141 ? 0.530   -5.221  6.537   1.00 17.07 ? 143 GLY A O   1 
ATOM   970  N N   . VAL A 1 142 ? 1.944   -3.554  7.125   1.00 17.36 ? 144 VAL A N   1 
ATOM   971  C CA  . VAL A 1 142 ? 1.280   -3.294  8.393   1.00 16.22 ? 144 VAL A CA  1 
ATOM   972  C C   . VAL A 1 142 ? -0.022  -2.630  7.997   1.00 17.42 ? 144 VAL A C   1 
ATOM   973  O O   . VAL A 1 142 ? -0.024  -1.639  7.269   1.00 16.13 ? 144 VAL A O   1 
ATOM   974  C CB  . VAL A 1 142 ? 2.092   -2.332  9.281   1.00 16.81 ? 144 VAL A CB  1 
ATOM   975  C CG1 . VAL A 1 142 ? 1.311   -2.008  10.547  1.00 12.99 ? 144 VAL A CG1 1 
ATOM   976  C CG2 . VAL A 1 142 ? 3.436   -2.960  9.626   1.00 17.52 ? 144 VAL A CG2 1 
ATOM   977  N N   . THR A 1 143 ? -1.128  -3.181  8.473   1.00 19.38 ? 145 THR A N   1 
ATOM   978  C CA  . THR A 1 143 ? -2.429  -2.660  8.118   1.00 20.86 ? 145 THR A CA  1 
ATOM   979  C C   . THR A 1 143 ? -3.310  -2.375  9.318   1.00 22.51 ? 145 THR A C   1 
ATOM   980  O O   . THR A 1 143 ? -3.322  -3.125  10.293  1.00 22.50 ? 145 THR A O   1 
ATOM   981  C CB  . THR A 1 143 ? -3.170  -3.659  7.214   1.00 22.63 ? 145 THR A CB  1 
ATOM   982  O OG1 . THR A 1 143 ? -2.323  -4.018  6.115   1.00 25.12 ? 145 THR A OG1 1 
ATOM   983  C CG2 . THR A 1 143 ? -4.469  -3.058  6.690   1.00 21.44 ? 145 THR A CG2 1 
ATOM   984  N N   . PHE A 1 144 ? -4.042  -1.272  9.247   1.00 24.22 ? 146 PHE A N   1 
ATOM   985  C CA  . PHE A 1 144 ? -4.960  -0.926  10.312  1.00 24.60 ? 146 PHE A CA  1 
ATOM   986  C C   . PHE A 1 144 ? -6.038  -1.992  10.200  1.00 24.47 ? 146 PHE A C   1 
ATOM   987  O O   . PHE A 1 144 ? -6.413  -2.376  9.088   1.00 23.83 ? 146 PHE A O   1 
ATOM   988  C CB  . PHE A 1 144 ? -5.548  0.467   10.067  1.00 25.12 ? 146 PHE A CB  1 
ATOM   989  C CG  . PHE A 1 144 ? -4.564  1.593   10.292  1.00 28.35 ? 146 PHE A CG  1 
ATOM   990  C CD1 . PHE A 1 144 ? -3.217  1.328   10.544  1.00 28.39 ? 146 PHE A CD1 1 
ATOM   991  C CD2 . PHE A 1 144 ? -4.991  2.917   10.273  1.00 29.02 ? 146 PHE A CD2 1 
ATOM   992  C CE1 . PHE A 1 144 ? -2.310  2.367   10.778  1.00 28.43 ? 146 PHE A CE1 1 
ATOM   993  C CE2 . PHE A 1 144 ? -4.090  3.962   10.504  1.00 30.35 ? 146 PHE A CE2 1 
ATOM   994  C CZ  . PHE A 1 144 ? -2.748  3.683   10.759  1.00 28.00 ? 146 PHE A CZ  1 
ATOM   995  N N   . CYS A 1 145 ? -6.514  -2.497  11.334  1.00 23.85 ? 147 CYS A N   1 
ATOM   996  C CA  . CYS A 1 145 ? -7.546  -3.517  11.303  1.00 24.31 ? 147 CYS A CA  1 
ATOM   997  C C   . CYS A 1 145 ? -8.818  -2.962  10.676  1.00 23.78 ? 147 CYS A C   1 
ATOM   998  O O   . CYS A 1 145 ? -9.638  -3.716  10.157  1.00 25.66 ? 147 CYS A O   1 
ATOM   999  C CB  . CYS A 1 145 ? -7.813  -4.059  12.715  1.00 25.79 ? 147 CYS A CB  1 
ATOM   1000 S SG  . CYS A 1 145 ? -6.554  -5.267  13.291  1.00 28.57 ? 147 CYS A SG  1 
ATOM   1001 N N   . SER A 1 146 ? -8.979  -1.642  10.711  1.00 22.00 ? 148 SER A N   1 
ATOM   1002 C CA  . SER A 1 146 ? -10.154 -1.024  10.106  1.00 20.81 ? 148 SER A CA  1 
ATOM   1003 C C   . SER A 1 146 ? -10.012 -1.126  8.590   1.00 19.26 ? 148 SER A C   1 
ATOM   1004 O O   . SER A 1 146 ? -11.001 -1.304  7.867   1.00 17.59 ? 148 SER A O   1 
ATOM   1005 C CB  . SER A 1 146 ? -10.276 0.445   10.529  1.00 21.43 ? 148 SER A CB  1 
ATOM   1006 O OG  . SER A 1 146 ? -9.111  1.175   10.185  1.00 24.03 ? 148 SER A OG  1 
ATOM   1007 N N   . MET A 1 147 ? -8.777  -1.023  8.105   1.00 18.25 ? 149 MET A N   1 
ATOM   1008 C CA  . MET A 1 147 ? -8.525  -1.125  6.671   1.00 16.66 ? 149 MET A CA  1 
ATOM   1009 C C   . MET A 1 147 ? -8.595  -2.604  6.275   1.00 17.17 ? 149 MET A C   1 
ATOM   1010 O O   . MET A 1 147 ? -9.024  -2.943  5.169   1.00 16.80 ? 149 MET A O   1 
ATOM   1011 C CB  . MET A 1 147 ? -7.151  -0.550  6.328   1.00 15.51 ? 149 MET A CB  1 
ATOM   1012 C CG  . MET A 1 147 ? -6.826  -0.534  4.834   1.00 19.97 ? 149 MET A CG  1 
ATOM   1013 S SD  . MET A 1 147 ? -8.008  0.438   3.843   1.00 20.44 ? 149 MET A SD  1 
ATOM   1014 C CE  . MET A 1 147 ? -7.680  2.056   4.498   1.00 19.95 ? 149 MET A CE  1 
ATOM   1015 N N   . GLU A 1 148 ? -8.167  -3.477  7.183   1.00 15.64 ? 150 GLU A N   1 
ATOM   1016 C CA  . GLU A 1 148 ? -8.205  -4.913  6.930   1.00 18.72 ? 150 GLU A CA  1 
ATOM   1017 C C   . GLU A 1 148 ? -9.650  -5.330  6.664   1.00 19.25 ? 150 GLU A C   1 
ATOM   1018 O O   . GLU A 1 148 ? -9.920  -6.129  5.771   1.00 20.27 ? 150 GLU A O   1 
ATOM   1019 C CB  . GLU A 1 148 ? -7.662  -5.700  8.131   1.00 15.06 ? 150 GLU A CB  1 
ATOM   1020 C CG  . GLU A 1 148 ? -7.802  -7.211  7.980   1.00 16.23 ? 150 GLU A CG  1 
ATOM   1021 C CD  . GLU A 1 148 ? -7.514  -7.962  9.266   1.00 15.47 ? 150 GLU A CD  1 
ATOM   1022 O OE1 . GLU A 1 148 ? -8.151  -7.653  10.294  1.00 19.86 ? 150 GLU A OE1 1 
ATOM   1023 O OE2 . GLU A 1 148 ? -6.655  -8.863  9.254   1.00 15.77 ? 150 GLU A OE2 1 
ATOM   1024 N N   . ARG A 1 149 ? -10.574 -4.787  7.449   1.00 20.90 ? 151 ARG A N   1 
ATOM   1025 C CA  . ARG A 1 149 ? -11.983 -5.101  7.276   1.00 22.71 ? 151 ARG A CA  1 
ATOM   1026 C C   . ARG A 1 149 ? -12.467 -4.626  5.905   1.00 23.16 ? 151 ARG A C   1 
ATOM   1027 O O   . ARG A 1 149 ? -13.203 -5.341  5.226   1.00 23.90 ? 151 ARG A O   1 
ATOM   1028 C CB  . ARG A 1 149 ? -12.819 -4.467  8.389   1.00 22.16 ? 151 ARG A CB  1 
ATOM   1029 C CG  . ARG A 1 149 ? -12.677 -5.171  9.740   1.00 28.65 ? 151 ARG A CG  1 
ATOM   1030 C CD  . ARG A 1 149 ? -13.692 -4.652  10.769  1.00 27.84 ? 151 ARG A CD  1 
ATOM   1031 N NE  . ARG A 1 149 ? -13.341 -3.344  11.325  1.00 30.17 ? 151 ARG A NE  1 
ATOM   1032 C CZ  . ARG A 1 149 ? -12.402 -3.142  12.250  1.00 32.41 ? 151 ARG A CZ  1 
ATOM   1033 N NH1 . ARG A 1 149 ? -11.700 -4.159  12.736  1.00 32.27 ? 151 ARG A NH1 1 
ATOM   1034 N NH2 . ARG A 1 149 ? -12.172 -1.917  12.708  1.00 33.64 ? 151 ARG A NH2 1 
ATOM   1035 N N   . MET A 1 150 ? -12.060 -3.425  5.499   1.00 23.10 ? 152 MET A N   1 
ATOM   1036 C CA  . MET A 1 150 ? -12.454 -2.904  4.196   1.00 23.83 ? 152 MET A CA  1 
ATOM   1037 C C   . MET A 1 150 ? -11.890 -3.768  3.079   1.00 22.82 ? 152 MET A C   1 
ATOM   1038 O O   . MET A 1 150 ? -12.556 -3.980  2.068   1.00 20.97 ? 152 MET A O   1 
ATOM   1039 C CB  . MET A 1 150 ? -11.994 -1.453  4.017   1.00 28.17 ? 152 MET A CB  1 
ATOM   1040 C CG  . MET A 1 150 ? -12.979 -0.441  4.582   1.00 32.51 ? 152 MET A CG  1 
ATOM   1041 S SD  . MET A 1 150 ? -12.475 1.253   4.281   1.00 41.94 ? 152 MET A SD  1 
ATOM   1042 C CE  . MET A 1 150 ? -11.274 1.477   5.595   1.00 40.04 ? 152 MET A CE  1 
ATOM   1043 N N   . PHE A 1 151 ? -10.666 -4.261  3.255   1.00 21.58 ? 153 PHE A N   1 
ATOM   1044 C CA  . PHE A 1 151 ? -10.062 -5.132  2.251   1.00 23.89 ? 153 PHE A CA  1 
ATOM   1045 C C   . PHE A 1 151 ? -10.943 -6.374  2.140   1.00 24.37 ? 153 PHE A C   1 
ATOM   1046 O O   . PHE A 1 151 ? -11.215 -6.871  1.049   1.00 23.88 ? 153 PHE A O   1 
ATOM   1047 C CB  . PHE A 1 151 ? -8.639  -5.556  2.664   1.00 24.30 ? 153 PHE A CB  1 
ATOM   1048 C CG  . PHE A 1 151 ? -7.592  -4.480  2.486   1.00 23.18 ? 153 PHE A CG  1 
ATOM   1049 C CD1 . PHE A 1 151 ? -7.917  -3.244  1.927   1.00 22.44 ? 153 PHE A CD1 1 
ATOM   1050 C CD2 . PHE A 1 151 ? -6.271  -4.719  2.862   1.00 23.57 ? 153 PHE A CD2 1 
ATOM   1051 C CE1 . PHE A 1 151 ? -6.939  -2.260  1.743   1.00 24.22 ? 153 PHE A CE1 1 
ATOM   1052 C CE2 . PHE A 1 151 ? -5.282  -3.746  2.686   1.00 23.23 ? 153 PHE A CE2 1 
ATOM   1053 C CZ  . PHE A 1 151 ? -5.617  -2.512  2.122   1.00 23.17 ? 153 PHE A CZ  1 
ATOM   1054 N N   . ARG A 1 152 ? -11.387 -6.865  3.292   1.00 24.26 ? 154 ARG A N   1 
ATOM   1055 C CA  . ARG A 1 152 ? -12.240 -8.041  3.352   1.00 25.28 ? 154 ARG A CA  1 
ATOM   1056 C C   . ARG A 1 152 ? -13.580 -7.774  2.661   1.00 26.01 ? 154 ARG A C   1 
ATOM   1057 O O   . ARG A 1 152 ? -14.037 -8.575  1.836   1.00 25.62 ? 154 ARG A O   1 
ATOM   1058 C CB  . ARG A 1 152 ? -12.447 -8.452  4.818   1.00 26.31 ? 154 ARG A CB  1 
ATOM   1059 C CG  . ARG A 1 152 ? -11.789 -9.787  5.165   1.00 29.29 ? 154 ARG A CG  1 
ATOM   1060 C CD  . ARG A 1 152 ? -10.855 -9.739  6.381   1.00 27.29 ? 154 ARG A CD  1 
ATOM   1061 N NE  . ARG A 1 152 ? -11.560 -9.524  7.639   1.00 26.65 ? 154 ARG A NE  1 
ATOM   1062 C CZ  . ARG A 1 152 ? -11.098 -9.901  8.832   1.00 27.07 ? 154 ARG A CZ  1 
ATOM   1063 N NH1 . ARG A 1 152 ? -9.928  -10.522 8.934   1.00 24.20 ? 154 ARG A NH1 1 
ATOM   1064 N NH2 . ARG A 1 152 ? -11.806 -9.650  9.927   1.00 22.82 ? 154 ARG A NH2 1 
ATOM   1065 N N   . ARG A 1 153 ? -14.196 -6.642  2.991   1.00 24.82 ? 155 ARG A N   1 
ATOM   1066 C CA  . ARG A 1 153 ? -15.471 -6.244  2.400   1.00 25.75 ? 155 ARG A CA  1 
ATOM   1067 C C   . ARG A 1 153 ? -15.367 -6.153  0.871   1.00 24.12 ? 155 ARG A C   1 
ATOM   1068 O O   . ARG A 1 153 ? -16.280 -6.570  0.154   1.00 23.45 ? 155 ARG A O   1 
ATOM   1069 C CB  . ARG A 1 153 ? -15.903 -4.891  2.976   1.00 29.48 ? 155 ARG A CB  1 
ATOM   1070 C CG  . ARG A 1 153 ? -16.860 -4.112  2.092   1.00 37.70 ? 155 ARG A CG  1 
ATOM   1071 C CD  . ARG A 1 153 ? -18.312 -4.439  2.376   1.00 43.66 ? 155 ARG A CD  1 
ATOM   1072 N NE  . ARG A 1 153 ? -18.815 -3.682  3.519   1.00 48.73 ? 155 ARG A NE  1 
ATOM   1073 C CZ  . ARG A 1 153 ? -20.075 -3.713  3.937   1.00 50.40 ? 155 ARG A CZ  1 
ATOM   1074 N NH1 . ARG A 1 153 ? -20.965 -4.470  3.302   1.00 51.67 ? 155 ARG A NH1 1 
ATOM   1075 N NH2 . ARG A 1 153 ? -20.450 -2.985  4.982   1.00 50.83 ? 155 ARG A NH2 1 
ATOM   1076 N N   . ILE A 1 154 ? -14.255 -5.613  0.377   1.00 21.99 ? 156 ILE A N   1 
ATOM   1077 C CA  . ILE A 1 154 ? -14.039 -5.477  -1.063  1.00 20.58 ? 156 ILE A CA  1 
ATOM   1078 C C   . ILE A 1 154 ? -13.927 -6.849  -1.742  1.00 19.90 ? 156 ILE A C   1 
ATOM   1079 O O   . ILE A 1 154 ? -14.231 -6.994  -2.929  1.00 18.47 ? 156 ILE A O   1 
ATOM   1080 C CB  . ILE A 1 154 ? -12.772 -4.627  -1.351  1.00 20.62 ? 156 ILE A CB  1 
ATOM   1081 C CG1 . ILE A 1 154 ? -12.992 -3.201  -0.836  1.00 22.29 ? 156 ILE A CG1 1 
ATOM   1082 C CG2 . ILE A 1 154 ? -12.476 -4.591  -2.848  1.00 20.45 ? 156 ILE A CG2 1 
ATOM   1083 C CD1 . ILE A 1 154 ? -11.792 -2.297  -0.969  1.00 23.36 ? 156 ILE A CD1 1 
ATOM   1084 N N   . GLY A 1 155 ? -13.487 -7.855  -0.992  1.00 18.51 ? 157 GLY A N   1 
ATOM   1085 C CA  . GLY A 1 155 ? -13.395 -9.185  -1.563  1.00 17.05 ? 157 GLY A CA  1 
ATOM   1086 C C   . GLY A 1 155 ? -12.031 -9.721  -1.949  1.00 16.27 ? 157 GLY A C   1 
ATOM   1087 O O   . GLY A 1 155 ? -11.953 -10.787 -2.554  1.00 16.77 ? 157 GLY A O   1 
ATOM   1088 N N   . VAL A 1 156 ? -10.953 -9.008  -1.636  1.00 15.26 ? 158 VAL A N   1 
ATOM   1089 C CA  . VAL A 1 156 ? -9.635  -9.528  -1.988  1.00 15.26 ? 158 VAL A CA  1 
ATOM   1090 C C   . VAL A 1 156 ? -9.268  -10.651 -1.018  1.00 15.57 ? 158 VAL A C   1 
ATOM   1091 O O   . VAL A 1 156 ? -9.804  -10.738 0.086   1.00 14.09 ? 158 VAL A O   1 
ATOM   1092 C CB  . VAL A 1 156 ? -8.525  -8.439  -1.930  1.00 15.29 ? 158 VAL A CB  1 
ATOM   1093 C CG1 . VAL A 1 156 ? -8.852  -7.309  -2.885  1.00 12.80 ? 158 VAL A CG1 1 
ATOM   1094 C CG2 . VAL A 1 156 ? -8.364  -7.919  -0.509  1.00 13.49 ? 158 VAL A CG2 1 
ATOM   1095 N N   . HIS A 1 157 ? -8.365  -11.519 -1.448  1.00 17.28 ? 159 HIS A N   1 
ATOM   1096 C CA  . HIS A 1 157 ? -7.913  -12.620 -0.615  1.00 16.70 ? 159 HIS A CA  1 
ATOM   1097 C C   . HIS A 1 157 ? -6.854  -12.104 0.363   1.00 16.72 ? 159 HIS A C   1 
ATOM   1098 O O   . HIS A 1 157 ? -5.657  -12.221 0.116   1.00 17.96 ? 159 HIS A O   1 
ATOM   1099 C CB  . HIS A 1 157 ? -7.323  -13.728 -1.495  1.00 15.53 ? 159 HIS A CB  1 
ATOM   1100 C CG  . HIS A 1 157 ? -6.880  -14.942 -0.736  1.00 13.80 ? 159 HIS A CG  1 
ATOM   1101 N ND1 . HIS A 1 157 ? -6.956  -15.035 0.637   1.00 15.65 ? 159 HIS A ND1 1 
ATOM   1102 C CD2 . HIS A 1 157 ? -6.351  -16.112 -1.163  1.00 12.65 ? 159 HIS A CD2 1 
ATOM   1103 C CE1 . HIS A 1 157 ? -6.493  -16.211 1.024   1.00 14.46 ? 159 HIS A CE1 1 
ATOM   1104 N NE2 . HIS A 1 157 ? -6.120  -16.883 -0.050  1.00 14.17 ? 159 HIS A NE2 1 
ATOM   1105 N N   . ALA A 1 158 ? -7.304  -11.505 1.457   1.00 18.10 ? 160 ALA A N   1 
ATOM   1106 C CA  . ALA A 1 158 ? -6.394  -11.006 2.483   1.00 18.98 ? 160 ALA A CA  1 
ATOM   1107 C C   . ALA A 1 158 ? -6.399  -11.997 3.647   1.00 18.38 ? 160 ALA A C   1 
ATOM   1108 O O   . ALA A 1 158 ? -7.435  -12.587 3.963   1.00 18.84 ? 160 ALA A O   1 
ATOM   1109 C CB  . ALA A 1 158 ? -6.845  -9.638  2.973   1.00 19.49 ? 160 ALA A CB  1 
ATOM   1110 N N   . HIS A 1 159 ? -5.236  -12.194 4.258   1.00 17.34 ? 161 HIS A N   1 
ATOM   1111 C CA  . HIS A 1 159 ? -5.103  -13.086 5.409   1.00 17.53 ? 161 HIS A CA  1 
ATOM   1112 C C   . HIS A 1 159 ? -3.943  -12.573 6.267   1.00 18.32 ? 161 HIS A C   1 
ATOM   1113 O O   . HIS A 1 159 ? -3.015  -11.949 5.760   1.00 16.46 ? 161 HIS A O   1 
ATOM   1114 C CB  . HIS A 1 159 ? -4.875  -14.543 4.970   1.00 17.12 ? 161 HIS A CB  1 
ATOM   1115 C CG  . HIS A 1 159 ? -3.668  -14.750 4.105   1.00 18.70 ? 161 HIS A CG  1 
ATOM   1116 N ND1 . HIS A 1 159 ? -3.631  -14.387 2.775   1.00 21.01 ? 161 HIS A ND1 1 
ATOM   1117 C CD2 . HIS A 1 159 ? -2.473  -15.328 4.368   1.00 17.46 ? 161 HIS A CD2 1 
ATOM   1118 C CE1 . HIS A 1 159 ? -2.467  -14.737 2.256   1.00 17.69 ? 161 HIS A CE1 1 
ATOM   1119 N NE2 . HIS A 1 159 ? -1.746  -15.311 3.202   1.00 17.08 ? 161 HIS A NE2 1 
ATOM   1120 N N   . ARG A 1 160 ? -4.002  -12.837 7.567   1.00 17.66 ? 162 ARG A N   1 
ATOM   1121 C CA  . ARG A 1 160 ? -2.990  -12.344 8.491   1.00 17.98 ? 162 ARG A CA  1 
ATOM   1122 C C   . ARG A 1 160 ? -1.624  -13.012 8.473   1.00 17.96 ? 162 ARG A C   1 
ATOM   1123 O O   . ARG A 1 160 ? -1.508  -14.227 8.308   1.00 19.17 ? 162 ARG A O   1 
ATOM   1124 C CB  . ARG A 1 160 ? -3.556  -12.373 9.911   1.00 18.31 ? 162 ARG A CB  1 
ATOM   1125 C CG  . ARG A 1 160 ? -4.773  -11.484 10.057  1.00 16.87 ? 162 ARG A CG  1 
ATOM   1126 C CD  . ARG A 1 160 ? -5.374  -11.527 11.442  1.00 13.26 ? 162 ARG A CD  1 
ATOM   1127 N NE  . ARG A 1 160 ? -6.364  -10.465 11.561  1.00 17.56 ? 162 ARG A NE  1 
ATOM   1128 C CZ  . ARG A 1 160 ? -7.085  -10.211 12.647  1.00 19.03 ? 162 ARG A CZ  1 
ATOM   1129 N NH1 . ARG A 1 160 ? -6.938  -10.952 13.746  1.00 18.36 ? 162 ARG A NH1 1 
ATOM   1130 N NH2 . ARG A 1 160 ? -7.959  -9.212  12.628  1.00 14.85 ? 162 ARG A NH2 1 
ATOM   1131 N N   . ALA A 1 161 ? -0.590  -12.195 8.651   1.00 17.60 ? 163 ALA A N   1 
ATOM   1132 C CA  . ALA A 1 161 ? 0.791   -12.682 8.689   1.00 18.86 ? 163 ALA A CA  1 
ATOM   1133 C C   . ALA A 1 161 ? 1.273   -12.671 10.136  1.00 18.22 ? 163 ALA A C   1 
ATOM   1134 O O   . ALA A 1 161 ? 2.427   -12.990 10.417  1.00 19.15 ? 163 ALA A O   1 
ATOM   1135 C CB  . ALA A 1 161 ? 1.692   -11.794 7.837   1.00 17.63 ? 163 ALA A CB  1 
ATOM   1136 N N   . GLY A 1 162 ? 0.378   -12.301 11.046  1.00 17.83 ? 164 GLY A N   1 
ATOM   1137 C CA  . GLY A 1 162 ? 0.725   -12.251 12.456  1.00 18.17 ? 164 GLY A CA  1 
ATOM   1138 C C   . GLY A 1 162 ? -0.458  -11.820 13.303  1.00 17.70 ? 164 GLY A C   1 
ATOM   1139 O O   . GLY A 1 162 ? -1.514  -11.483 12.774  1.00 16.99 ? 164 GLY A O   1 
ATOM   1140 N N   . ALA A 1 163 ? -0.285  -11.820 14.619  1.00 17.84 ? 165 ALA A N   1 
ATOM   1141 C CA  . ALA A 1 163 ? -1.361  -11.435 15.523  1.00 18.15 ? 165 ALA A CA  1 
ATOM   1142 C C   . ALA A 1 163 ? -1.535  -9.924  15.582  1.00 18.42 ? 165 ALA A C   1 
ATOM   1143 O O   . ALA A 1 163 ? -0.569  -9.174  15.461  1.00 19.19 ? 165 ALA A O   1 
ATOM   1144 C CB  . ALA A 1 163 ? -1.089  -11.981 16.923  1.00 18.38 ? 165 ALA A CB  1 
ATOM   1145 N N   . PRO A 1 164 ? -2.781  -9.458  15.755  1.00 19.66 ? 166 PRO A N   1 
ATOM   1146 C CA  . PRO A 1 164 ? -3.076  -8.025  15.834  1.00 19.53 ? 166 PRO A CA  1 
ATOM   1147 C C   . PRO A 1 164 ? -2.553  -7.441  17.146  1.00 21.07 ? 166 PRO A C   1 
ATOM   1148 O O   . PRO A 1 164 ? -2.423  -8.154  18.142  1.00 21.27 ? 166 PRO A O   1 
ATOM   1149 C CB  . PRO A 1 164 ? -4.599  -7.983  15.736  1.00 18.25 ? 166 PRO A CB  1 
ATOM   1150 C CG  . PRO A 1 164 ? -5.006  -9.285  16.380  1.00 19.18 ? 166 PRO A CG  1 
ATOM   1151 C CD  . PRO A 1 164 ? -4.020  -10.259 15.804  1.00 17.55 ? 166 PRO A CD  1 
ATOM   1152 N N   . VAL A 1 165 ? -2.254  -6.145  17.136  1.00 21.54 ? 167 VAL A N   1 
ATOM   1153 C CA  . VAL A 1 165 ? -1.735  -5.450  18.310  1.00 21.71 ? 167 VAL A CA  1 
ATOM   1154 C C   . VAL A 1 165 ? -2.121  -3.972  18.244  1.00 22.53 ? 167 VAL A C   1 
ATOM   1155 O O   . VAL A 1 165 ? -2.333  -3.429  17.151  1.00 22.27 ? 167 VAL A O   1 
ATOM   1156 C CB  . VAL A 1 165 ? -0.194  -5.573  18.371  1.00 22.21 ? 167 VAL A CB  1 
ATOM   1157 C CG1 . VAL A 1 165 ? 0.413   -4.987  17.117  1.00 22.82 ? 167 VAL A CG1 1 
ATOM   1158 C CG2 . VAL A 1 165 ? 0.351   -4.874  19.598  1.00 23.39 ? 167 VAL A CG2 1 
ATOM   1159 N N   . SER A 1 166 ? -2.235  -3.324  19.402  1.00 20.84 ? 168 SER A N   1 
ATOM   1160 C CA  . SER A 1 166 ? -2.585  -1.905  19.433  1.00 22.80 ? 168 SER A CA  1 
ATOM   1161 C C   . SER A 1 166 ? -1.332  -1.080  19.669  1.00 21.88 ? 168 SER A C   1 
ATOM   1162 O O   . SER A 1 166 ? -0.710  -1.177  20.724  1.00 21.64 ? 168 SER A O   1 
ATOM   1163 C CB  . SER A 1 166 ? -3.593  -1.611  20.543  1.00 23.54 ? 168 SER A CB  1 
ATOM   1164 O OG  . SER A 1 166 ? -4.781  -2.355  20.356  1.00 29.21 ? 168 SER A OG  1 
ATOM   1165 N N   . ILE A 1 167 ? -0.962  -0.275  18.680  1.00 21.01 ? 169 ILE A N   1 
ATOM   1166 C CA  . ILE A 1 167 ? 0.223   0.569   18.782  1.00 21.23 ? 169 ILE A CA  1 
ATOM   1167 C C   . ILE A 1 167 ? -0.222  1.997   19.087  1.00 21.22 ? 169 ILE A C   1 
ATOM   1168 O O   . ILE A 1 167 ? -0.901  2.624   18.281  1.00 18.99 ? 169 ILE A O   1 
ATOM   1169 C CB  . ILE A 1 167 ? 1.034   0.531   17.469  1.00 22.12 ? 169 ILE A CB  1 
ATOM   1170 C CG1 . ILE A 1 167 ? 1.442   -0.918  17.157  1.00 22.45 ? 169 ILE A CG1 1 
ATOM   1171 C CG2 . ILE A 1 167 ? 2.257   1.442   17.583  1.00 22.03 ? 169 ILE A CG2 1 
ATOM   1172 C CD1 . ILE A 1 167 ? 2.212   -1.102  15.829  1.00 23.19 ? 169 ILE A CD1 1 
ATOM   1173 N N   . ASP A 1 168 ? 0.152   2.496   20.264  1.00 22.23 ? 170 ASP A N   1 
ATOM   1174 C CA  . ASP A 1 168 ? -0.243  3.835   20.689  1.00 24.03 ? 170 ASP A CA  1 
ATOM   1175 C C   . ASP A 1 168 ? -1.740  4.060   20.448  1.00 24.81 ? 170 ASP A C   1 
ATOM   1176 O O   . ASP A 1 168 ? -2.145  5.098   19.917  1.00 24.33 ? 170 ASP A O   1 
ATOM   1177 C CB  . ASP A 1 168 ? 0.579   4.901   19.948  1.00 25.30 ? 170 ASP A CB  1 
ATOM   1178 C CG  . ASP A 1 168 ? 2.006   5.011   20.472  1.00 27.92 ? 170 ASP A CG  1 
ATOM   1179 O OD1 . ASP A 1 168 ? 2.846   5.612   19.771  1.00 27.96 ? 170 ASP A OD1 1 
ATOM   1180 O OD2 . ASP A 1 168 ? 2.290   4.508   21.584  1.00 29.53 ? 170 ASP A OD2 1 
ATOM   1181 N N   . GLY A 1 169 ? -2.552  3.071   20.819  1.00 25.78 ? 171 GLY A N   1 
ATOM   1182 C CA  . GLY A 1 169 ? -3.995  3.189   20.662  1.00 26.75 ? 171 GLY A CA  1 
ATOM   1183 C C   . GLY A 1 169 ? -4.626  2.666   19.377  1.00 27.81 ? 171 GLY A C   1 
ATOM   1184 O O   . GLY A 1 169 ? -5.836  2.436   19.338  1.00 26.79 ? 171 GLY A O   1 
ATOM   1185 N N   . ARG A 1 170 ? -3.826  2.471   18.331  1.00 28.61 ? 172 ARG A N   1 
ATOM   1186 C CA  . ARG A 1 170 ? -4.348  1.988   17.055  1.00 30.07 ? 172 ARG A CA  1 
ATOM   1187 C C   . ARG A 1 170 ? -4.047  0.522   16.752  1.00 28.84 ? 172 ARG A C   1 
ATOM   1188 O O   . ARG A 1 170 ? -2.900  0.133   16.545  1.00 27.06 ? 172 ARG A O   1 
ATOM   1189 C CB  . ARG A 1 170 ? -3.833  2.875   15.917  1.00 33.68 ? 172 ARG A CB  1 
ATOM   1190 C CG  . ARG A 1 170 ? -4.664  4.135   15.729  1.00 40.99 ? 172 ARG A CG  1 
ATOM   1191 C CD  . ARG A 1 170 ? -3.913  5.219   14.969  1.00 46.09 ? 172 ARG A CD  1 
ATOM   1192 N NE  . ARG A 1 170 ? -2.833  5.797   15.769  1.00 49.35 ? 172 ARG A NE  1 
ATOM   1193 C CZ  . ARG A 1 170 ? -3.007  6.402   16.943  1.00 50.91 ? 172 ARG A CZ  1 
ATOM   1194 N NH1 . ARG A 1 170 ? -4.225  6.513   17.462  1.00 50.20 ? 172 ARG A NH1 1 
ATOM   1195 N NH2 . ARG A 1 170 ? -1.963  6.905   17.595  1.00 50.39 ? 172 ARG A NH2 1 
ATOM   1196 N N   . MET A 1 171 ? -5.102  -0.282  16.722  1.00 29.19 ? 173 MET A N   1 
ATOM   1197 C CA  . MET A 1 171 ? -5.001  -1.707  16.446  1.00 30.30 ? 173 MET A CA  1 
ATOM   1198 C C   . MET A 1 171 ? -4.598  -1.974  14.997  1.00 28.35 ? 173 MET A C   1 
ATOM   1199 O O   . MET A 1 171 ? -5.295  -1.569  14.061  1.00 28.32 ? 173 MET A O   1 
ATOM   1200 C CB  . MET A 1 171 ? -6.341  -2.384  16.747  1.00 35.56 ? 173 MET A CB  1 
ATOM   1201 C CG  . MET A 1 171 ? -7.561  -1.605  16.264  1.00 42.44 ? 173 MET A CG  1 
ATOM   1202 S SD  . MET A 1 171 ? -7.970  -0.140  17.282  1.00 52.84 ? 173 MET A SD  1 
ATOM   1203 C CE  . MET A 1 171 ? -7.517  1.241   16.191  1.00 47.60 ? 173 MET A CE  1 
ATOM   1204 N N   . VAL A 1 172 ? -3.467  -2.650  14.819  1.00 23.47 ? 174 VAL A N   1 
ATOM   1205 C CA  . VAL A 1 172 ? -2.973  -2.965  13.486  1.00 21.57 ? 174 VAL A CA  1 
ATOM   1206 C C   . VAL A 1 172 ? -2.553  -4.426  13.408  1.00 18.36 ? 174 VAL A C   1 
ATOM   1207 O O   . VAL A 1 172 ? -2.525  -5.125  14.416  1.00 19.26 ? 174 VAL A O   1 
ATOM   1208 C CB  . VAL A 1 172 ? -1.754  -2.080  13.105  1.00 22.58 ? 174 VAL A CB  1 
ATOM   1209 C CG1 . VAL A 1 172 ? -2.090  -0.616  13.311  1.00 21.83 ? 174 VAL A CG1 1 
ATOM   1210 C CG2 . VAL A 1 172 ? -0.535  -2.470  13.934  1.00 23.93 ? 174 VAL A CG2 1 
ATOM   1211 N N   . VAL A 1 173 ? -2.232  -4.888  12.208  1.00 17.10 ? 175 VAL A N   1 
ATOM   1212 C CA  . VAL A 1 173 ? -1.805  -6.273  12.027  1.00 16.71 ? 175 VAL A CA  1 
ATOM   1213 C C   . VAL A 1 173 ? -1.003  -6.426  10.743  1.00 17.13 ? 175 VAL A C   1 
ATOM   1214 O O   . VAL A 1 173 ? -1.240  -5.714  9.758   1.00 16.85 ? 175 VAL A O   1 
ATOM   1215 C CB  . VAL A 1 173 ? -3.025  -7.241  11.983  1.00 16.92 ? 175 VAL A CB  1 
ATOM   1216 C CG1 . VAL A 1 173 ? -3.898  -6.948  10.772  1.00 17.41 ? 175 VAL A CG1 1 
ATOM   1217 C CG2 . VAL A 1 173 ? -2.547  -8.680  11.947  1.00 20.32 ? 175 VAL A CG2 1 
ATOM   1218 N N   . ALA A 1 174 ? -0.019  -7.318  10.766  1.00 16.78 ? 176 ALA A N   1 
ATOM   1219 C CA  . ALA A 1 174 ? 0.765   -7.568  9.570   1.00 16.85 ? 176 ALA A CA  1 
ATOM   1220 C C   . ALA A 1 174 ? -0.234  -8.314  8.696   1.00 18.35 ? 176 ALA A C   1 
ATOM   1221 O O   . ALA A 1 174 ? -0.815  -9.321  9.115   1.00 18.56 ? 176 ALA A O   1 
ATOM   1222 C CB  . ALA A 1 174 ? 1.969   -8.441  9.887   1.00 18.94 ? 176 ALA A CB  1 
ATOM   1223 N N   . CYS A 1 175 ? -0.451  -7.816  7.487   1.00 18.29 ? 177 CYS A N   1 
ATOM   1224 C CA  . CYS A 1 175 ? -1.422  -8.429  6.608   1.00 18.48 ? 177 CYS A CA  1 
ATOM   1225 C C   . CYS A 1 175 ? -0.895  -8.772  5.225   1.00 18.89 ? 177 CYS A C   1 
ATOM   1226 O O   . CYS A 1 175 ? -0.076  -8.057  4.646   1.00 19.45 ? 177 CYS A O   1 
ATOM   1227 C CB  . CYS A 1 175 ? -2.638  -7.505  6.499   1.00 19.43 ? 177 CYS A CB  1 
ATOM   1228 S SG  . CYS A 1 175 ? -3.939  -8.050  5.373   1.00 24.78 ? 177 CYS A SG  1 
ATOM   1229 N N   . TRP A 1 176 ? -1.368  -9.901  4.714   1.00 20.98 ? 178 TRP A N   1 
ATOM   1230 C CA  . TRP A 1 176 ? -0.999  -10.374 3.391   1.00 20.01 ? 178 TRP A CA  1 
ATOM   1231 C C   . TRP A 1 176 ? -2.189  -10.195 2.472   1.00 18.61 ? 178 TRP A C   1 
ATOM   1232 O O   . TRP A 1 176 ? -3.332  -10.149 2.921   1.00 19.28 ? 178 TRP A O   1 
ATOM   1233 C CB  . TRP A 1 176 ? -0.660  -11.865 3.412   1.00 20.36 ? 178 TRP A CB  1 
ATOM   1234 C CG  . TRP A 1 176 ? 0.791   -12.175 3.305   1.00 24.20 ? 178 TRP A CG  1 
ATOM   1235 C CD1 . TRP A 1 176 ? 1.672   -11.711 2.362   1.00 25.54 ? 178 TRP A CD1 1 
ATOM   1236 C CD2 . TRP A 1 176 ? 1.529   -13.059 4.141   1.00 23.76 ? 178 TRP A CD2 1 
ATOM   1237 N NE1 . TRP A 1 176 ? 2.914   -12.258 2.562   1.00 24.13 ? 178 TRP A NE1 1 
ATOM   1238 C CE2 . TRP A 1 176 ? 2.855   -13.091 3.650   1.00 26.55 ? 178 TRP A CE2 1 
ATOM   1239 C CE3 . TRP A 1 176 ? 1.200   -13.831 5.257   1.00 20.55 ? 178 TRP A CE3 1 
ATOM   1240 C CZ2 . TRP A 1 176 ? 3.851   -13.864 4.237   1.00 25.33 ? 178 TRP A CZ2 1 
ATOM   1241 C CZ3 . TRP A 1 176 ? 2.185   -14.599 5.840   1.00 29.16 ? 178 TRP A CZ3 1 
ATOM   1242 C CH2 . TRP A 1 176 ? 3.499   -14.611 5.329   1.00 29.48 ? 178 TRP A CH2 1 
ATOM   1243 N N   . ILE A 1 177 ? -1.896  -10.095 1.187   1.00 16.73 ? 179 ILE A N   1 
ATOM   1244 C CA  . ILE A 1 177 ? -2.902  -10.005 0.150   1.00 16.94 ? 179 ILE A CA  1 
ATOM   1245 C C   . ILE A 1 177 ? -2.340  -10.878 -0.964  1.00 17.82 ? 179 ILE A C   1 
ATOM   1246 O O   . ILE A 1 177 ? -1.267  -10.583 -1.502  1.00 15.20 ? 179 ILE A O   1 
ATOM   1247 C CB  . ILE A 1 177 ? -3.079  -8.579  -0.398  1.00 17.31 ? 179 ILE A CB  1 
ATOM   1248 C CG1 . ILE A 1 177 ? -3.788  -7.695  0.626   1.00 15.26 ? 179 ILE A CG1 1 
ATOM   1249 C CG2 . ILE A 1 177 ? -3.901  -8.624  -1.689  1.00 17.32 ? 179 ILE A CG2 1 
ATOM   1250 C CD1 . ILE A 1 177 ? -3.907  -6.248  0.175   1.00 17.56 ? 179 ILE A CD1 1 
ATOM   1251 N N   . ASP A 1 178 ? -3.029  -11.970 -1.284  1.00 17.53 ? 180 ASP A N   1 
ATOM   1252 C CA  . ASP A 1 178 ? -2.560  -12.836 -2.359  1.00 17.66 ? 180 ASP A CA  1 
ATOM   1253 C C   . ASP A 1 178 ? -3.054  -12.278 -3.680  1.00 17.65 ? 180 ASP A C   1 
ATOM   1254 O O   . ASP A 1 178 ? -4.215  -11.893 -3.810  1.00 15.72 ? 180 ASP A O   1 
ATOM   1255 C CB  . ASP A 1 178 ? -3.079  -14.267 -2.195  1.00 17.75 ? 180 ASP A CB  1 
ATOM   1256 C CG  . ASP A 1 178 ? -2.370  -15.026 -1.083  1.00 22.43 ? 180 ASP A CG  1 
ATOM   1257 O OD1 . ASP A 1 178 ? -1.478  -14.435 -0.428  1.00 21.94 ? 180 ASP A OD1 1 
ATOM   1258 O OD2 . ASP A 1 178 ? -2.705  -16.215 -0.866  1.00 21.47 ? 180 ASP A OD2 1 
ATOM   1259 N N   . ILE A 1 179 ? -2.168  -12.216 -4.662  1.00 17.69 ? 181 ILE A N   1 
ATOM   1260 C CA  . ILE A 1 179 ? -2.568  -11.726 -5.968  1.00 18.01 ? 181 ILE A CA  1 
ATOM   1261 C C   . ILE A 1 179 ? -2.981  -12.946 -6.791  1.00 17.99 ? 181 ILE A C   1 
ATOM   1262 O O   . ILE A 1 179 ? -2.263  -13.404 -7.678  1.00 16.28 ? 181 ILE A O   1 
ATOM   1263 C CB  . ILE A 1 179 ? -1.418  -10.958 -6.644  1.00 17.90 ? 181 ILE A CB  1 
ATOM   1264 C CG1 . ILE A 1 179 ? -1.001  -9.785  -5.746  1.00 17.32 ? 181 ILE A CG1 1 
ATOM   1265 C CG2 . ILE A 1 179 ? -1.862  -10.454 -8.014  1.00 17.85 ? 181 ILE A CG2 1 
ATOM   1266 C CD1 . ILE A 1 179 ? 0.243   -9.053  -6.216  1.00 20.34 ? 181 ILE A CD1 1 
ATOM   1267 N N   . ASP A 1 180 ? -4.156  -13.472 -6.462  1.00 18.41 ? 182 ASP A N   1 
ATOM   1268 C CA  . ASP A 1 180 ? -4.701  -14.642 -7.131  1.00 18.48 ? 182 ASP A CA  1 
ATOM   1269 C C   . ASP A 1 180 ? -5.988  -14.308 -7.885  1.00 18.90 ? 182 ASP A C   1 
ATOM   1270 O O   . ASP A 1 180 ? -6.341  -13.140 -8.054  1.00 19.24 ? 182 ASP A O   1 
ATOM   1271 C CB  . ASP A 1 180 ? -4.973  -15.749 -6.104  1.00 18.00 ? 182 ASP A CB  1 
ATOM   1272 C CG  . ASP A 1 180 ? -5.860  -15.280 -4.945  1.00 20.53 ? 182 ASP A CG  1 
ATOM   1273 O OD1 . ASP A 1 180 ? -6.487  -14.194 -5.042  1.00 17.20 ? 182 ASP A OD1 1 
ATOM   1274 O OD2 . ASP A 1 180 ? -5.935  -16.011 -3.935  1.00 19.70 ? 182 ASP A OD2 1 
ATOM   1275 N N   . ALA A 1 181 ? -6.694  -15.346 -8.323  1.00 18.67 ? 183 ALA A N   1 
ATOM   1276 C CA  . ALA A 1 181 ? -7.930  -15.166 -9.068  1.00 20.10 ? 183 ALA A CA  1 
ATOM   1277 C C   . ALA A 1 181 ? -8.961  -14.371 -8.278  1.00 20.99 ? 183 ALA A C   1 
ATOM   1278 O O   . ALA A 1 181 ? -9.634  -13.496 -8.826  1.00 23.26 ? 183 ALA A O   1 
ATOM   1279 C CB  . ALA A 1 181 ? -8.501  -16.520 -9.459  1.00 20.74 ? 183 ALA A CB  1 
ATOM   1280 N N   . GLN A 1 182 ? -9.086  -14.678 -6.991  1.00 19.33 ? 184 GLN A N   1 
ATOM   1281 C CA  . GLN A 1 182 ? -10.045 -13.988 -6.144  1.00 18.22 ? 184 GLN A CA  1 
ATOM   1282 C C   . GLN A 1 182 ? -9.778  -12.487 -6.084  1.00 17.88 ? 184 GLN A C   1 
ATOM   1283 O O   . GLN A 1 182 ? -10.664 -11.673 -6.361  1.00 18.52 ? 184 GLN A O   1 
ATOM   1284 C CB  . GLN A 1 182 ? -10.007 -14.550 -4.723  1.00 17.47 ? 184 GLN A CB  1 
ATOM   1285 C CG  . GLN A 1 182 ? -11.034 -13.893 -3.801  1.00 20.61 ? 184 GLN A CG  1 
ATOM   1286 C CD  . GLN A 1 182 ? -11.062 -14.501 -2.413  1.00 18.24 ? 184 GLN A CD  1 
ATOM   1287 O OE1 . GLN A 1 182 ? -10.906 -15.707 -2.253  1.00 21.68 ? 184 GLN A OE1 1 
ATOM   1288 N NE2 . GLN A 1 182 ? -11.283 -13.668 -1.406  1.00 18.66 ? 184 GLN A NE2 1 
ATOM   1289 N N   . THR A 1 183 ? -8.551  -12.134 -5.714  1.00 16.43 ? 185 THR A N   1 
ATOM   1290 C CA  . THR A 1 183 ? -8.141  -10.743 -5.584  1.00 13.42 ? 185 THR A CA  1 
ATOM   1291 C C   . THR A 1 183 ? -8.285  -9.962  -6.887  1.00 13.72 ? 185 THR A C   1 
ATOM   1292 O O   . THR A 1 183 ? -8.886  -8.888  -6.911  1.00 16.09 ? 185 THR A O   1 
ATOM   1293 C CB  . THR A 1 183 ? -6.684  -10.667 -5.083  1.00 13.24 ? 185 THR A CB  1 
ATOM   1294 O OG1 . THR A 1 183 ? -6.622  -11.157 -3.731  1.00 10.99 ? 185 THR A OG1 1 
ATOM   1295 C CG2 . THR A 1 183 ? -6.166  -9.230  -5.137  1.00 10.43 ? 185 THR A CG2 1 
ATOM   1296 N N   . LEU A 1 184 ? -7.736  -10.502 -7.965  1.00 13.89 ? 186 LEU A N   1 
ATOM   1297 C CA  . LEU A 1 184 ? -7.816  -9.851  -9.267  1.00 15.19 ? 186 LEU A CA  1 
ATOM   1298 C C   . LEU A 1 184 ? -9.259  -9.636  -9.723  1.00 15.24 ? 186 LEU A C   1 
ATOM   1299 O O   . LEU A 1 184 ? -9.576  -8.610  -10.325 1.00 13.73 ? 186 LEU A O   1 
ATOM   1300 C CB  . LEU A 1 184 ? -7.060  -10.676 -10.310 1.00 15.47 ? 186 LEU A CB  1 
ATOM   1301 C CG  . LEU A 1 184 ? -5.546  -10.725 -10.083 1.00 15.29 ? 186 LEU A CG  1 
ATOM   1302 C CD1 . LEU A 1 184 ? -4.918  -11.689 -11.068 1.00 14.89 ? 186 LEU A CD1 1 
ATOM   1303 C CD2 . LEU A 1 184 ? -4.949  -9.331  -10.238 1.00 15.06 ? 186 LEU A CD2 1 
ATOM   1304 N N   . ALA A 1 185 ? -10.133 -10.596 -9.427  1.00 15.59 ? 187 ALA A N   1 
ATOM   1305 C CA  . ALA A 1 185 ? -11.537 -10.488 -9.816  1.00 17.36 ? 187 ALA A CA  1 
ATOM   1306 C C   . ALA A 1 185 ? -12.243 -9.401  -9.015  1.00 19.15 ? 187 ALA A C   1 
ATOM   1307 O O   . ALA A 1 185 ? -13.015 -8.615  -9.568  1.00 21.23 ? 187 ALA A O   1 
ATOM   1308 C CB  . ALA A 1 185 ? -12.251 -11.827 -9.617  1.00 19.29 ? 187 ALA A CB  1 
ATOM   1309 N N   . ALA A 1 186 ? -11.976 -9.355  -7.715  1.00 18.45 ? 188 ALA A N   1 
ATOM   1310 C CA  . ALA A 1 186 ? -12.598 -8.363  -6.843  1.00 19.25 ? 188 ALA A CA  1 
ATOM   1311 C C   . ALA A 1 186 ? -12.170 -6.936  -7.181  1.00 20.19 ? 188 ALA A C   1 
ATOM   1312 O O   . ALA A 1 186 ? -12.874 -5.981  -6.866  1.00 20.14 ? 188 ALA A O   1 
ATOM   1313 C CB  . ALA A 1 186 ? -12.261 -8.669  -5.383  1.00 19.04 ? 188 ALA A CB  1 
ATOM   1314 N N   . LEU A 1 187 ? -11.008 -6.791  -7.807  1.00 20.94 ? 189 LEU A N   1 
ATOM   1315 C CA  . LEU A 1 187 ? -10.507 -5.465  -8.165  1.00 22.79 ? 189 LEU A CA  1 
ATOM   1316 C C   . LEU A 1 187 ? -10.718 -5.156  -9.645  1.00 24.11 ? 189 LEU A C   1 
ATOM   1317 O O   . LEU A 1 187 ? -10.269 -4.123  -10.137 1.00 24.10 ? 189 LEU A O   1 
ATOM   1318 C CB  . LEU A 1 187 ? -9.022  -5.348  -7.810  1.00 19.48 ? 189 LEU A CB  1 
ATOM   1319 C CG  . LEU A 1 187 ? -8.720  -5.539  -6.317  1.00 19.36 ? 189 LEU A CG  1 
ATOM   1320 C CD1 . LEU A 1 187 ? -7.224  -5.564  -6.085  1.00 15.65 ? 189 LEU A CD1 1 
ATOM   1321 C CD2 . LEU A 1 187 ? -9.379  -4.431  -5.518  1.00 14.96 ? 189 LEU A CD2 1 
ATOM   1322 N N   . ASP A 1 188 ? -11.415 -6.057  -10.339 1.00 25.45 ? 190 ASP A N   1 
ATOM   1323 C CA  . ASP A 1 188 ? -11.709 -5.896  -11.759 1.00 27.24 ? 190 ASP A CA  1 
ATOM   1324 C C   . ASP A 1 188 ? -10.434 -5.782  -12.579 1.00 26.85 ? 190 ASP A C   1 
ATOM   1325 O O   . ASP A 1 188 ? -10.352 -4.987  -13.510 1.00 25.48 ? 190 ASP A O   1 
ATOM   1326 C CB  . ASP A 1 188 ? -12.587 -4.661  -11.980 1.00 30.76 ? 190 ASP A CB  1 
ATOM   1327 C CG  . ASP A 1 188 ? -14.032 -4.889  -11.560 1.00 36.73 ? 190 ASP A CG  1 
ATOM   1328 O OD1 . ASP A 1 188 ? -14.776 -3.895  -11.396 1.00 39.89 ? 190 ASP A OD1 1 
ATOM   1329 O OD2 . ASP A 1 188 ? -14.435 -6.065  -11.404 1.00 39.70 ? 190 ASP A OD2 1 
ATOM   1330 N N   . LEU A 1 189 ? -9.439  -6.584  -12.223 1.00 28.13 ? 191 LEU A N   1 
ATOM   1331 C CA  . LEU A 1 189 ? -8.165  -6.570  -12.923 1.00 29.69 ? 191 LEU A CA  1 
ATOM   1332 C C   . LEU A 1 189 ? -8.068  -7.729  -13.898 1.00 31.25 ? 191 LEU A C   1 
ATOM   1333 O O   . LEU A 1 189 ? -8.864  -8.665  -13.852 1.00 32.85 ? 191 LEU A O   1 
ATOM   1334 C CB  . LEU A 1 189 ? -7.005  -6.633  -11.926 1.00 26.80 ? 191 LEU A CB  1 
ATOM   1335 C CG  . LEU A 1 189 ? -6.852  -5.404  -11.018 1.00 28.56 ? 191 LEU A CG  1 
ATOM   1336 C CD1 . LEU A 1 189 ? -5.671  -5.605  -10.069 1.00 26.24 ? 191 LEU A CD1 1 
ATOM   1337 C CD2 . LEU A 1 189 ? -6.647  -4.151  -11.873 1.00 25.04 ? 191 LEU A CD2 1 
ATOM   1338 N N   . ASP A 1 190 ? -7.083  -7.658  -14.781 1.00 32.80 ? 192 ASP A N   1 
ATOM   1339 C CA  . ASP A 1 190 ? -6.875  -8.695  -15.774 1.00 33.68 ? 192 ASP A CA  1 
ATOM   1340 C C   . ASP A 1 190 ? -6.551  -10.017 -15.096 1.00 33.31 ? 192 ASP A C   1 
ATOM   1341 O O   . ASP A 1 190 ? -5.570  -10.122 -14.359 1.00 33.85 ? 192 ASP A O   1 
ATOM   1342 C CB  . ASP A 1 190 ? -5.744  -8.279  -16.724 1.00 34.83 ? 192 ASP A CB  1 
ATOM   1343 C CG  . ASP A 1 190 ? -5.435  -9.336  -17.768 1.00 36.27 ? 192 ASP A CG  1 
ATOM   1344 O OD1 . ASP A 1 190 ? -6.386  -9.932  -18.317 1.00 36.62 ? 192 ASP A OD1 1 
ATOM   1345 O OD2 . ASP A 1 190 ? -4.238  -9.560  -18.044 1.00 37.67 ? 192 ASP A OD2 1 
ATOM   1346 N N   . PRO A 1 191 ? -7.382  -11.047 -15.336 1.00 34.07 ? 193 PRO A N   1 
ATOM   1347 C CA  . PRO A 1 191 ? -7.190  -12.378 -14.750 1.00 34.19 ? 193 PRO A CA  1 
ATOM   1348 C C   . PRO A 1 191 ? -5.875  -13.024 -15.165 1.00 34.65 ? 193 PRO A C   1 
ATOM   1349 O O   . PRO A 1 191 ? -5.418  -13.975 -14.534 1.00 35.09 ? 193 PRO A O   1 
ATOM   1350 C CB  . PRO A 1 191 ? -8.406  -13.155 -15.252 1.00 34.41 ? 193 PRO A CB  1 
ATOM   1351 C CG  . PRO A 1 191 ? -8.705  -12.496 -16.573 1.00 34.46 ? 193 PRO A CG  1 
ATOM   1352 C CD  . PRO A 1 191 ? -8.557  -11.037 -16.226 1.00 34.45 ? 193 PRO A CD  1 
ATOM   1353 N N   . ALA A 1 192 ? -5.269  -12.496 -16.223 1.00 35.06 ? 194 ALA A N   1 
ATOM   1354 C CA  . ALA A 1 192 ? -4.007  -13.020 -16.727 1.00 35.97 ? 194 ALA A CA  1 
ATOM   1355 C C   . ALA A 1 192 ? -2.827  -12.626 -15.839 1.00 36.60 ? 194 ALA A C   1 
ATOM   1356 O O   . ALA A 1 192 ? -1.725  -13.156 -15.988 1.00 36.38 ? 194 ALA A O   1 
ATOM   1357 C CB  . ALA A 1 192 ? -3.774  -12.532 -18.156 1.00 36.28 ? 194 ALA A CB  1 
ATOM   1358 N N   . LEU A 1 193 ? -3.051  -11.689 -14.923 1.00 37.44 ? 195 LEU A N   1 
ATOM   1359 C CA  . LEU A 1 193 ? -1.986  -11.263 -14.019 1.00 38.66 ? 195 LEU A CA  1 
ATOM   1360 C C   . LEU A 1 193 ? -1.682  -12.354 -12.987 1.00 40.72 ? 195 LEU A C   1 
ATOM   1361 O O   . LEU A 1 193 ? -0.786  -12.196 -12.157 1.00 40.96 ? 195 LEU A O   1 
ATOM   1362 C CB  . LEU A 1 193 ? -2.382  -9.957  -13.317 1.00 37.39 ? 195 LEU A CB  1 
ATOM   1363 C CG  . LEU A 1 193 ? -2.424  -8.686  -14.181 1.00 34.79 ? 195 LEU A CG  1 
ATOM   1364 C CD1 . LEU A 1 193 ? -3.098  -7.557  -13.424 1.00 31.67 ? 195 LEU A CD1 1 
ATOM   1365 C CD2 . LEU A 1 193 ? -1.009  -8.292  -14.575 1.00 33.47 ? 195 LEU A CD2 1 
ATOM   1366 N N   . CYS A 1 194 ? -2.442  -13.452 -13.057 1.00 43.39 ? 196 CYS A N   1 
ATOM   1367 C CA  . CYS A 1 194 ? -2.314  -14.629 -12.183 1.00 46.88 ? 196 CYS A CA  1 
ATOM   1368 C C   . CYS A 1 194 ? -3.229  -14.652 -10.969 1.00 47.94 ? 196 CYS A C   1 
ATOM   1369 O O   . CYS A 1 194 ? -3.070  -13.774 -10.098 1.00 50.10 ? 196 CYS A O   1 
ATOM   1370 C CB  . CYS A 1 194 ? -0.870  -14.824 -11.708 1.00 47.24 ? 196 CYS A CB  1 
ATOM   1371 S SG  . CYS A 1 194 ? 0.234   -15.504 -12.953 1.00 53.01 ? 196 CYS A SG  1 
HETATM 1372 O O   . HOH B 2 .   ? 2.410   3.148   6.588   1.00 6.53  ? 204 HOH A O   1 
HETATM 1373 O O   . HOH B 2 .   ? 12.374  -2.009  -0.359  1.00 19.91 ? 205 HOH A O   1 
HETATM 1374 O O   . HOH B 2 .   ? -10.105 -6.333  11.267  1.00 25.15 ? 206 HOH A O   1 
HETATM 1375 O O   . HOH B 2 .   ? -13.450 -11.883 -6.186  1.00 11.83 ? 207 HOH A O   1 
HETATM 1376 O O   . HOH B 2 .   ? 15.293  2.781   2.830   1.00 12.64 ? 208 HOH A O   1 
HETATM 1377 O O   . HOH B 2 .   ? 0.092   12.545  -10.368 1.00 15.19 ? 209 HOH A O   1 
HETATM 1378 O O   . HOH B 2 .   ? -7.790  2.069   -10.418 1.00 21.58 ? 210 HOH A O   1 
HETATM 1379 O O   . HOH B 2 .   ? 2.386   -0.501  -13.823 1.00 36.70 ? 211 HOH A O   1 
HETATM 1380 O O   . HOH B 2 .   ? -1.019  2.464   5.553   1.00 22.41 ? 212 HOH A O   1 
HETATM 1381 O O   . HOH B 2 .   ? 3.701   -1.942  5.838   1.00 18.65 ? 213 HOH A O   1 
HETATM 1382 O O   . HOH B 2 .   ? 0.942   -8.907  13.124  1.00 27.38 ? 214 HOH A O   1 
HETATM 1383 O O   . HOH B 2 .   ? 15.276  -6.697  2.261   1.00 23.45 ? 215 HOH A O   1 
HETATM 1384 O O   . HOH B 2 .   ? 11.172  9.988   -5.319  1.00 23.67 ? 216 HOH A O   1 
HETATM 1385 O O   . HOH B 2 .   ? -3.199  3.067   6.484   1.00 29.52 ? 217 HOH A O   1 
HETATM 1386 O O   . HOH B 2 .   ? -9.192  -13.526 -11.517 1.00 20.93 ? 218 HOH A O   1 
HETATM 1387 O O   . HOH B 2 .   ? -10.076 -1.709  -11.511 1.00 30.78 ? 219 HOH A O   1 
HETATM 1388 O O   . HOH B 2 .   ? 5.528   7.945   10.502  1.00 24.70 ? 220 HOH A O   1 
HETATM 1389 O O   . HOH B 2 .   ? 9.622   10.233  -2.733  1.00 27.46 ? 221 HOH A O   1 
HETATM 1390 O O   . HOH B 2 .   ? 18.719  -0.260  6.165   1.00 23.48 ? 222 HOH A O   1 
HETATM 1391 O O   . HOH B 2 .   ? -13.819 13.871  -7.656  1.00 40.67 ? 223 HOH A O   1 
HETATM 1392 O O   . HOH B 2 .   ? -13.920 12.184  -0.567  1.00 33.66 ? 224 HOH A O   1 
HETATM 1393 O O   . HOH B 2 .   ? -1.496  21.403  10.699  1.00 33.23 ? 225 HOH A O   1 
HETATM 1394 O O   . HOH B 2 .   ? 13.977  -9.465  6.273   1.00 26.30 ? 226 HOH A O   1 
HETATM 1395 O O   . HOH B 2 .   ? 4.831   6.986   21.033  1.00 34.61 ? 227 HOH A O   1 
HETATM 1396 O O   . HOH B 2 .   ? 5.954   -0.019  1.068   1.00 17.96 ? 228 HOH A O   1 
HETATM 1397 O O   . HOH B 2 .   ? 9.426   -15.317 13.767  1.00 26.63 ? 229 HOH A O   1 
HETATM 1398 O O   . HOH B 2 .   ? 12.453  10.153  -14.356 1.00 31.04 ? 230 HOH A O   1 
HETATM 1399 O O   . HOH B 2 .   ? 16.934  7.212   -3.262  1.00 30.87 ? 231 HOH A O   1 
HETATM 1400 O O   . HOH B 2 .   ? 5.714   10.182  -13.233 1.00 35.31 ? 232 HOH A O   1 
HETATM 1401 O O   . HOH B 2 .   ? 4.545   -13.841 8.799   1.00 40.85 ? 233 HOH A O   1 
HETATM 1402 O O   . HOH B 2 .   ? 9.327   -8.544  -8.195  1.00 30.93 ? 234 HOH A O   1 
HETATM 1403 O O   . HOH B 2 .   ? 11.977  17.362  -10.427 1.00 33.42 ? 235 HOH A O   1 
HETATM 1404 O O   . HOH B 2 .   ? -14.333 -11.875 -3.527  1.00 22.75 ? 236 HOH A O   1 
HETATM 1405 O O   . HOH B 2 .   ? -3.908  -17.720 -3.040  1.00 26.37 ? 237 HOH A O   1 
HETATM 1406 O O   . HOH B 2 .   ? -1.946  -16.321 6.980   1.00 40.89 ? 238 HOH A O   1 
HETATM 1407 O O   . HOH B 2 .   ? 7.898   5.639   8.939   1.00 30.61 ? 239 HOH A O   1 
HETATM 1408 O O   . HOH B 2 .   ? 8.251   8.248   -10.813 1.00 27.00 ? 240 HOH A O   1 
HETATM 1409 O O   . HOH B 2 .   ? -3.799  17.701  -4.358  1.00 44.67 ? 241 HOH A O   1 
HETATM 1410 O O   . HOH B 2 .   ? 10.468  -10.367 11.840  1.00 25.11 ? 242 HOH A O   1 
HETATM 1411 O O   . HOH B 2 .   ? 5.891   6.106   -14.132 1.00 27.62 ? 243 HOH A O   1 
HETATM 1412 O O   . HOH B 2 .   ? -7.553  -0.503  13.145  1.00 33.99 ? 244 HOH A O   1 
HETATM 1413 O O   . HOH B 2 .   ? 11.811  -14.939 1.993   1.00 27.49 ? 245 HOH A O   1 
HETATM 1414 O O   . HOH B 2 .   ? 10.214  4.802   -9.009  1.00 32.48 ? 246 HOH A O   1 
HETATM 1415 O O   . HOH B 2 .   ? 10.243  7.588   -6.810  1.00 20.06 ? 247 HOH A O   1 
HETATM 1416 O O   . HOH B 2 .   ? 19.055  -5.197  -1.439  1.00 35.70 ? 248 HOH A O   1 
HETATM 1417 O O   . HOH B 2 .   ? 10.638  -7.853  -4.112  1.00 30.26 ? 249 HOH A O   1 
HETATM 1418 O O   . HOH B 2 .   ? -1.156  1.154   22.450  1.00 28.91 ? 250 HOH A O   1 
HETATM 1419 O O   . HOH B 2 .   ? -6.021  -11.366 -20.475 1.00 45.63 ? 251 HOH A O   1 
HETATM 1420 O O   . HOH B 2 .   ? 3.275   20.730  -5.752  1.00 30.70 ? 252 HOH A O   1 
HETATM 1421 O O   . HOH B 2 .   ? 16.694  -4.186  5.680   1.00 21.32 ? 253 HOH A O   1 
HETATM 1422 O O   . HOH B 2 .   ? -2.342  -18.088 1.153   1.00 30.09 ? 254 HOH A O   1 
HETATM 1423 O O   . HOH B 2 .   ? 12.350  -0.615  -6.324  1.00 42.05 ? 255 HOH A O   1 
HETATM 1424 O O   . HOH B 2 .   ? 1.585   -16.660 2.712   1.00 40.70 ? 256 HOH A O   1 
HETATM 1425 O O   . HOH B 2 .   ? 13.326  -8.197  9.956   1.00 32.06 ? 257 HOH A O   1 
HETATM 1426 O O   . HOH B 2 .   ? -8.128  -17.304 -6.020  1.00 29.01 ? 258 HOH A O   1 
HETATM 1427 O O   . HOH B 2 .   ? 13.544  10.242  -4.091  1.00 26.98 ? 259 HOH A O   1 
HETATM 1428 O O   . HOH B 2 .   ? 5.075   -16.105 0.567   1.00 29.73 ? 260 HOH A O   1 
HETATM 1429 O O   . HOH B 2 .   ? 8.502   19.854  -10.761 1.00 35.39 ? 261 HOH A O   1 
HETATM 1430 O O   . HOH B 2 .   ? 10.804  1.687   -9.564  1.00 39.90 ? 262 HOH A O   1 
HETATM 1431 O O   . HOH B 2 .   ? -12.537 0.429   -9.028  1.00 34.75 ? 263 HOH A O   1 
HETATM 1432 O O   . HOH B 2 .   ? 1.573   -12.407 -10.099 1.00 28.26 ? 264 HOH A O   1 
HETATM 1433 O O   . HOH B 2 .   ? -8.742  2.817   12.203  1.00 30.74 ? 265 HOH A O   1 
HETATM 1434 O O   . HOH B 2 .   ? -0.118  -14.054 -8.988  1.00 46.60 ? 266 HOH A O   1 
HETATM 1435 O O   . HOH B 2 .   ? 21.446  -1.041  -4.224  1.00 35.61 ? 267 HOH A O   1 
HETATM 1436 O O   . HOH B 2 .   ? -13.642 -0.739  8.644   1.00 32.50 ? 268 HOH A O   1 
HETATM 1437 O O   . HOH B 2 .   ? 5.352   4.715   10.089  1.00 44.28 ? 269 HOH A O   1 
HETATM 1438 O O   . HOH B 2 .   ? 12.228  13.120  -3.226  1.00 38.15 ? 270 HOH A O   1 
HETATM 1439 O O   . HOH B 2 .   ? 16.570  6.025   2.388   1.00 35.44 ? 271 HOH A O   1 
HETATM 1440 O O   . HOH B 2 .   ? -6.424  -4.951  -15.582 1.00 37.00 ? 272 HOH A O   1 
HETATM 1441 O O   . HOH B 2 .   ? -6.904  -14.754 -12.664 1.00 26.31 ? 273 HOH A O   1 
HETATM 1442 O O   . HOH B 2 .   ? 10.507  11.759  -12.591 1.00 25.19 ? 274 HOH A O   1 
HETATM 1443 O O   . HOH B 2 .   ? -5.648  4.545   6.565   1.00 36.10 ? 275 HOH A O   1 
HETATM 1444 O O   . HOH B 2 .   ? -7.798  5.845   4.851   1.00 31.62 ? 276 HOH A O   1 
# 
